data_8CEI
#
_entry.id   8CEI
#
_cell.length_a   86.231
_cell.length_b   89.339
_cell.length_c   137.322
_cell.angle_alpha   90.00
_cell.angle_beta   104.64
_cell.angle_gamma   90.00
#
_symmetry.space_group_name_H-M   'P 1 21 1'
#
loop_
_entity.id
_entity.type
_entity.pdbx_description
1 polymer 'Succinate-semialdehyde dehydrogenase (acetylating)'
2 water water
#
_entity_poly.entity_id   1
_entity_poly.type   'polypeptide(L)'
_entity_poly.pdbx_seq_one_letter_code
;MSNEVSIKELIEKAKVAQKKLEAYSQEQVDVLVKALGKVVYDNAEMFAKEAVEETEMGVYEDKVAKCHLKSGAIWNHIKD
KKTVGIIKEEPERALVYVAKPKGVVAATTPITNPVVTPMCNAMAAIKGRNTIIVAPHPKAKKVSAHTVELMNAELKKLGA
PENIIQIVEAPSREAAKELMESADVVIATGGAGRVKAAYSSGRPAYGVGPGNSQVIVDKGYDYNKAAQDIITGRKYDNGI
ICSSEQSVIAPAEDYDKVIAAFVENGAFYVEDEETVEKFRSTLFKDGKINSKIIGKSVQIIADLAGVKVPEGTKVIVLKG
KGAGEKDVLCKEKMCPVLVALKYDTFEEAVEIAMANYMYEGAGHTAGIHSDNDENIRYAGTVLPISRLVVNQPATTAGGS
FNNGFNPTTTLGCGSWGRNSISENLTYEHLINVSRIGYFNKEAKVPSYEEIWG
;
_entity_poly.pdbx_strand_id   A,B,C,D
#
# COMPACT_ATOMS: atom_id res chain seq x y z
N ILE A 7 24.67 -43.16 -26.92
CA ILE A 7 23.50 -42.67 -26.18
C ILE A 7 22.25 -43.44 -26.62
N LYS A 8 22.09 -43.60 -27.93
CA LYS A 8 20.96 -44.39 -28.44
C LYS A 8 21.02 -45.82 -27.95
N GLU A 9 22.24 -46.37 -27.83
CA GLU A 9 22.39 -47.72 -27.31
C GLU A 9 22.00 -47.80 -25.84
N LEU A 10 22.40 -46.79 -25.05
CA LEU A 10 22.06 -46.80 -23.62
C LEU A 10 20.55 -46.71 -23.41
N ILE A 11 19.88 -45.87 -24.18
CA ILE A 11 18.43 -45.69 -24.02
C ILE A 11 17.71 -47.00 -24.33
N GLU A 12 18.08 -47.65 -25.43
CA GLU A 12 17.41 -48.90 -25.81
C GLU A 12 17.71 -50.01 -24.81
N LYS A 13 18.96 -50.12 -24.38
CA LYS A 13 19.29 -51.10 -23.34
C LYS A 13 18.51 -50.82 -22.06
N ALA A 14 18.18 -49.55 -21.80
CA ALA A 14 17.40 -49.22 -20.61
C ALA A 14 15.94 -49.56 -20.77
N LYS A 15 15.38 -49.36 -21.97
CA LYS A 15 13.98 -49.71 -22.19
C LYS A 15 13.77 -51.21 -22.17
N VAL A 16 14.72 -51.98 -22.69
CA VAL A 16 14.63 -53.43 -22.62
C VAL A 16 14.64 -53.89 -21.17
N ALA A 17 15.47 -53.26 -20.35
CA ALA A 17 15.52 -53.60 -18.92
C ALA A 17 14.27 -53.13 -18.20
N GLN A 18 13.72 -51.98 -18.59
CA GLN A 18 12.57 -51.43 -17.90
C GLN A 18 11.33 -52.30 -18.13
N LYS A 19 11.19 -52.87 -19.32
CA LYS A 19 10.04 -53.74 -19.60
C LYS A 19 10.14 -55.04 -18.81
N LYS A 20 11.35 -55.57 -18.65
CA LYS A 20 11.53 -56.74 -17.79
C LYS A 20 11.30 -56.38 -16.33
N LEU A 21 11.81 -55.23 -15.90
CA LEU A 21 11.61 -54.78 -14.52
C LEU A 21 10.15 -54.45 -14.22
N GLU A 22 9.36 -54.12 -15.24
CA GLU A 22 7.96 -53.78 -15.01
C GLU A 22 7.15 -55.00 -14.57
N ALA A 23 7.59 -56.20 -14.93
CA ALA A 23 6.93 -57.42 -14.50
C ALA A 23 7.21 -57.77 -13.05
N TYR A 24 8.13 -57.04 -12.39
CA TYR A 24 8.45 -57.31 -11.00
C TYR A 24 7.30 -56.91 -10.08
N SER A 25 7.13 -57.68 -9.01
CA SER A 25 6.15 -57.35 -7.99
C SER A 25 6.72 -56.30 -7.04
N GLN A 26 5.92 -55.92 -6.03
CA GLN A 26 6.39 -54.95 -5.05
C GLN A 26 7.53 -55.52 -4.23
N GLU A 27 7.47 -56.81 -3.91
CA GLU A 27 8.48 -57.43 -3.05
C GLU A 27 9.82 -57.57 -3.79
N GLN A 28 9.77 -57.97 -5.06
CA GLN A 28 11.01 -58.14 -5.82
C GLN A 28 11.70 -56.81 -6.06
N VAL A 29 10.92 -55.75 -6.29
CA VAL A 29 11.50 -54.42 -6.44
C VAL A 29 12.14 -53.96 -5.14
N ASP A 30 11.49 -54.24 -4.01
CA ASP A 30 12.00 -53.79 -2.72
C ASP A 30 13.31 -54.48 -2.36
N VAL A 31 13.51 -55.73 -2.81
CA VAL A 31 14.76 -56.42 -2.54
C VAL A 31 15.92 -55.72 -3.26
N LEU A 32 15.68 -55.25 -4.48
CA LEU A 32 16.72 -54.54 -5.21
C LEU A 32 17.03 -53.18 -4.58
N VAL A 33 15.97 -52.44 -4.21
CA VAL A 33 16.16 -51.10 -3.68
C VAL A 33 16.94 -51.13 -2.37
N LYS A 34 16.64 -52.11 -1.51
CA LYS A 34 17.34 -52.22 -0.24
C LYS A 34 18.83 -52.48 -0.45
N ALA A 35 19.16 -53.43 -1.33
CA ALA A 35 20.56 -53.77 -1.56
C ALA A 35 21.33 -52.61 -2.18
N LEU A 36 20.64 -51.73 -2.91
CA LEU A 36 21.30 -50.55 -3.47
C LEU A 36 21.80 -49.63 -2.38
N GLY A 37 20.97 -49.36 -1.38
CA GLY A 37 21.40 -48.51 -0.28
C GLY A 37 22.37 -49.20 0.65
N LYS A 38 22.21 -50.52 0.84
CA LYS A 38 23.07 -51.23 1.79
C LYS A 38 24.51 -51.31 1.31
N VAL A 39 24.73 -51.38 -0.01
CA VAL A 39 26.10 -51.46 -0.51
C VAL A 39 26.80 -50.12 -0.37
N VAL A 40 26.05 -49.02 -0.39
CA VAL A 40 26.64 -47.71 -0.11
C VAL A 40 26.95 -47.59 1.38
N TYR A 41 26.05 -48.11 2.23
CA TYR A 41 26.32 -48.12 3.66
C TYR A 41 27.54 -48.98 3.99
N ASP A 42 27.63 -50.16 3.38
CA ASP A 42 28.72 -51.09 3.69
C ASP A 42 30.07 -50.62 3.16
N ASN A 43 30.07 -49.77 2.12
CA ASN A 43 31.31 -49.27 1.53
C ASN A 43 31.48 -47.77 1.75
N ALA A 44 30.90 -47.25 2.83
CA ALA A 44 30.92 -45.81 3.08
C ALA A 44 32.36 -45.29 3.20
N GLU A 45 33.23 -46.06 3.85
CA GLU A 45 34.59 -45.59 4.09
C GLU A 45 35.38 -45.49 2.79
N MET A 46 35.19 -46.46 1.88
CA MET A 46 35.92 -46.43 0.62
C MET A 46 35.41 -45.33 -0.29
N PHE A 47 34.08 -45.21 -0.42
CA PHE A 47 33.51 -44.17 -1.27
C PHE A 47 33.91 -42.77 -0.80
N ALA A 48 33.96 -42.57 0.52
CA ALA A 48 34.30 -41.24 1.05
C ALA A 48 35.75 -40.89 0.75
N LYS A 49 36.66 -41.85 0.91
CA LYS A 49 38.07 -41.60 0.61
C LYS A 49 38.25 -41.27 -0.86
N GLU A 50 37.55 -41.97 -1.75
CA GLU A 50 37.69 -41.69 -3.18
C GLU A 50 37.07 -40.35 -3.54
N ALA A 51 35.95 -40.00 -2.92
CA ALA A 51 35.27 -38.75 -3.26
C ALA A 51 36.12 -37.54 -2.85
N VAL A 52 36.73 -37.59 -1.68
CA VAL A 52 37.55 -36.47 -1.22
C VAL A 52 38.77 -36.29 -2.13
N GLU A 53 39.38 -37.39 -2.55
CA GLU A 53 40.59 -37.29 -3.37
C GLU A 53 40.27 -36.82 -4.78
N GLU A 54 39.21 -37.34 -5.39
CA GLU A 54 38.90 -36.99 -6.77
C GLU A 54 38.30 -35.59 -6.88
N THR A 55 37.27 -35.30 -6.09
CA THR A 55 36.61 -34.00 -6.17
C THR A 55 37.42 -32.90 -5.50
N GLU A 56 38.40 -33.25 -4.68
CA GLU A 56 39.27 -32.27 -4.00
C GLU A 56 38.47 -31.29 -3.17
N MET A 57 37.44 -31.78 -2.48
CA MET A 57 36.63 -30.96 -1.61
C MET A 57 35.91 -31.85 -0.62
N GLY A 58 35.59 -31.28 0.54
CA GLY A 58 34.84 -31.99 1.56
C GLY A 58 35.73 -32.57 2.65
N VAL A 59 35.08 -33.31 3.54
CA VAL A 59 35.71 -33.95 4.69
C VAL A 59 35.43 -35.44 4.64
N TYR A 60 36.46 -36.25 4.85
CA TYR A 60 36.32 -37.70 4.80
C TYR A 60 35.30 -38.18 5.83
N GLU A 61 35.46 -37.75 7.09
CA GLU A 61 34.58 -38.24 8.15
C GLU A 61 33.13 -37.84 7.92
N ASP A 62 32.89 -36.67 7.33
CA ASP A 62 31.52 -36.24 7.07
C ASP A 62 30.90 -37.01 5.91
N LYS A 63 31.71 -37.39 4.92
CA LYS A 63 31.18 -38.17 3.81
C LYS A 63 30.85 -39.61 4.22
N VAL A 64 31.61 -40.16 5.17
CA VAL A 64 31.27 -41.47 5.73
C VAL A 64 29.92 -41.41 6.41
N ALA A 65 29.73 -40.40 7.27
CA ALA A 65 28.43 -40.22 7.92
C ALA A 65 27.33 -39.90 6.91
N LYS A 66 27.69 -39.28 5.78
CA LYS A 66 26.70 -39.00 4.75
C LYS A 66 26.20 -40.29 4.11
N CYS A 67 27.12 -41.21 3.81
CA CYS A 67 26.71 -42.48 3.21
C CYS A 67 25.91 -43.33 4.20
N HIS A 68 26.32 -43.34 5.46
CA HIS A 68 25.58 -44.09 6.47
C HIS A 68 24.19 -43.51 6.69
N LEU A 69 24.07 -42.18 6.68
CA LEU A 69 22.79 -41.54 6.94
C LEU A 69 21.86 -41.63 5.72
N LYS A 70 22.34 -41.21 4.55
CA LYS A 70 21.47 -41.13 3.39
C LYS A 70 20.96 -42.51 2.97
N SER A 71 21.81 -43.54 3.07
CA SER A 71 21.39 -44.88 2.67
C SER A 71 20.32 -45.42 3.60
N GLY A 72 20.54 -45.31 4.91
CA GLY A 72 19.56 -45.84 5.86
C GLY A 72 18.29 -45.02 5.92
N ALA A 73 18.40 -43.69 5.82
CA ALA A 73 17.23 -42.84 5.92
C ALA A 73 16.30 -43.01 4.73
N ILE A 74 16.86 -43.16 3.53
CA ILE A 74 16.02 -43.33 2.35
C ILE A 74 15.33 -44.69 2.37
N TRP A 75 16.07 -45.75 2.73
CA TRP A 75 15.47 -47.07 2.77
C TRP A 75 14.41 -47.18 3.85
N ASN A 76 14.71 -46.66 5.06
CA ASN A 76 13.74 -46.71 6.14
C ASN A 76 12.46 -45.95 5.82
N HIS A 77 12.51 -45.00 4.89
CA HIS A 77 11.34 -44.20 4.53
C HIS A 77 10.49 -44.83 3.45
N ILE A 78 11.08 -45.59 2.52
CA ILE A 78 10.36 -46.13 1.38
C ILE A 78 10.18 -47.63 1.45
N LYS A 79 10.62 -48.27 2.53
CA LYS A 79 10.59 -49.74 2.59
C LYS A 79 9.16 -50.27 2.58
N ASP A 80 8.19 -49.51 3.07
CA ASP A 80 6.81 -49.96 3.15
C ASP A 80 5.88 -49.18 2.23
N LYS A 81 6.41 -48.31 1.38
CA LYS A 81 5.58 -47.53 0.47
C LYS A 81 5.15 -48.39 -0.72
N LYS A 82 3.89 -48.26 -1.11
CA LYS A 82 3.33 -49.04 -2.20
C LYS A 82 3.51 -48.28 -3.51
N THR A 83 4.27 -48.87 -4.44
CA THR A 83 4.64 -48.20 -5.68
C THR A 83 4.39 -49.06 -6.92
N VAL A 84 3.70 -50.19 -6.79
CA VAL A 84 3.48 -51.11 -7.89
C VAL A 84 2.00 -51.46 -7.95
N GLY A 85 1.39 -51.25 -9.11
CA GLY A 85 0.01 -51.62 -9.30
C GLY A 85 -0.95 -50.77 -8.48
N ILE A 86 -2.05 -51.38 -8.06
CA ILE A 86 -3.05 -50.69 -7.26
C ILE A 86 -2.48 -50.44 -5.87
N ILE A 87 -2.40 -49.16 -5.50
CA ILE A 87 -1.72 -48.78 -4.27
C ILE A 87 -2.66 -48.14 -3.24
N LYS A 88 -3.86 -47.71 -3.63
CA LYS A 88 -4.69 -46.93 -2.73
C LYS A 88 -6.15 -47.03 -3.14
N GLU A 89 -7.02 -47.20 -2.14
CA GLU A 89 -8.46 -47.21 -2.34
C GLU A 89 -9.06 -45.95 -1.72
N GLU A 90 -10.01 -45.34 -2.42
CA GLU A 90 -10.72 -44.16 -1.93
C GLU A 90 -12.19 -44.28 -2.31
N PRO A 91 -12.97 -45.03 -1.55
CA PRO A 91 -14.39 -45.25 -1.92
C PRO A 91 -15.25 -44.01 -1.77
N GLU A 92 -14.87 -43.05 -0.91
CA GLU A 92 -15.67 -41.83 -0.78
C GLU A 92 -15.71 -41.05 -2.07
N ARG A 93 -14.69 -41.17 -2.92
CA ARG A 93 -14.68 -40.58 -4.25
C ARG A 93 -14.84 -41.61 -5.35
N ALA A 94 -15.07 -42.88 -4.99
CA ALA A 94 -15.16 -43.98 -5.96
C ALA A 94 -13.92 -44.03 -6.85
N LEU A 95 -12.74 -43.88 -6.22
CA LEU A 95 -11.48 -43.84 -6.94
C LEU A 95 -10.59 -44.98 -6.50
N VAL A 96 -9.81 -45.49 -7.47
CA VAL A 96 -8.77 -46.48 -7.21
C VAL A 96 -7.49 -45.99 -7.88
N TYR A 97 -6.40 -45.94 -7.11
CA TYR A 97 -5.14 -45.39 -7.57
C TYR A 97 -4.20 -46.50 -8.01
N VAL A 98 -3.54 -46.30 -9.14
CA VAL A 98 -2.65 -47.28 -9.75
C VAL A 98 -1.30 -46.63 -9.98
N ALA A 99 -0.24 -47.27 -9.50
CA ALA A 99 1.11 -46.76 -9.68
C ALA A 99 1.76 -47.42 -10.90
N LYS A 100 2.25 -46.59 -11.81
CA LYS A 100 2.88 -47.08 -13.03
C LYS A 100 4.23 -46.39 -13.23
N PRO A 101 5.22 -47.11 -13.76
CA PRO A 101 6.53 -46.49 -13.99
C PRO A 101 6.47 -45.41 -15.06
N LYS A 102 7.48 -44.54 -15.04
CA LYS A 102 7.60 -43.52 -16.07
C LYS A 102 8.46 -43.98 -17.23
N GLY A 103 9.38 -44.91 -17.01
CA GLY A 103 10.23 -45.41 -18.07
C GLY A 103 11.71 -45.32 -17.74
N VAL A 104 12.46 -44.60 -18.58
CA VAL A 104 13.90 -44.43 -18.39
C VAL A 104 14.15 -43.07 -17.78
N VAL A 105 14.97 -43.03 -16.73
CA VAL A 105 15.30 -41.80 -16.01
C VAL A 105 16.70 -41.38 -16.41
N ALA A 106 16.84 -40.13 -16.81
CA ALA A 106 18.15 -39.52 -17.06
C ALA A 106 18.51 -38.68 -15.85
N ALA A 107 19.57 -39.07 -15.14
CA ALA A 107 19.95 -38.43 -13.89
C ALA A 107 21.36 -37.87 -14.01
N THR A 108 21.48 -36.55 -13.94
CA THR A 108 22.77 -35.87 -13.88
C THR A 108 23.07 -35.57 -12.42
N THR A 109 24.23 -36.11 -11.93
CA THR A 109 24.61 -36.07 -10.52
C THR A 109 25.69 -35.02 -10.27
N PRO A 110 25.73 -34.43 -9.07
CA PRO A 110 26.66 -33.33 -8.81
C PRO A 110 28.03 -33.77 -8.34
N ILE A 111 28.94 -32.81 -8.19
CA ILE A 111 30.26 -33.10 -7.63
C ILE A 111 30.25 -33.12 -6.10
N THR A 112 29.30 -32.41 -5.48
CA THR A 112 29.28 -32.33 -4.02
C THR A 112 28.79 -33.61 -3.37
N ASN A 113 27.89 -34.35 -4.02
CA ASN A 113 27.36 -35.60 -3.50
C ASN A 113 27.48 -36.67 -4.59
N PRO A 114 28.71 -37.06 -4.93
CA PRO A 114 28.91 -37.97 -6.07
C PRO A 114 28.55 -39.42 -5.80
N VAL A 115 28.35 -39.81 -4.54
CA VAL A 115 28.06 -41.19 -4.17
C VAL A 115 26.59 -41.37 -3.81
N VAL A 116 26.08 -40.52 -2.92
CA VAL A 116 24.71 -40.72 -2.42
C VAL A 116 23.69 -40.34 -3.48
N THR A 117 24.00 -39.37 -4.35
CA THR A 117 23.02 -38.96 -5.36
C THR A 117 22.75 -40.06 -6.38
N PRO A 118 23.76 -40.72 -6.97
CA PRO A 118 23.42 -41.88 -7.82
C PRO A 118 22.67 -42.96 -7.07
N MET A 119 23.02 -43.19 -5.80
CA MET A 119 22.29 -44.16 -5.00
C MET A 119 20.85 -43.71 -4.78
N CYS A 120 20.65 -42.44 -4.42
CA CYS A 120 19.32 -41.94 -4.13
C CYS A 120 18.41 -42.00 -5.35
N ASN A 121 18.90 -41.52 -6.49
CA ASN A 121 18.09 -41.52 -7.70
C ASN A 121 17.81 -42.94 -8.20
N ALA A 122 18.79 -43.83 -8.08
CA ALA A 122 18.57 -45.21 -8.51
C ALA A 122 17.55 -45.92 -7.62
N MET A 123 17.65 -45.71 -6.30
CA MET A 123 16.69 -46.32 -5.39
C MET A 123 15.27 -45.82 -5.66
N ALA A 124 15.11 -44.51 -5.84
CA ALA A 124 13.79 -43.96 -6.10
C ALA A 124 13.26 -44.39 -7.47
N ALA A 125 14.14 -44.55 -8.46
CA ALA A 125 13.68 -44.94 -9.79
C ALA A 125 13.27 -46.40 -9.81
N ILE A 126 14.11 -47.28 -9.28
CA ILE A 126 13.81 -48.70 -9.30
C ILE A 126 12.66 -49.04 -8.35
N LYS A 127 12.48 -48.23 -7.29
CA LYS A 127 11.32 -48.41 -6.44
C LYS A 127 10.01 -48.36 -7.23
N GLY A 128 9.98 -47.58 -8.31
CA GLY A 128 8.80 -47.49 -9.13
C GLY A 128 8.92 -48.20 -10.47
N ARG A 129 9.79 -49.21 -10.52
CA ARG A 129 9.96 -50.05 -11.71
C ARG A 129 10.49 -49.27 -12.91
N ASN A 130 11.31 -48.24 -12.66
CA ASN A 130 11.97 -47.49 -13.71
C ASN A 130 13.44 -47.87 -13.80
N THR A 131 14.04 -47.57 -14.94
CA THR A 131 15.48 -47.67 -15.12
C THR A 131 16.08 -46.28 -15.11
N ILE A 132 17.41 -46.23 -14.99
CA ILE A 132 18.11 -44.96 -14.81
C ILE A 132 19.44 -45.01 -15.54
N ILE A 133 19.78 -43.89 -16.19
CA ILE A 133 21.09 -43.69 -16.81
C ILE A 133 21.74 -42.51 -16.11
N VAL A 134 22.91 -42.74 -15.52
CA VAL A 134 23.57 -41.74 -14.67
C VAL A 134 24.60 -40.99 -15.50
N ALA A 135 24.50 -39.67 -15.52
CA ALA A 135 25.49 -38.81 -16.15
C ALA A 135 26.27 -38.09 -15.06
N PRO A 136 27.44 -38.59 -14.67
CA PRO A 136 28.14 -38.02 -13.52
C PRO A 136 28.81 -36.69 -13.85
N HIS A 137 29.11 -35.95 -12.79
CA HIS A 137 29.90 -34.73 -12.94
C HIS A 137 31.30 -35.09 -13.42
N PRO A 138 31.86 -34.34 -14.37
CA PRO A 138 33.18 -34.70 -14.90
C PRO A 138 34.27 -34.84 -13.86
N LYS A 139 34.32 -33.93 -12.88
CA LYS A 139 35.34 -34.01 -11.83
C LYS A 139 35.01 -35.04 -10.76
N ALA A 140 33.93 -35.81 -10.92
CA ALA A 140 33.60 -36.87 -9.98
C ALA A 140 33.16 -38.14 -10.69
N LYS A 141 33.57 -38.32 -11.95
CA LYS A 141 33.06 -39.44 -12.75
C LYS A 141 33.61 -40.78 -12.27
N LYS A 142 34.80 -40.78 -11.68
CA LYS A 142 35.40 -42.04 -11.25
C LYS A 142 34.68 -42.63 -10.05
N VAL A 143 34.43 -41.81 -9.03
CA VAL A 143 33.80 -42.31 -7.81
C VAL A 143 32.31 -42.57 -8.05
N SER A 144 31.68 -41.80 -8.95
CA SER A 144 30.28 -42.06 -9.27
C SER A 144 30.14 -43.35 -10.08
N ALA A 145 31.11 -43.64 -10.95
CA ALA A 145 31.08 -44.90 -11.69
C ALA A 145 31.35 -46.08 -10.77
N HIS A 146 32.24 -45.90 -9.79
CA HIS A 146 32.49 -46.96 -8.83
C HIS A 146 31.25 -47.25 -8.00
N THR A 147 30.48 -46.22 -7.68
CA THR A 147 29.22 -46.42 -6.98
C THR A 147 28.25 -47.23 -7.83
N VAL A 148 28.11 -46.87 -9.11
CA VAL A 148 27.24 -47.60 -10.01
C VAL A 148 27.74 -49.02 -10.21
N GLU A 149 29.07 -49.20 -10.28
CA GLU A 149 29.64 -50.53 -10.44
C GLU A 149 29.24 -51.45 -9.30
N LEU A 150 29.47 -51.01 -8.06
CA LEU A 150 29.15 -51.86 -6.91
C LEU A 150 27.64 -52.06 -6.76
N MET A 151 26.83 -51.09 -7.18
CA MET A 151 25.39 -51.29 -7.17
C MET A 151 24.96 -52.34 -8.18
N ASN A 152 25.53 -52.29 -9.39
CA ASN A 152 25.19 -53.29 -10.39
C ASN A 152 25.71 -54.67 -10.00
N ALA A 153 26.82 -54.73 -9.25
CA ALA A 153 27.32 -56.01 -8.78
C ALA A 153 26.33 -56.67 -7.82
N GLU A 154 25.69 -55.86 -6.97
CA GLU A 154 24.66 -56.40 -6.07
C GLU A 154 23.39 -56.75 -6.83
N LEU A 155 23.04 -55.98 -7.85
CA LEU A 155 21.87 -56.31 -8.66
C LEU A 155 22.06 -57.61 -9.43
N LYS A 156 23.28 -57.90 -9.86
CA LYS A 156 23.54 -59.14 -10.59
C LYS A 156 23.39 -60.36 -9.69
N LYS A 157 23.83 -60.26 -8.44
CA LYS A 157 23.72 -61.37 -7.51
C LYS A 157 22.28 -61.66 -7.12
N LEU A 158 21.39 -60.68 -7.24
CA LEU A 158 19.97 -60.87 -6.93
C LEU A 158 19.16 -61.30 -8.15
N GLY A 159 19.79 -61.48 -9.30
CA GLY A 159 19.08 -61.89 -10.50
C GLY A 159 18.27 -60.80 -11.16
N ALA A 160 18.64 -59.54 -10.95
CA ALA A 160 17.91 -58.44 -11.57
C ALA A 160 18.16 -58.41 -13.07
N PRO A 161 17.21 -57.89 -13.85
CA PRO A 161 17.45 -57.74 -15.29
C PRO A 161 18.63 -56.83 -15.56
N GLU A 162 19.42 -57.19 -16.57
CA GLU A 162 20.66 -56.47 -16.84
C GLU A 162 20.37 -55.06 -17.33
N ASN A 163 21.28 -54.14 -16.99
CA ASN A 163 21.29 -52.77 -17.50
C ASN A 163 20.14 -51.93 -16.95
N ILE A 164 19.65 -52.22 -15.74
CA ILE A 164 18.68 -51.32 -15.13
C ILE A 164 19.34 -50.07 -14.58
N ILE A 165 20.66 -50.09 -14.40
CA ILE A 165 21.44 -48.90 -14.04
C ILE A 165 22.62 -48.82 -14.98
N GLN A 166 22.74 -47.71 -15.70
CA GLN A 166 23.85 -47.47 -16.61
C GLN A 166 24.44 -46.09 -16.34
N ILE A 167 25.67 -45.89 -16.79
CA ILE A 167 26.38 -44.64 -16.58
C ILE A 167 27.13 -44.27 -17.85
N VAL A 168 27.17 -42.98 -18.16
CA VAL A 168 27.87 -42.47 -19.33
C VAL A 168 29.33 -42.26 -18.96
N GLU A 169 30.22 -43.08 -19.55
CA GLU A 169 31.64 -42.94 -19.30
C GLU A 169 32.25 -41.74 -20.01
N ALA A 170 31.70 -41.35 -21.16
CA ALA A 170 32.15 -40.19 -21.92
C ALA A 170 31.01 -39.18 -21.97
N PRO A 171 30.83 -38.38 -20.91
CA PRO A 171 29.69 -37.44 -20.84
C PRO A 171 29.91 -36.16 -21.64
N SER A 172 29.77 -36.27 -22.95
CA SER A 172 29.87 -35.08 -23.79
C SER A 172 28.63 -34.20 -23.61
N ARG A 173 28.81 -32.91 -23.85
CA ARG A 173 27.72 -31.96 -23.64
C ARG A 173 26.54 -32.27 -24.55
N GLU A 174 26.82 -32.68 -25.79
CA GLU A 174 25.74 -33.08 -26.69
C GLU A 174 25.15 -34.42 -26.29
N ALA A 175 25.96 -35.31 -25.69
CA ALA A 175 25.44 -36.60 -25.25
C ALA A 175 24.48 -36.43 -24.07
N ALA A 176 24.78 -35.49 -23.17
CA ALA A 176 23.86 -35.23 -22.06
C ALA A 176 22.57 -34.61 -22.56
N LYS A 177 22.66 -33.71 -23.55
CA LYS A 177 21.45 -33.14 -24.14
C LYS A 177 20.62 -34.21 -24.82
N GLU A 178 21.27 -35.10 -25.58
CA GLU A 178 20.55 -36.19 -26.22
C GLU A 178 20.00 -37.17 -25.19
N LEU A 179 20.73 -37.38 -24.08
CA LEU A 179 20.25 -38.30 -23.05
C LEU A 179 18.99 -37.77 -22.38
N MET A 180 18.95 -36.46 -22.08
CA MET A 180 17.78 -35.90 -21.42
C MET A 180 16.59 -35.81 -22.38
N GLU A 181 16.83 -35.60 -23.67
CA GLU A 181 15.74 -35.54 -24.63
C GLU A 181 15.19 -36.93 -24.95
N SER A 182 16.03 -37.96 -24.88
CA SER A 182 15.61 -39.31 -25.25
C SER A 182 14.91 -40.02 -24.10
N ALA A 183 15.21 -39.65 -22.86
CA ALA A 183 14.63 -40.31 -21.71
C ALA A 183 13.18 -39.89 -21.51
N ASP A 184 12.50 -40.59 -20.60
CA ASP A 184 11.10 -40.29 -20.31
C ASP A 184 10.94 -39.26 -19.20
N VAL A 185 11.92 -39.13 -18.32
CA VAL A 185 11.90 -38.15 -17.24
C VAL A 185 13.34 -37.85 -16.85
N VAL A 186 13.60 -36.61 -16.48
CA VAL A 186 14.95 -36.12 -16.24
C VAL A 186 15.07 -35.67 -14.79
N ILE A 187 16.19 -36.02 -14.15
CA ILE A 187 16.57 -35.50 -12.85
C ILE A 187 17.88 -34.74 -13.04
N ALA A 188 17.93 -33.51 -12.55
CA ALA A 188 19.11 -32.66 -12.67
C ALA A 188 19.50 -32.15 -11.28
N THR A 189 20.54 -32.75 -10.71
CA THR A 189 21.09 -32.34 -9.41
C THR A 189 22.46 -31.73 -9.67
N GLY A 190 22.53 -30.40 -9.64
CA GLY A 190 23.77 -29.71 -9.92
C GLY A 190 23.55 -28.24 -10.12
N GLY A 191 24.42 -27.63 -10.93
CA GLY A 191 24.36 -26.21 -11.17
C GLY A 191 23.11 -25.80 -11.94
N ALA A 192 22.87 -24.48 -11.96
CA ALA A 192 21.69 -23.96 -12.64
C ALA A 192 21.74 -24.20 -14.13
N GLY A 193 22.94 -24.27 -14.71
CA GLY A 193 23.04 -24.58 -16.13
C GLY A 193 22.57 -25.99 -16.45
N ARG A 194 22.89 -26.95 -15.58
CA ARG A 194 22.42 -28.31 -15.78
C ARG A 194 20.91 -28.43 -15.57
N VAL A 195 20.35 -27.62 -14.67
CA VAL A 195 18.91 -27.66 -14.43
C VAL A 195 18.15 -27.02 -15.59
N LYS A 196 18.66 -25.90 -16.10
CA LYS A 196 18.00 -25.24 -17.22
C LYS A 196 18.00 -26.12 -18.46
N ALA A 197 19.07 -26.88 -18.67
CA ALA A 197 19.11 -27.83 -19.78
C ALA A 197 18.09 -28.95 -19.59
N ALA A 198 17.84 -29.35 -18.35
CA ALA A 198 16.85 -30.38 -18.08
C ALA A 198 15.44 -29.91 -18.42
N TYR A 199 15.11 -28.67 -18.10
CA TYR A 199 13.81 -28.10 -18.41
C TYR A 199 13.73 -27.54 -19.83
N SER A 200 14.74 -27.80 -20.66
CA SER A 200 14.72 -27.42 -22.06
C SER A 200 14.76 -28.61 -23.00
N SER A 201 14.63 -29.83 -22.47
CA SER A 201 14.79 -31.05 -23.24
C SER A 201 13.51 -31.57 -23.86
N GLY A 202 12.38 -30.89 -23.64
CA GLY A 202 11.11 -31.37 -24.13
C GLY A 202 10.53 -32.54 -23.38
N ARG A 203 11.06 -32.85 -22.20
CA ARG A 203 10.61 -33.96 -21.37
C ARG A 203 10.35 -33.45 -19.96
N PRO A 204 9.48 -34.13 -19.20
CA PRO A 204 9.28 -33.74 -17.80
C PRO A 204 10.57 -33.89 -17.01
N ALA A 205 10.93 -32.85 -16.27
CA ALA A 205 12.20 -32.80 -15.58
C ALA A 205 12.00 -32.45 -14.11
N TYR A 206 12.99 -32.85 -13.31
CA TYR A 206 13.06 -32.49 -11.89
C TYR A 206 14.45 -31.96 -11.61
N GLY A 207 14.53 -30.75 -11.07
CA GLY A 207 15.83 -30.14 -10.82
C GLY A 207 15.99 -29.58 -9.43
N VAL A 208 17.05 -28.80 -9.23
CA VAL A 208 17.31 -28.11 -7.98
C VAL A 208 17.59 -26.65 -8.29
N GLY A 209 17.59 -25.83 -7.23
CA GLY A 209 17.93 -24.44 -7.35
C GLY A 209 19.15 -24.11 -6.52
N PRO A 210 19.73 -22.94 -6.73
CA PRO A 210 20.88 -22.54 -5.93
C PRO A 210 20.49 -22.37 -4.47
N GLY A 211 21.34 -22.87 -3.58
CA GLY A 211 21.08 -22.75 -2.16
C GLY A 211 21.65 -21.46 -1.58
N ASN A 212 21.06 -21.04 -0.47
CA ASN A 212 21.54 -19.89 0.29
C ASN A 212 20.77 -19.79 1.61
N SER A 213 20.91 -20.80 2.47
CA SER A 213 20.10 -20.92 3.66
C SER A 213 20.29 -19.75 4.62
N GLN A 214 19.26 -18.90 4.74
CA GLN A 214 19.27 -17.83 5.71
C GLN A 214 18.79 -18.36 7.06
N VAL A 215 19.43 -17.91 8.13
CA VAL A 215 19.16 -18.40 9.48
C VAL A 215 18.82 -17.21 10.36
N ILE A 216 17.69 -17.30 11.05
CA ILE A 216 17.25 -16.27 12.00
C ILE A 216 17.32 -16.86 13.40
N VAL A 217 18.04 -16.18 14.28
CA VAL A 217 18.09 -16.52 15.70
C VAL A 217 17.13 -15.59 16.41
N ASP A 218 16.05 -16.14 16.95
CA ASP A 218 15.03 -15.31 17.58
C ASP A 218 15.45 -14.91 18.99
N LYS A 219 14.81 -13.86 19.48
CA LYS A 219 15.13 -13.33 20.81
C LYS A 219 14.67 -14.29 21.90
N GLY A 220 15.55 -14.58 22.85
CA GLY A 220 15.21 -15.42 23.98
C GLY A 220 15.50 -16.89 23.79
N TYR A 221 15.83 -17.33 22.58
CA TYR A 221 16.14 -18.73 22.35
C TYR A 221 17.47 -19.10 22.99
N ASP A 222 17.66 -20.39 23.24
CA ASP A 222 18.94 -20.90 23.72
C ASP A 222 20.02 -20.63 22.70
N TYR A 223 20.77 -19.54 22.88
CA TYR A 223 21.79 -19.16 21.90
C TYR A 223 22.90 -20.20 21.83
N ASN A 224 23.17 -20.90 22.92
CA ASN A 224 24.19 -21.95 22.90
C ASN A 224 23.77 -23.11 22.00
N LYS A 225 22.51 -23.54 22.11
CA LYS A 225 22.03 -24.62 21.26
C LYS A 225 21.91 -24.17 19.81
N ALA A 226 21.46 -22.93 19.60
CA ALA A 226 21.38 -22.40 18.23
C ALA A 226 22.76 -22.33 17.59
N ALA A 227 23.78 -21.95 18.36
CA ALA A 227 25.12 -21.86 17.81
C ALA A 227 25.67 -23.24 17.46
N GLN A 228 25.40 -24.24 18.30
CA GLN A 228 25.86 -25.59 18.02
C GLN A 228 25.23 -26.15 16.75
N ASP A 229 23.93 -25.93 16.57
CA ASP A 229 23.25 -26.44 15.38
C ASP A 229 23.72 -25.74 14.12
N ILE A 230 23.87 -24.42 14.16
CA ILE A 230 24.29 -23.67 12.97
C ILE A 230 25.71 -24.03 12.58
N ILE A 231 26.60 -24.18 13.58
CA ILE A 231 27.99 -24.53 13.29
C ILE A 231 28.09 -25.94 12.72
N THR A 232 27.31 -26.87 13.26
CA THR A 232 27.30 -28.24 12.75
C THR A 232 26.88 -28.27 11.29
N GLY A 233 25.88 -27.49 10.91
CA GLY A 233 25.41 -27.45 9.55
C GLY A 233 26.34 -26.70 8.60
N ARG A 234 26.92 -25.60 9.08
CA ARG A 234 27.78 -24.79 8.22
C ARG A 234 29.08 -25.52 7.90
N LYS A 235 29.66 -26.24 8.87
CA LYS A 235 30.95 -26.88 8.69
C LYS A 235 30.85 -28.26 8.07
N TYR A 236 29.65 -28.83 7.97
CA TYR A 236 29.50 -30.20 7.48
C TYR A 236 30.00 -30.32 6.05
N ASP A 237 30.91 -31.27 5.83
CA ASP A 237 31.51 -31.51 4.52
C ASP A 237 32.11 -30.23 3.94
N ASN A 238 32.67 -29.41 4.84
CA ASN A 238 33.23 -28.10 4.49
C ASN A 238 32.21 -27.20 3.81
N GLY A 239 30.93 -27.39 4.14
CA GLY A 239 29.90 -26.46 3.72
C GLY A 239 29.48 -26.53 2.27
N ILE A 240 29.64 -27.70 1.62
CA ILE A 240 29.25 -27.83 0.22
C ILE A 240 27.81 -28.31 0.06
N ILE A 241 27.11 -28.60 1.15
CA ILE A 241 25.71 -28.99 1.06
C ILE A 241 24.88 -27.76 0.72
N CYS A 242 23.92 -27.93 -0.19
CA CYS A 242 23.15 -26.79 -0.68
C CYS A 242 22.22 -26.21 0.36
N SER A 243 21.93 -26.95 1.44
CA SER A 243 21.09 -26.46 2.52
C SER A 243 21.90 -25.92 3.69
N SER A 244 23.21 -25.83 3.55
CA SER A 244 24.08 -25.43 4.65
C SER A 244 23.84 -23.98 5.06
N GLU A 245 23.99 -23.72 6.35
CA GLU A 245 23.80 -22.38 6.89
C GLU A 245 24.73 -21.38 6.22
N GLN A 246 24.19 -20.24 5.81
CA GLN A 246 24.97 -19.20 5.14
C GLN A 246 25.09 -17.91 5.92
N SER A 247 24.15 -17.61 6.82
CA SER A 247 24.14 -16.35 7.54
C SER A 247 23.67 -16.58 8.97
N VAL A 248 23.93 -15.58 9.82
CA VAL A 248 23.45 -15.55 11.20
C VAL A 248 22.75 -14.20 11.37
N ILE A 249 21.42 -14.21 11.32
CA ILE A 249 20.62 -13.00 11.51
C ILE A 249 20.22 -12.97 12.98
N ALA A 250 21.02 -12.25 13.80
CA ALA A 250 20.89 -12.23 15.24
C ALA A 250 20.32 -10.90 15.73
N PRO A 251 19.59 -10.90 16.86
CA PRO A 251 19.02 -9.65 17.36
C PRO A 251 20.10 -8.73 17.90
N ALA A 252 19.94 -7.43 17.62
CA ALA A 252 20.97 -6.46 18.00
C ALA A 252 21.10 -6.35 19.51
N GLU A 253 19.99 -6.46 20.25
CA GLU A 253 20.04 -6.32 21.70
C GLU A 253 20.78 -7.46 22.38
N ASP A 254 20.87 -8.63 21.74
CA ASP A 254 21.60 -9.77 22.26
C ASP A 254 22.73 -10.20 21.32
N TYR A 255 23.22 -9.27 20.51
CA TYR A 255 24.19 -9.62 19.47
C TYR A 255 25.47 -10.19 20.08
N ASP A 256 26.03 -9.49 21.07
CA ASP A 256 27.25 -9.98 21.70
C ASP A 256 27.04 -11.31 22.40
N LYS A 257 25.85 -11.54 22.96
CA LYS A 257 25.57 -12.83 23.59
C LYS A 257 25.54 -13.95 22.55
N VAL A 258 24.95 -13.69 21.39
CA VAL A 258 24.88 -14.71 20.33
C VAL A 258 26.28 -15.00 19.80
N ILE A 259 27.08 -13.96 19.58
CA ILE A 259 28.44 -14.15 19.09
C ILE A 259 29.27 -14.92 20.12
N ALA A 260 29.08 -14.62 21.40
CA ALA A 260 29.80 -15.33 22.45
C ALA A 260 29.46 -16.82 22.46
N ALA A 261 28.21 -17.17 22.11
CA ALA A 261 27.83 -18.57 22.05
C ALA A 261 28.47 -19.26 20.85
N PHE A 262 28.63 -18.54 19.73
CA PHE A 262 29.33 -19.10 18.59
C PHE A 262 30.80 -19.33 18.89
N VAL A 263 31.45 -18.35 19.52
CA VAL A 263 32.86 -18.50 19.89
C VAL A 263 33.03 -19.64 20.88
N GLU A 264 32.12 -19.74 21.85
CA GLU A 264 32.16 -20.83 22.82
C GLU A 264 32.14 -22.20 22.15
N ASN A 265 31.51 -22.31 20.99
CA ASN A 265 31.38 -23.58 20.29
C ASN A 265 32.27 -23.68 19.05
N GLY A 266 33.38 -22.94 19.05
CA GLY A 266 34.41 -23.13 18.05
C GLY A 266 34.42 -22.18 16.89
N ALA A 267 33.68 -21.08 16.94
CA ALA A 267 33.68 -20.11 15.86
C ALA A 267 34.76 -19.06 16.08
N PHE A 268 35.24 -18.50 14.96
CA PHE A 268 36.18 -17.38 14.98
C PHE A 268 35.45 -16.17 14.41
N TYR A 269 35.16 -15.19 15.26
CA TYR A 269 34.40 -14.02 14.87
C TYR A 269 35.33 -12.88 14.49
N VAL A 270 35.01 -12.21 13.39
CA VAL A 270 35.80 -11.09 12.88
C VAL A 270 34.88 -9.89 12.74
N GLU A 271 35.25 -8.79 13.39
CA GLU A 271 34.45 -7.57 13.36
C GLU A 271 35.16 -6.40 12.70
N ASP A 272 36.49 -6.36 12.73
CA ASP A 272 37.24 -5.27 12.10
C ASP A 272 36.87 -5.16 10.63
N GLU A 273 36.87 -3.92 10.12
CA GLU A 273 36.55 -3.70 8.71
C GLU A 273 37.56 -4.39 7.81
N GLU A 274 38.84 -4.10 7.99
CA GLU A 274 39.90 -4.90 7.41
C GLU A 274 39.86 -6.27 8.07
N THR A 275 40.70 -7.22 7.62
CA THR A 275 40.61 -8.61 8.04
C THR A 275 39.33 -9.24 7.48
N VAL A 276 38.16 -8.64 7.78
CA VAL A 276 36.94 -9.06 7.10
C VAL A 276 37.07 -8.90 5.60
N GLU A 277 37.62 -7.76 5.17
CA GLU A 277 37.90 -7.57 3.75
C GLU A 277 38.94 -8.56 3.24
N LYS A 278 39.89 -8.95 4.10
CA LYS A 278 40.87 -9.95 3.71
C LYS A 278 40.19 -11.29 3.42
N PHE A 279 39.15 -11.62 4.18
CA PHE A 279 38.40 -12.84 3.89
C PHE A 279 37.46 -12.65 2.70
N ARG A 280 36.81 -11.49 2.60
CA ARG A 280 35.87 -11.24 1.52
C ARG A 280 36.57 -11.28 0.16
N SER A 281 37.72 -10.62 0.05
CA SER A 281 38.48 -10.62 -1.19
C SER A 281 39.05 -11.99 -1.54
N THR A 282 39.09 -12.91 -0.58
CA THR A 282 39.56 -14.27 -0.86
C THR A 282 38.43 -15.22 -1.24
N LEU A 283 37.24 -15.03 -0.66
CA LEU A 283 36.10 -15.90 -0.98
C LEU A 283 35.47 -15.51 -2.31
N PHE A 284 35.40 -14.22 -2.60
CA PHE A 284 34.81 -13.71 -3.84
C PHE A 284 35.83 -12.86 -4.57
N LYS A 285 35.99 -13.10 -5.87
CA LYS A 285 36.95 -12.36 -6.67
C LYS A 285 36.27 -11.27 -7.47
N ASP A 286 35.45 -11.66 -8.45
CA ASP A 286 34.74 -10.69 -9.28
C ASP A 286 33.24 -10.88 -9.13
N GLY A 287 32.76 -10.92 -7.88
CA GLY A 287 31.36 -11.18 -7.61
C GLY A 287 30.97 -12.63 -7.62
N LYS A 288 31.89 -13.53 -7.95
CA LYS A 288 31.63 -14.96 -7.97
C LYS A 288 32.54 -15.66 -6.96
N ILE A 289 32.08 -16.82 -6.48
CA ILE A 289 32.80 -17.55 -5.45
C ILE A 289 34.14 -18.02 -6.00
N ASN A 290 35.18 -17.94 -5.16
CA ASN A 290 36.50 -18.40 -5.53
C ASN A 290 36.53 -19.92 -5.53
N SER A 291 36.73 -20.52 -6.70
CA SER A 291 36.70 -21.97 -6.82
C SER A 291 37.80 -22.66 -6.02
N LYS A 292 38.86 -21.94 -5.67
CA LYS A 292 39.97 -22.55 -4.94
C LYS A 292 39.69 -22.72 -3.46
N ILE A 293 38.64 -22.10 -2.93
CA ILE A 293 38.25 -22.27 -1.54
C ILE A 293 36.96 -23.06 -1.39
N ILE A 294 36.38 -23.55 -2.49
CA ILE A 294 35.14 -24.32 -2.40
C ILE A 294 35.43 -25.64 -1.71
N GLY A 295 34.71 -25.89 -0.61
CA GLY A 295 34.90 -27.11 0.13
C GLY A 295 36.23 -27.26 0.83
N LYS A 296 36.91 -26.15 1.14
CA LYS A 296 38.19 -26.17 1.80
C LYS A 296 38.03 -25.90 3.31
N SER A 297 39.04 -26.32 4.06
CA SER A 297 38.99 -26.20 5.51
C SER A 297 39.10 -24.73 5.94
N VAL A 298 38.90 -24.51 7.23
CA VAL A 298 39.04 -23.16 7.79
C VAL A 298 40.47 -22.65 7.63
N GLN A 299 41.46 -23.53 7.88
CA GLN A 299 42.85 -23.08 7.85
C GLN A 299 43.31 -22.75 6.44
N ILE A 300 42.85 -23.51 5.44
CA ILE A 300 43.21 -23.20 4.06
C ILE A 300 42.69 -21.82 3.67
N ILE A 301 41.43 -21.53 4.03
CA ILE A 301 40.87 -20.20 3.77
C ILE A 301 41.63 -19.15 4.57
N ALA A 302 42.02 -19.48 5.80
CA ALA A 302 42.75 -18.53 6.64
C ALA A 302 44.12 -18.23 6.04
N ASP A 303 44.85 -19.25 5.60
CA ASP A 303 46.17 -19.03 5.01
C ASP A 303 46.09 -18.21 3.73
N LEU A 304 45.11 -18.53 2.87
CA LEU A 304 44.94 -17.75 1.64
C LEU A 304 44.56 -16.30 1.95
N ALA A 305 43.76 -16.10 3.01
CA ALA A 305 43.37 -14.74 3.39
C ALA A 305 44.47 -14.00 4.14
N GLY A 306 45.48 -14.72 4.63
CA GLY A 306 46.55 -14.08 5.38
C GLY A 306 46.16 -13.66 6.78
N VAL A 307 45.22 -14.36 7.40
CA VAL A 307 44.72 -14.04 8.72
C VAL A 307 44.93 -15.24 9.63
N LYS A 308 45.56 -15.03 10.78
CA LYS A 308 45.78 -16.11 11.74
C LYS A 308 44.45 -16.50 12.37
N VAL A 309 44.10 -17.78 12.23
CA VAL A 309 42.88 -18.33 12.80
C VAL A 309 43.28 -19.48 13.71
N PRO A 310 42.82 -19.51 14.97
CA PRO A 310 43.31 -20.52 15.91
C PRO A 310 42.98 -21.93 15.45
N GLU A 311 43.88 -22.86 15.77
CA GLU A 311 43.64 -24.26 15.45
C GLU A 311 42.46 -24.78 16.25
N GLY A 312 41.67 -25.65 15.63
CA GLY A 312 40.45 -26.14 16.21
C GLY A 312 39.21 -25.33 15.84
N THR A 313 39.38 -24.19 15.18
CA THR A 313 38.25 -23.39 14.75
C THR A 313 37.40 -24.19 13.76
N LYS A 314 36.09 -24.15 13.95
CA LYS A 314 35.17 -24.91 13.11
C LYS A 314 34.57 -24.07 11.98
N VAL A 315 34.18 -22.83 12.27
CA VAL A 315 33.62 -21.93 11.27
C VAL A 315 34.20 -20.53 11.46
N ILE A 316 34.12 -19.73 10.40
CA ILE A 316 34.49 -18.33 10.44
C ILE A 316 33.23 -17.50 10.30
N VAL A 317 33.02 -16.58 11.23
CA VAL A 317 31.88 -15.67 11.21
C VAL A 317 32.38 -14.28 10.87
N LEU A 318 31.82 -13.68 9.82
CA LEU A 318 32.23 -12.38 9.33
C LEU A 318 31.09 -11.39 9.52
N LYS A 319 31.40 -10.22 10.09
CA LYS A 319 30.42 -9.16 10.22
C LYS A 319 30.14 -8.56 8.84
N GLY A 320 28.87 -8.60 8.42
CA GLY A 320 28.52 -8.11 7.10
C GLY A 320 28.28 -6.61 7.09
N LYS A 321 28.54 -6.00 5.93
CA LYS A 321 28.30 -4.57 5.77
C LYS A 321 26.81 -4.26 5.78
N GLY A 322 26.01 -5.12 5.18
CA GLY A 322 24.57 -4.91 5.15
C GLY A 322 23.90 -6.08 4.47
N ALA A 323 22.57 -6.07 4.53
CA ALA A 323 21.78 -7.13 3.94
C ALA A 323 21.70 -6.99 2.42
N GLY A 324 21.48 -8.11 1.75
CA GLY A 324 21.32 -8.08 0.31
C GLY A 324 22.62 -7.77 -0.40
N GLU A 325 22.54 -6.92 -1.42
CA GLU A 325 23.68 -6.61 -2.26
C GLU A 325 24.65 -5.63 -1.62
N LYS A 326 24.38 -5.17 -0.39
CA LYS A 326 25.34 -4.33 0.32
C LYS A 326 26.60 -5.10 0.71
N ASP A 327 26.62 -6.42 0.54
CA ASP A 327 27.80 -7.22 0.85
C ASP A 327 27.73 -8.50 0.04
N VAL A 328 28.80 -8.79 -0.71
CA VAL A 328 28.84 -10.02 -1.49
C VAL A 328 28.88 -11.24 -0.58
N LEU A 329 29.27 -11.08 0.68
CA LEU A 329 29.26 -12.19 1.63
C LEU A 329 27.85 -12.73 1.87
N CYS A 330 26.82 -11.97 1.52
CA CYS A 330 25.44 -12.43 1.67
C CYS A 330 25.02 -13.42 0.60
N LYS A 331 25.89 -13.73 -0.36
CA LYS A 331 25.61 -14.75 -1.35
C LYS A 331 25.94 -16.13 -0.79
N GLU A 332 25.68 -17.16 -1.59
CA GLU A 332 26.00 -18.52 -1.18
C GLU A 332 27.50 -18.70 -1.04
N LYS A 333 27.91 -19.36 0.04
CA LYS A 333 29.31 -19.62 0.33
C LYS A 333 29.48 -21.11 0.57
N MET A 334 30.12 -21.80 -0.37
CA MET A 334 30.38 -23.24 -0.24
C MET A 334 31.70 -23.48 0.49
N CYS A 335 31.70 -23.07 1.76
CA CYS A 335 32.87 -23.12 2.62
C CYS A 335 32.42 -22.75 4.04
N PRO A 336 33.18 -23.17 5.07
CA PRO A 336 32.74 -22.91 6.46
C PRO A 336 32.85 -21.45 6.88
N VAL A 337 32.14 -20.56 6.18
CA VAL A 337 32.12 -19.14 6.49
C VAL A 337 30.68 -18.67 6.59
N LEU A 338 30.38 -17.88 7.62
CA LEU A 338 29.07 -17.32 7.84
C LEU A 338 29.15 -15.80 7.87
N VAL A 339 28.09 -15.14 7.40
CA VAL A 339 27.96 -13.70 7.50
C VAL A 339 26.98 -13.38 8.63
N ALA A 340 27.32 -12.38 9.45
CA ALA A 340 26.52 -12.02 10.62
C ALA A 340 25.85 -10.67 10.37
N LEU A 341 24.56 -10.60 10.69
CA LEU A 341 23.78 -9.38 10.49
C LEU A 341 22.88 -9.17 11.70
N LYS A 342 22.61 -7.90 12.01
CA LYS A 342 21.79 -7.53 13.15
C LYS A 342 20.40 -7.11 12.69
N TYR A 343 19.41 -7.36 13.55
CA TYR A 343 18.05 -6.90 13.30
C TYR A 343 17.47 -6.33 14.59
N ASP A 344 16.50 -5.43 14.43
CA ASP A 344 15.80 -4.83 15.57
C ASP A 344 14.54 -5.61 15.92
N THR A 345 13.63 -5.75 14.95
CA THR A 345 12.41 -6.52 15.12
C THR A 345 12.50 -7.81 14.32
N PHE A 346 11.72 -8.81 14.76
CA PHE A 346 11.69 -10.07 14.05
C PHE A 346 11.17 -9.89 12.62
N GLU A 347 10.27 -8.93 12.41
CA GLU A 347 9.82 -8.64 11.05
C GLU A 347 10.97 -8.14 10.20
N GLU A 348 11.84 -7.31 10.76
CA GLU A 348 13.03 -6.87 10.03
C GLU A 348 13.98 -8.04 9.79
N ALA A 349 14.05 -8.99 10.71
CA ALA A 349 14.88 -10.17 10.50
C ALA A 349 14.41 -10.97 9.28
N VAL A 350 13.10 -11.12 9.13
CA VAL A 350 12.56 -11.78 7.95
C VAL A 350 12.86 -10.97 6.70
N GLU A 351 12.73 -9.64 6.79
CA GLU A 351 13.06 -8.77 5.66
C GLU A 351 14.52 -8.92 5.26
N ILE A 352 15.41 -9.08 6.24
CA ILE A 352 16.83 -9.29 5.93
C ILE A 352 17.02 -10.60 5.18
N ALA A 353 16.41 -11.68 5.68
CA ALA A 353 16.49 -12.97 4.99
C ALA A 353 15.86 -12.89 3.61
N MET A 354 14.76 -12.11 3.49
CA MET A 354 14.11 -11.95 2.18
C MET A 354 15.05 -11.31 1.17
N ALA A 355 15.79 -10.28 1.59
CA ALA A 355 16.67 -9.57 0.67
C ALA A 355 17.82 -10.48 0.19
N ASN A 356 18.32 -11.35 1.08
CA ASN A 356 19.40 -12.24 0.67
C ASN A 356 18.90 -13.32 -0.29
N TYR A 357 17.63 -13.73 -0.15
CA TYR A 357 17.07 -14.69 -1.09
C TYR A 357 16.86 -14.06 -2.47
N MET A 358 16.44 -12.80 -2.51
CA MET A 358 16.36 -12.11 -3.79
C MET A 358 17.74 -11.92 -4.40
N TYR A 359 18.77 -11.79 -3.56
CA TYR A 359 20.14 -11.77 -4.05
C TYR A 359 20.51 -13.11 -4.67
N GLU A 360 20.26 -14.20 -3.95
CA GLU A 360 20.59 -15.54 -4.43
C GLU A 360 19.94 -16.56 -3.51
N GLY A 361 19.42 -17.64 -4.11
CA GLY A 361 18.96 -18.79 -3.36
C GLY A 361 17.48 -18.88 -3.07
N ALA A 362 16.67 -18.00 -3.65
CA ALA A 362 15.23 -18.03 -3.37
C ALA A 362 14.62 -19.36 -3.78
N GLY A 363 13.76 -19.90 -2.91
CA GLY A 363 13.07 -21.15 -3.17
C GLY A 363 13.64 -22.36 -2.48
N HIS A 364 14.82 -22.24 -1.85
CA HIS A 364 15.46 -23.40 -1.26
C HIS A 364 15.09 -23.57 0.21
N THR A 365 16.05 -23.41 1.11
CA THR A 365 15.88 -23.76 2.51
C THR A 365 16.21 -22.57 3.40
N ALA A 366 15.48 -22.44 4.49
CA ALA A 366 15.79 -21.50 5.54
C ALA A 366 15.88 -22.23 6.88
N GLY A 367 16.55 -21.60 7.83
CA GLY A 367 16.61 -22.12 9.18
C GLY A 367 16.16 -21.05 10.16
N ILE A 368 15.54 -21.51 11.25
CA ILE A 368 15.10 -20.61 12.30
C ILE A 368 15.27 -21.32 13.64
N HIS A 369 15.70 -20.58 14.65
CA HIS A 369 15.89 -21.10 16.00
C HIS A 369 15.07 -20.22 16.94
N SER A 370 13.92 -20.74 17.35
CA SER A 370 12.94 -19.94 18.06
C SER A 370 12.02 -20.85 18.86
N ASP A 371 11.48 -20.30 19.94
CA ASP A 371 10.41 -20.93 20.70
C ASP A 371 9.08 -20.22 20.51
N ASN A 372 9.04 -19.17 19.68
CA ASN A 372 7.83 -18.42 19.40
C ASN A 372 7.20 -19.01 18.13
N ASP A 373 6.14 -19.80 18.31
CA ASP A 373 5.51 -20.46 17.17
C ASP A 373 4.87 -19.45 16.21
N GLU A 374 4.43 -18.30 16.72
CA GLU A 374 3.88 -17.28 15.85
C GLU A 374 4.95 -16.70 14.94
N ASN A 375 6.17 -16.51 15.47
CA ASN A 375 7.26 -16.02 14.64
C ASN A 375 7.70 -17.08 13.63
N ILE A 376 7.71 -18.35 14.04
CA ILE A 376 8.09 -19.41 13.11
C ILE A 376 7.08 -19.52 11.98
N ARG A 377 5.79 -19.43 12.31
CA ARG A 377 4.76 -19.54 11.28
C ARG A 377 4.73 -18.31 10.38
N TYR A 378 5.10 -17.14 10.90
CA TYR A 378 5.14 -15.94 10.07
C TYR A 378 6.30 -15.98 9.09
N ALA A 379 7.47 -16.48 9.54
CA ALA A 379 8.61 -16.58 8.63
C ALA A 379 8.34 -17.59 7.52
N GLY A 380 7.74 -18.74 7.86
CA GLY A 380 7.42 -19.73 6.85
C GLY A 380 6.31 -19.31 5.90
N THR A 381 5.51 -18.32 6.30
CA THR A 381 4.41 -17.86 5.46
C THR A 381 4.87 -16.91 4.36
N VAL A 382 5.88 -16.09 4.63
CA VAL A 382 6.26 -15.03 3.72
C VAL A 382 7.60 -15.26 3.02
N LEU A 383 8.47 -16.11 3.57
CA LEU A 383 9.79 -16.29 2.96
C LEU A 383 9.69 -17.18 1.73
N PRO A 384 10.32 -16.81 0.61
CA PRO A 384 10.29 -17.66 -0.58
C PRO A 384 11.17 -18.88 -0.44
N ILE A 385 10.70 -19.87 0.33
CA ILE A 385 11.46 -21.07 0.63
C ILE A 385 10.56 -22.28 0.45
N SER A 386 11.21 -23.43 0.23
CA SER A 386 10.51 -24.71 0.20
C SER A 386 10.56 -25.44 1.52
N ARG A 387 11.55 -25.15 2.36
CA ARG A 387 11.76 -25.85 3.63
C ARG A 387 12.20 -24.85 4.68
N LEU A 388 11.48 -24.80 5.80
CA LEU A 388 11.87 -24.02 6.97
C LEU A 388 12.29 -25.00 8.05
N VAL A 389 13.57 -24.99 8.41
CA VAL A 389 14.15 -25.94 9.35
C VAL A 389 14.19 -25.28 10.72
N VAL A 390 13.54 -25.91 11.70
CA VAL A 390 13.27 -25.30 13.00
C VAL A 390 14.06 -26.02 14.08
N ASN A 391 14.92 -25.27 14.79
CA ASN A 391 15.59 -25.75 16.00
C ASN A 391 16.43 -27.00 15.74
N GLN A 392 17.17 -26.99 14.64
CA GLN A 392 18.03 -28.09 14.25
C GLN A 392 18.96 -27.60 13.13
N PRO A 393 20.07 -28.30 12.87
CA PRO A 393 20.94 -27.91 11.76
C PRO A 393 20.17 -27.89 10.45
N ALA A 394 20.44 -26.86 9.64
CA ALA A 394 19.73 -26.71 8.37
C ALA A 394 20.07 -27.82 7.39
N THR A 395 21.20 -28.50 7.56
CA THR A 395 21.55 -29.62 6.70
C THR A 395 20.63 -30.81 6.89
N THR A 396 19.77 -30.80 7.91
CA THR A 396 18.75 -31.83 8.06
C THR A 396 17.56 -31.63 7.13
N ALA A 397 17.58 -30.59 6.29
CA ALA A 397 16.49 -30.36 5.35
C ALA A 397 16.33 -31.52 4.38
N GLY A 398 17.42 -32.22 4.06
CA GLY A 398 17.40 -33.40 3.24
C GLY A 398 16.98 -34.66 3.95
N GLY A 399 16.50 -34.54 5.19
CA GLY A 399 16.02 -35.70 5.93
C GLY A 399 16.84 -36.05 7.15
N SER A 400 16.17 -36.28 8.27
CA SER A 400 16.81 -36.81 9.47
C SER A 400 15.79 -37.65 10.21
N PHE A 401 16.29 -38.49 11.11
CA PHE A 401 15.37 -39.30 11.91
C PHE A 401 14.66 -38.49 12.98
N ASN A 402 14.83 -37.17 12.98
CA ASN A 402 14.20 -36.30 13.97
C ASN A 402 13.29 -35.25 13.36
N ASN A 403 13.06 -35.27 12.04
CA ASN A 403 12.14 -34.33 11.41
C ASN A 403 11.31 -35.09 10.38
N GLY A 404 10.40 -34.37 9.71
CA GLY A 404 9.48 -34.95 8.78
C GLY A 404 9.83 -34.80 7.32
N PHE A 405 10.95 -34.17 6.99
CA PHE A 405 11.34 -34.03 5.59
C PHE A 405 11.68 -35.40 5.01
N ASN A 406 11.23 -35.64 3.77
CA ASN A 406 11.49 -36.92 3.13
C ASN A 406 12.98 -37.03 2.79
N PRO A 407 13.63 -38.14 3.14
CA PRO A 407 15.07 -38.26 2.88
C PRO A 407 15.36 -38.25 1.39
N THR A 408 16.39 -37.50 1.01
CA THR A 408 16.72 -37.34 -0.40
C THR A 408 18.13 -36.75 -0.50
N THR A 409 18.62 -36.69 -1.74
CA THR A 409 19.79 -35.89 -2.08
C THR A 409 19.46 -34.79 -3.08
N THR A 410 18.27 -34.81 -3.68
CA THR A 410 17.84 -33.84 -4.69
C THR A 410 16.73 -33.00 -4.07
N LEU A 411 17.05 -31.78 -3.68
CA LEU A 411 16.12 -30.89 -2.99
C LEU A 411 15.56 -29.90 -4.00
N GLY A 412 14.33 -30.15 -4.44
CA GLY A 412 13.68 -29.23 -5.38
C GLY A 412 13.35 -27.91 -4.72
N CYS A 413 13.46 -26.84 -5.50
CA CYS A 413 13.31 -25.47 -4.99
C CYS A 413 12.12 -24.74 -5.57
N GLY A 414 11.15 -25.47 -6.13
CA GLY A 414 9.92 -24.84 -6.60
C GLY A 414 10.12 -23.90 -7.78
N SER A 415 9.10 -23.07 -7.99
CA SER A 415 9.11 -22.15 -9.12
C SER A 415 10.18 -21.07 -8.97
N TRP A 416 10.54 -20.73 -7.73
CA TRP A 416 11.60 -19.75 -7.51
C TRP A 416 12.91 -20.21 -8.13
N GLY A 417 13.32 -21.44 -7.84
CA GLY A 417 14.50 -22.04 -8.42
C GLY A 417 14.28 -22.68 -9.77
N ARG A 418 13.14 -22.41 -10.40
CA ARG A 418 12.79 -22.96 -11.71
C ARG A 418 12.79 -24.48 -11.69
N ASN A 419 12.11 -25.05 -10.69
CA ASN A 419 11.93 -26.49 -10.57
C ASN A 419 10.43 -26.80 -10.58
N SER A 420 10.12 -28.06 -10.90
CA SER A 420 8.73 -28.48 -10.99
C SER A 420 8.07 -28.64 -9.62
N ILE A 421 8.83 -29.07 -8.61
CA ILE A 421 8.29 -29.30 -7.28
C ILE A 421 9.06 -28.46 -6.28
N SER A 422 8.39 -28.14 -5.17
CA SER A 422 9.00 -27.40 -4.08
C SER A 422 9.18 -28.31 -2.87
N GLU A 423 9.77 -29.48 -3.08
CA GLU A 423 9.92 -30.47 -2.02
C GLU A 423 11.10 -31.37 -2.35
N ASN A 424 11.40 -32.26 -1.40
CA ASN A 424 12.46 -33.25 -1.59
C ASN A 424 12.04 -34.30 -2.62
N LEU A 425 12.99 -34.71 -3.45
CA LEU A 425 12.73 -35.68 -4.50
C LEU A 425 12.64 -37.09 -3.93
N THR A 426 11.54 -37.78 -4.24
CA THR A 426 11.30 -39.13 -3.73
C THR A 426 10.94 -40.06 -4.87
N TYR A 427 10.60 -41.30 -4.49
CA TYR A 427 10.08 -42.27 -5.45
C TYR A 427 8.81 -41.77 -6.12
N GLU A 428 8.01 -40.97 -5.41
CA GLU A 428 6.68 -40.61 -5.90
C GLU A 428 6.73 -39.75 -7.15
N HIS A 429 7.77 -38.93 -7.28
CA HIS A 429 7.91 -38.07 -8.46
C HIS A 429 8.41 -38.83 -9.68
N LEU A 430 8.71 -40.12 -9.54
CA LEU A 430 9.20 -40.94 -10.65
C LEU A 430 8.18 -41.98 -11.09
N ILE A 431 6.95 -41.90 -10.60
CA ILE A 431 5.88 -42.79 -11.03
C ILE A 431 4.68 -41.97 -11.46
N ASN A 432 3.95 -42.49 -12.44
CA ASN A 432 2.66 -41.94 -12.82
C ASN A 432 1.57 -42.64 -12.03
N VAL A 433 0.75 -41.85 -11.33
CA VAL A 433 -0.36 -42.38 -10.55
C VAL A 433 -1.62 -42.22 -11.38
N SER A 434 -2.18 -43.34 -11.82
CA SER A 434 -3.43 -43.34 -12.58
C SER A 434 -4.62 -43.55 -11.64
N ARG A 435 -5.81 -43.27 -12.15
CA ARG A 435 -7.03 -43.34 -11.36
C ARG A 435 -8.08 -44.13 -12.11
N ILE A 436 -8.65 -45.12 -11.43
CA ILE A 436 -9.84 -45.81 -11.91
C ILE A 436 -11.05 -45.11 -11.31
N GLY A 437 -11.89 -44.55 -12.17
CA GLY A 437 -13.05 -43.80 -11.72
C GLY A 437 -14.36 -44.53 -11.92
N TYR A 438 -14.90 -45.07 -10.83
CA TYR A 438 -16.18 -45.76 -10.90
C TYR A 438 -17.33 -44.75 -10.92
N PHE A 439 -18.51 -45.24 -11.28
CA PHE A 439 -19.69 -44.40 -11.35
C PHE A 439 -20.39 -44.39 -10.00
N ASN A 440 -20.54 -43.19 -9.43
CA ASN A 440 -21.24 -43.01 -8.15
C ASN A 440 -22.67 -42.61 -8.46
N LYS A 441 -23.50 -43.61 -8.75
CA LYS A 441 -24.90 -43.37 -9.07
C LYS A 441 -25.67 -42.79 -7.89
N GLU A 442 -25.19 -43.02 -6.66
CA GLU A 442 -25.86 -42.46 -5.48
C GLU A 442 -25.64 -40.96 -5.37
N ALA A 443 -24.59 -40.42 -5.98
CA ALA A 443 -24.27 -39.01 -5.84
C ALA A 443 -25.35 -38.15 -6.50
N LYS A 444 -25.55 -36.96 -5.94
CA LYS A 444 -26.56 -36.02 -6.39
C LYS A 444 -25.88 -34.83 -7.06
N VAL A 445 -26.50 -34.35 -8.14
CA VAL A 445 -26.01 -33.17 -8.85
C VAL A 445 -26.52 -31.91 -8.13
N PRO A 446 -25.63 -31.03 -7.69
CA PRO A 446 -26.08 -29.80 -7.05
C PRO A 446 -26.78 -28.89 -8.05
N SER A 447 -27.78 -28.16 -7.55
CA SER A 447 -28.54 -27.26 -8.39
C SER A 447 -27.81 -25.92 -8.52
N TYR A 448 -28.46 -24.96 -9.20
CA TYR A 448 -27.86 -23.64 -9.38
C TYR A 448 -27.64 -22.95 -8.04
N GLU A 449 -28.61 -23.07 -7.13
CA GLU A 449 -28.48 -22.45 -5.82
C GLU A 449 -27.38 -23.11 -5.00
N GLU A 450 -27.24 -24.43 -5.10
CA GLU A 450 -26.23 -25.13 -4.31
C GLU A 450 -24.82 -24.77 -4.76
N ILE A 451 -24.64 -24.45 -6.03
CA ILE A 451 -23.30 -24.16 -6.55
C ILE A 451 -22.95 -22.68 -6.39
N TRP A 452 -23.82 -21.79 -6.85
CA TRP A 452 -23.52 -20.37 -6.91
C TRP A 452 -24.17 -19.57 -5.77
N GLY A 453 -24.89 -20.22 -4.88
CA GLY A 453 -25.55 -19.53 -3.77
C GLY A 453 -24.58 -18.99 -2.74
N ILE B 7 5.93 -8.47 -25.11
CA ILE B 7 5.88 -9.59 -24.19
C ILE B 7 6.48 -9.21 -22.84
N LYS B 8 7.61 -8.49 -22.88
CA LYS B 8 8.23 -8.00 -21.66
C LYS B 8 7.27 -7.12 -20.86
N GLU B 9 6.51 -6.27 -21.56
CA GLU B 9 5.53 -5.43 -20.88
C GLU B 9 4.44 -6.27 -20.23
N LEU B 10 3.96 -7.30 -20.94
CA LEU B 10 2.94 -8.18 -20.37
C LEU B 10 3.44 -8.90 -19.13
N ILE B 11 4.69 -9.39 -19.19
CA ILE B 11 5.26 -10.13 -18.06
C ILE B 11 5.37 -9.21 -16.85
N GLU B 12 5.90 -8.00 -17.04
CA GLU B 12 6.09 -7.09 -15.92
C GLU B 12 4.77 -6.66 -15.32
N LYS B 13 3.79 -6.30 -16.16
CA LYS B 13 2.45 -5.98 -15.63
C LYS B 13 1.86 -7.16 -14.87
N ALA B 14 2.16 -8.38 -15.29
CA ALA B 14 1.66 -9.55 -14.59
C ALA B 14 2.34 -9.72 -13.23
N LYS B 15 3.63 -9.42 -13.15
CA LYS B 15 4.34 -9.55 -11.87
C LYS B 15 3.90 -8.48 -10.89
N VAL B 16 3.65 -7.25 -11.38
CA VAL B 16 3.14 -6.20 -10.51
C VAL B 16 1.77 -6.59 -9.94
N ALA B 17 0.90 -7.13 -10.79
CA ALA B 17 -0.40 -7.58 -10.32
C ALA B 17 -0.29 -8.77 -9.38
N GLN B 18 0.68 -9.65 -9.63
CA GLN B 18 0.83 -10.85 -8.81
C GLN B 18 1.27 -10.49 -7.39
N LYS B 19 2.14 -9.49 -7.26
CA LYS B 19 2.54 -9.05 -5.93
C LYS B 19 1.40 -8.38 -5.18
N LYS B 20 0.51 -7.68 -5.90
CA LYS B 20 -0.68 -7.13 -5.26
C LYS B 20 -1.65 -8.24 -4.88
N LEU B 21 -1.86 -9.21 -5.78
CA LEU B 21 -2.76 -10.31 -5.50
C LEU B 21 -2.23 -11.21 -4.39
N GLU B 22 -0.91 -11.23 -4.19
CA GLU B 22 -0.33 -12.10 -3.16
C GLU B 22 -0.73 -11.65 -1.75
N ALA B 23 -1.08 -10.39 -1.57
CA ALA B 23 -1.55 -9.89 -0.28
C ALA B 23 -2.98 -10.33 0.03
N TYR B 24 -3.69 -10.91 -0.93
CA TYR B 24 -5.08 -11.31 -0.72
C TYR B 24 -5.17 -12.48 0.24
N SER B 25 -6.20 -12.47 1.08
CA SER B 25 -6.50 -13.59 1.95
C SER B 25 -7.18 -14.70 1.15
N GLN B 26 -7.51 -15.79 1.84
CA GLN B 26 -8.20 -16.90 1.18
C GLN B 26 -9.59 -16.48 0.71
N GLU B 27 -10.29 -15.69 1.51
CA GLU B 27 -11.66 -15.31 1.17
C GLU B 27 -11.70 -14.34 -0.01
N GLN B 28 -10.77 -13.37 -0.04
CA GLN B 28 -10.75 -12.42 -1.14
C GLN B 28 -10.41 -13.08 -2.47
N VAL B 29 -9.55 -14.10 -2.44
CA VAL B 29 -9.23 -14.84 -3.66
C VAL B 29 -10.43 -15.66 -4.11
N ASP B 30 -11.15 -16.28 -3.17
CA ASP B 30 -12.30 -17.12 -3.53
C ASP B 30 -13.41 -16.31 -4.17
N VAL B 31 -13.58 -15.04 -3.77
CA VAL B 31 -14.60 -14.20 -4.38
C VAL B 31 -14.28 -13.96 -5.86
N LEU B 32 -13.00 -13.79 -6.17
CA LEU B 32 -12.61 -13.60 -7.57
C LEU B 32 -12.79 -14.89 -8.37
N VAL B 33 -12.40 -16.02 -7.80
CA VAL B 33 -12.47 -17.29 -8.51
C VAL B 33 -13.91 -17.66 -8.84
N LYS B 34 -14.81 -17.44 -7.88
CA LYS B 34 -16.22 -17.77 -8.11
C LYS B 34 -16.80 -16.91 -9.23
N ALA B 35 -16.46 -15.63 -9.28
CA ALA B 35 -16.99 -14.75 -10.31
C ALA B 35 -16.47 -15.10 -11.70
N LEU B 36 -15.25 -15.65 -11.78
CA LEU B 36 -14.71 -16.05 -13.07
C LEU B 36 -15.51 -17.20 -13.67
N GLY B 37 -15.93 -18.15 -12.84
CA GLY B 37 -16.76 -19.23 -13.34
C GLY B 37 -18.19 -18.82 -13.59
N LYS B 38 -18.73 -17.91 -12.77
CA LYS B 38 -20.11 -17.50 -12.93
C LYS B 38 -20.34 -16.71 -14.21
N VAL B 39 -19.34 -15.93 -14.65
CA VAL B 39 -19.52 -15.14 -15.87
C VAL B 39 -19.54 -16.04 -17.09
N VAL B 40 -18.83 -17.18 -17.05
CA VAL B 40 -18.91 -18.14 -18.14
C VAL B 40 -20.24 -18.88 -18.10
N TYR B 41 -20.73 -19.18 -16.90
CA TYR B 41 -22.04 -19.80 -16.77
C TYR B 41 -23.14 -18.87 -17.27
N ASP B 42 -23.10 -17.60 -16.85
CA ASP B 42 -24.15 -16.66 -17.19
C ASP B 42 -24.10 -16.22 -18.64
N ASN B 43 -22.99 -16.43 -19.33
CA ASN B 43 -22.85 -16.07 -20.74
C ASN B 43 -22.64 -17.31 -21.61
N ALA B 44 -23.12 -18.47 -21.15
CA ALA B 44 -22.86 -19.72 -21.85
C ALA B 44 -23.44 -19.71 -23.25
N GLU B 45 -24.65 -19.18 -23.41
CA GLU B 45 -25.30 -19.21 -24.72
C GLU B 45 -24.58 -18.34 -25.74
N MET B 46 -24.06 -17.19 -25.31
CA MET B 46 -23.35 -16.31 -26.23
C MET B 46 -21.98 -16.88 -26.57
N PHE B 47 -21.24 -17.34 -25.57
CA PHE B 47 -19.91 -17.91 -25.82
C PHE B 47 -19.98 -19.10 -26.76
N ALA B 48 -20.98 -19.96 -26.58
CA ALA B 48 -21.09 -21.16 -27.40
C ALA B 48 -21.38 -20.80 -28.86
N LYS B 49 -22.23 -19.82 -29.09
CA LYS B 49 -22.53 -19.40 -30.46
C LYS B 49 -21.30 -18.83 -31.16
N GLU B 50 -20.52 -18.03 -30.45
CA GLU B 50 -19.32 -17.44 -31.05
C GLU B 50 -18.27 -18.50 -31.33
N ALA B 51 -18.13 -19.49 -30.43
CA ALA B 51 -17.11 -20.51 -30.61
C ALA B 51 -17.40 -21.39 -31.83
N VAL B 52 -18.67 -21.76 -32.03
CA VAL B 52 -19.03 -22.58 -33.19
C VAL B 52 -18.76 -21.83 -34.49
N GLU B 53 -19.13 -20.54 -34.53
CA GLU B 53 -18.97 -19.77 -35.77
C GLU B 53 -17.50 -19.53 -36.08
N GLU B 54 -16.70 -19.18 -35.08
CA GLU B 54 -15.30 -18.84 -35.33
C GLU B 54 -14.47 -20.09 -35.58
N THR B 55 -14.57 -21.09 -34.72
CA THR B 55 -13.75 -22.29 -34.86
C THR B 55 -14.26 -23.22 -35.95
N GLU B 56 -15.51 -23.07 -36.37
CA GLU B 56 -16.10 -23.89 -37.43
C GLU B 56 -16.08 -25.38 -37.07
N MET B 57 -16.34 -25.67 -35.80
CA MET B 57 -16.39 -27.05 -35.32
C MET B 57 -17.20 -27.07 -34.03
N GLY B 58 -17.77 -28.24 -33.74
CA GLY B 58 -18.53 -28.43 -32.52
C GLY B 58 -20.03 -28.22 -32.72
N VAL B 59 -20.74 -28.37 -31.61
CA VAL B 59 -22.19 -28.26 -31.58
C VAL B 59 -22.58 -27.18 -30.58
N TYR B 60 -23.53 -26.32 -30.97
CA TYR B 60 -23.93 -25.21 -30.12
C TYR B 60 -24.46 -25.69 -28.77
N GLU B 61 -25.45 -26.58 -28.78
CA GLU B 61 -26.06 -27.02 -27.53
C GLU B 61 -25.07 -27.73 -26.62
N ASP B 62 -24.08 -28.42 -27.20
CA ASP B 62 -23.09 -29.11 -26.40
C ASP B 62 -22.11 -28.13 -25.75
N LYS B 63 -21.80 -27.03 -26.42
CA LYS B 63 -20.92 -26.03 -25.82
C LYS B 63 -21.63 -25.22 -24.75
N VAL B 64 -22.96 -25.05 -24.88
CA VAL B 64 -23.73 -24.43 -23.81
C VAL B 64 -23.67 -25.30 -22.56
N ALA B 65 -23.90 -26.60 -22.71
CA ALA B 65 -23.80 -27.50 -21.57
C ALA B 65 -22.37 -27.61 -21.05
N LYS B 66 -21.38 -27.36 -21.92
CA LYS B 66 -19.99 -27.38 -21.48
C LYS B 66 -19.69 -26.22 -20.55
N CYS B 67 -20.16 -25.02 -20.90
CA CYS B 67 -19.91 -23.86 -20.04
C CYS B 67 -20.67 -23.97 -18.73
N HIS B 68 -21.87 -24.53 -18.74
CA HIS B 68 -22.62 -24.73 -17.51
C HIS B 68 -21.96 -25.75 -16.60
N LEU B 69 -21.51 -26.87 -17.17
CA LEU B 69 -20.94 -27.93 -16.36
C LEU B 69 -19.55 -27.57 -15.85
N LYS B 70 -18.67 -27.14 -16.75
CA LYS B 70 -17.28 -26.90 -16.38
C LYS B 70 -17.17 -25.81 -15.31
N SER B 71 -17.89 -24.71 -15.49
CA SER B 71 -17.80 -23.61 -14.53
C SER B 71 -18.32 -24.02 -13.15
N GLY B 72 -19.46 -24.71 -13.11
CA GLY B 72 -20.03 -25.10 -11.84
C GLY B 72 -19.24 -26.21 -11.16
N ALA B 73 -18.75 -27.18 -11.93
CA ALA B 73 -18.03 -28.30 -11.34
C ALA B 73 -16.67 -27.87 -10.82
N ILE B 74 -15.98 -26.97 -11.54
CA ILE B 74 -14.67 -26.51 -11.08
C ILE B 74 -14.82 -25.68 -9.81
N TRP B 75 -15.79 -24.78 -9.77
CA TRP B 75 -15.98 -23.97 -8.56
C TRP B 75 -16.44 -24.84 -7.39
N ASN B 76 -17.34 -25.79 -7.64
CA ASN B 76 -17.84 -26.64 -6.56
C ASN B 76 -16.73 -27.47 -5.94
N HIS B 77 -15.69 -27.77 -6.72
CA HIS B 77 -14.58 -28.60 -6.25
C HIS B 77 -13.53 -27.80 -5.47
N ILE B 78 -13.32 -26.53 -5.82
CA ILE B 78 -12.24 -25.74 -5.24
C ILE B 78 -12.73 -24.66 -4.30
N LYS B 79 -14.04 -24.61 -4.02
CA LYS B 79 -14.58 -23.51 -3.21
C LYS B 79 -14.08 -23.56 -1.77
N ASP B 80 -13.81 -24.76 -1.25
CA ASP B 80 -13.38 -24.91 0.14
C ASP B 80 -11.95 -25.44 0.26
N LYS B 81 -11.17 -25.42 -0.82
CA LYS B 81 -9.79 -25.86 -0.77
C LYS B 81 -8.90 -24.72 -0.28
N LYS B 82 -8.00 -25.03 0.64
CA LYS B 82 -7.14 -24.03 1.25
C LYS B 82 -5.86 -23.90 0.42
N THR B 83 -5.63 -22.69 -0.10
CA THR B 83 -4.54 -22.44 -1.04
C THR B 83 -3.70 -21.22 -0.71
N VAL B 84 -3.90 -20.61 0.47
CA VAL B 84 -3.21 -19.39 0.85
C VAL B 84 -2.62 -19.61 2.24
N GLY B 85 -1.31 -19.41 2.37
CA GLY B 85 -0.66 -19.49 3.67
C GLY B 85 -0.62 -20.91 4.21
N ILE B 86 -0.69 -21.01 5.53
CA ILE B 86 -0.67 -22.31 6.19
C ILE B 86 -1.99 -23.02 5.90
N ILE B 87 -1.90 -24.19 5.27
CA ILE B 87 -3.07 -24.91 4.80
C ILE B 87 -3.28 -26.25 5.47
N LYS B 88 -2.26 -26.81 6.13
CA LYS B 88 -2.39 -28.18 6.64
C LYS B 88 -1.43 -28.38 7.81
N GLU B 89 -1.91 -29.08 8.83
CA GLU B 89 -1.11 -29.46 9.98
C GLU B 89 -0.92 -30.97 9.98
N GLU B 90 0.30 -31.40 10.31
CA GLU B 90 0.63 -32.82 10.41
C GLU B 90 1.59 -33.02 11.57
N PRO B 91 1.07 -33.07 12.80
CA PRO B 91 1.96 -33.16 13.96
C PRO B 91 2.67 -34.50 14.10
N GLU B 92 2.13 -35.57 13.52
CA GLU B 92 2.80 -36.86 13.59
C GLU B 92 4.15 -36.85 12.90
N ARG B 93 4.29 -36.04 11.84
CA ARG B 93 5.57 -35.83 11.20
C ARG B 93 6.20 -34.49 11.58
N ALA B 94 5.57 -33.75 12.49
CA ALA B 94 6.05 -32.42 12.91
C ALA B 94 6.22 -31.50 11.71
N LEU B 95 5.20 -31.48 10.85
CA LEU B 95 5.23 -30.70 9.62
C LEU B 95 4.07 -29.73 9.58
N VAL B 96 4.32 -28.57 8.98
CA VAL B 96 3.30 -27.56 8.70
C VAL B 96 3.43 -27.18 7.23
N TYR B 97 2.34 -27.27 6.49
CA TYR B 97 2.33 -27.03 5.05
C TYR B 97 1.87 -25.60 4.77
N VAL B 98 2.60 -24.91 3.90
CA VAL B 98 2.32 -23.53 3.53
C VAL B 98 2.17 -23.46 2.02
N ALA B 99 1.08 -22.85 1.55
CA ALA B 99 0.80 -22.71 0.13
C ALA B 99 1.26 -21.33 -0.34
N LYS B 100 2.08 -21.30 -1.37
CA LYS B 100 2.62 -20.06 -1.93
C LYS B 100 2.41 -20.04 -3.43
N PRO B 101 2.22 -18.85 -4.00
CA PRO B 101 2.01 -18.76 -5.46
C PRO B 101 3.29 -19.10 -6.22
N LYS B 102 3.11 -19.57 -7.45
CA LYS B 102 4.24 -19.82 -8.33
C LYS B 102 4.67 -18.57 -9.09
N GLY B 103 3.74 -17.64 -9.32
CA GLY B 103 4.08 -16.41 -10.01
C GLY B 103 3.18 -16.13 -11.20
N VAL B 104 3.78 -15.97 -12.38
CA VAL B 104 3.05 -15.69 -13.61
C VAL B 104 2.88 -16.98 -14.38
N VAL B 105 1.64 -17.27 -14.77
CA VAL B 105 1.30 -18.47 -15.53
C VAL B 105 1.16 -18.08 -17.00
N ALA B 106 1.84 -18.81 -17.88
CA ALA B 106 1.66 -18.67 -19.32
C ALA B 106 0.80 -19.84 -19.80
N ALA B 107 -0.39 -19.53 -20.28
CA ALA B 107 -1.35 -20.55 -20.70
C ALA B 107 -1.63 -20.40 -22.18
N THR B 108 -1.44 -21.48 -22.94
CA THR B 108 -1.84 -21.57 -24.32
C THR B 108 -3.10 -22.43 -24.40
N THR B 109 -4.19 -21.85 -24.95
CA THR B 109 -5.50 -22.49 -24.94
C THR B 109 -5.84 -23.07 -26.30
N PRO B 110 -6.62 -24.16 -26.35
CA PRO B 110 -6.86 -24.85 -27.61
C PRO B 110 -8.07 -24.29 -28.37
N ILE B 111 -8.24 -24.81 -29.59
CA ILE B 111 -9.38 -24.44 -30.41
C ILE B 111 -10.62 -25.25 -30.05
N THR B 112 -10.44 -26.44 -29.47
CA THR B 112 -11.59 -27.28 -29.16
C THR B 112 -12.37 -26.78 -27.96
N ASN B 113 -11.69 -26.17 -27.00
CA ASN B 113 -12.32 -25.62 -25.79
C ASN B 113 -11.85 -24.19 -25.58
N PRO B 114 -12.23 -23.27 -26.48
CA PRO B 114 -11.67 -21.92 -26.42
C PRO B 114 -12.24 -21.04 -25.32
N VAL B 115 -13.31 -21.45 -24.66
CA VAL B 115 -13.96 -20.66 -23.62
C VAL B 115 -13.66 -21.21 -22.23
N VAL B 116 -13.90 -22.50 -22.03
CA VAL B 116 -13.76 -23.07 -20.69
C VAL B 116 -12.29 -23.19 -20.29
N THR B 117 -11.39 -23.33 -21.25
CA THR B 117 -9.97 -23.51 -20.88
C THR B 117 -9.36 -22.21 -20.35
N PRO B 118 -9.55 -21.04 -20.97
CA PRO B 118 -9.11 -19.81 -20.31
C PRO B 118 -9.76 -19.61 -18.94
N MET B 119 -11.03 -19.99 -18.81
CA MET B 119 -11.70 -19.90 -17.51
C MET B 119 -11.08 -20.87 -16.50
N CYS B 120 -10.87 -22.12 -16.92
CA CYS B 120 -10.33 -23.13 -16.01
C CYS B 120 -8.94 -22.75 -15.52
N ASN B 121 -8.07 -22.34 -16.45
CA ASN B 121 -6.70 -22.01 -16.07
C ASN B 121 -6.66 -20.74 -15.22
N ALA B 122 -7.52 -19.77 -15.51
CA ALA B 122 -7.53 -18.53 -14.73
C ALA B 122 -8.04 -18.78 -13.31
N MET B 123 -9.07 -19.64 -13.17
CA MET B 123 -9.58 -19.94 -11.84
C MET B 123 -8.54 -20.69 -11.00
N ALA B 124 -7.86 -21.66 -11.61
CA ALA B 124 -6.85 -22.42 -10.88
C ALA B 124 -5.65 -21.55 -10.51
N ALA B 125 -5.28 -20.62 -11.40
CA ALA B 125 -4.13 -19.76 -11.14
C ALA B 125 -4.43 -18.74 -10.06
N ILE B 126 -5.55 -18.01 -10.19
CA ILE B 126 -5.89 -16.98 -9.22
C ILE B 126 -6.22 -17.60 -7.87
N LYS B 127 -6.75 -18.83 -7.86
CA LYS B 127 -7.00 -19.55 -6.61
C LYS B 127 -5.75 -19.61 -5.74
N GLY B 128 -4.58 -19.70 -6.36
CA GLY B 128 -3.34 -19.75 -5.61
C GLY B 128 -2.54 -18.46 -5.69
N ARG B 129 -3.24 -17.34 -5.89
CA ARG B 129 -2.63 -16.01 -5.92
C ARG B 129 -1.62 -15.85 -7.04
N ASN B 130 -1.86 -16.52 -8.17
CA ASN B 130 -1.04 -16.36 -9.36
C ASN B 130 -1.76 -15.48 -10.38
N THR B 131 -0.97 -14.87 -11.26
CA THR B 131 -1.49 -14.19 -12.45
C THR B 131 -1.27 -15.08 -13.66
N ILE B 132 -1.98 -14.78 -14.74
CA ILE B 132 -2.00 -15.63 -15.92
C ILE B 132 -2.02 -14.77 -17.17
N ILE B 133 -1.25 -15.19 -18.18
CA ILE B 133 -1.27 -14.60 -19.51
C ILE B 133 -1.73 -15.68 -20.48
N VAL B 134 -2.81 -15.40 -21.21
CA VAL B 134 -3.45 -16.38 -22.09
C VAL B 134 -3.00 -16.13 -23.52
N ALA B 135 -2.51 -17.19 -24.18
CA ALA B 135 -2.18 -17.15 -25.60
C ALA B 135 -3.14 -18.07 -26.35
N PRO B 136 -4.19 -17.53 -26.97
CA PRO B 136 -5.21 -18.37 -27.56
C PRO B 136 -4.78 -19.00 -28.88
N HIS B 137 -5.53 -20.00 -29.31
CA HIS B 137 -5.33 -20.58 -30.63
C HIS B 137 -5.73 -19.56 -31.70
N PRO B 138 -4.98 -19.47 -32.79
CA PRO B 138 -5.27 -18.43 -33.79
C PRO B 138 -6.68 -18.48 -34.36
N LYS B 139 -7.20 -19.68 -34.60
CA LYS B 139 -8.56 -19.83 -35.12
C LYS B 139 -9.63 -19.69 -34.05
N ALA B 140 -9.25 -19.36 -32.81
CA ALA B 140 -10.22 -19.13 -31.76
C ALA B 140 -9.87 -17.91 -30.92
N LYS B 141 -9.04 -17.00 -31.45
CA LYS B 141 -8.53 -15.89 -30.64
C LYS B 141 -9.64 -14.90 -30.28
N LYS B 142 -10.66 -14.76 -31.13
CA LYS B 142 -11.70 -13.78 -30.87
C LYS B 142 -12.59 -14.21 -29.71
N VAL B 143 -13.05 -15.47 -29.71
CA VAL B 143 -13.93 -15.92 -28.65
C VAL B 143 -13.17 -16.12 -27.35
N SER B 144 -11.88 -16.47 -27.43
CA SER B 144 -11.08 -16.58 -26.22
C SER B 144 -10.81 -15.20 -25.62
N ALA B 145 -10.59 -14.19 -26.46
CA ALA B 145 -10.40 -12.84 -25.96
C ALA B 145 -11.67 -12.29 -25.34
N HIS B 146 -12.82 -12.61 -25.93
CA HIS B 146 -14.10 -12.17 -25.36
C HIS B 146 -14.32 -12.80 -23.99
N THR B 147 -13.89 -14.05 -23.82
CA THR B 147 -13.99 -14.69 -22.51
C THR B 147 -13.12 -13.98 -21.49
N VAL B 148 -11.89 -13.62 -21.87
CA VAL B 148 -11.01 -12.88 -20.97
C VAL B 148 -11.57 -11.49 -20.69
N GLU B 149 -12.15 -10.86 -21.71
CA GLU B 149 -12.73 -9.53 -21.54
C GLU B 149 -13.81 -9.52 -20.46
N LEU B 150 -14.79 -10.43 -20.57
CA LEU B 150 -15.88 -10.46 -19.60
C LEU B 150 -15.38 -10.89 -18.23
N MET B 151 -14.38 -11.78 -18.16
CA MET B 151 -13.79 -12.11 -16.88
C MET B 151 -13.12 -10.91 -16.24
N ASN B 152 -12.38 -10.13 -17.03
CA ASN B 152 -11.74 -8.93 -16.50
C ASN B 152 -12.77 -7.88 -16.11
N ALA B 153 -13.91 -7.84 -16.80
CA ALA B 153 -14.97 -6.89 -16.43
C ALA B 153 -15.54 -7.22 -15.06
N GLU B 154 -15.67 -8.52 -14.74
CA GLU B 154 -16.15 -8.91 -13.42
C GLU B 154 -15.09 -8.68 -12.35
N LEU B 155 -13.81 -8.83 -12.71
CA LEU B 155 -12.74 -8.57 -11.75
C LEU B 155 -12.66 -7.09 -11.39
N LYS B 156 -12.91 -6.21 -12.36
CA LYS B 156 -12.86 -4.78 -12.11
C LYS B 156 -13.96 -4.36 -11.14
N LYS B 157 -15.14 -4.95 -11.24
CA LYS B 157 -16.24 -4.59 -10.36
C LYS B 157 -16.02 -5.07 -8.93
N LEU B 158 -15.14 -6.06 -8.73
CA LEU B 158 -14.84 -6.57 -7.40
C LEU B 158 -13.62 -5.91 -6.77
N GLY B 159 -13.02 -4.93 -7.44
CA GLY B 159 -11.86 -4.26 -6.89
C GLY B 159 -10.56 -5.04 -7.00
N ALA B 160 -10.50 -6.03 -7.89
CA ALA B 160 -9.29 -6.82 -8.04
C ALA B 160 -8.16 -5.99 -8.63
N PRO B 161 -6.91 -6.34 -8.35
CA PRO B 161 -5.79 -5.64 -8.99
C PRO B 161 -5.84 -5.79 -10.50
N GLU B 162 -5.45 -4.73 -11.20
CA GLU B 162 -5.51 -4.73 -12.66
C GLU B 162 -4.46 -5.67 -13.23
N ASN B 163 -4.82 -6.29 -14.35
CA ASN B 163 -3.90 -7.10 -15.16
C ASN B 163 -3.55 -8.44 -14.53
N ILE B 164 -4.44 -8.97 -13.66
CA ILE B 164 -4.21 -10.31 -13.16
C ILE B 164 -4.51 -11.34 -14.24
N ILE B 165 -5.31 -10.98 -15.25
CA ILE B 165 -5.54 -11.80 -16.42
C ILE B 165 -5.24 -10.95 -17.65
N GLN B 166 -4.33 -11.42 -18.49
CA GLN B 166 -4.01 -10.75 -19.74
C GLN B 166 -4.05 -11.75 -20.88
N ILE B 167 -4.08 -11.24 -22.10
CA ILE B 167 -4.13 -12.07 -23.30
C ILE B 167 -3.31 -11.40 -24.39
N VAL B 168 -2.59 -12.21 -25.17
CA VAL B 168 -1.79 -11.72 -26.29
C VAL B 168 -2.68 -11.67 -27.52
N GLU B 169 -2.90 -10.46 -28.04
CA GLU B 169 -3.74 -10.30 -29.22
C GLU B 169 -2.98 -10.62 -30.50
N ALA B 170 -1.66 -10.48 -30.51
CA ALA B 170 -0.81 -10.79 -31.67
C ALA B 170 0.14 -11.90 -31.26
N PRO B 171 -0.31 -13.16 -31.28
CA PRO B 171 0.53 -14.28 -30.81
C PRO B 171 1.53 -14.76 -31.86
N SER B 172 2.67 -14.07 -31.92
CA SER B 172 3.75 -14.48 -32.80
C SER B 172 4.41 -15.76 -32.29
N ARG B 173 5.03 -16.50 -33.20
CA ARG B 173 5.69 -17.74 -32.81
C ARG B 173 6.88 -17.46 -31.89
N GLU B 174 7.65 -16.42 -32.19
CA GLU B 174 8.73 -16.02 -31.28
C GLU B 174 8.18 -15.40 -30.00
N ALA B 175 7.05 -14.69 -30.09
CA ALA B 175 6.45 -14.10 -28.90
C ALA B 175 5.93 -15.19 -27.96
N ALA B 176 5.34 -16.25 -28.51
CA ALA B 176 4.88 -17.35 -27.68
C ALA B 176 6.06 -18.07 -27.02
N LYS B 177 7.18 -18.19 -27.74
CA LYS B 177 8.37 -18.79 -27.16
C LYS B 177 8.90 -17.93 -26.01
N GLU B 178 9.00 -16.62 -26.22
CA GLU B 178 9.46 -15.72 -25.17
C GLU B 178 8.49 -15.70 -23.99
N LEU B 179 7.18 -15.82 -24.26
CA LEU B 179 6.20 -15.80 -23.19
C LEU B 179 6.37 -16.99 -22.25
N MET B 180 6.59 -18.18 -22.81
CA MET B 180 6.75 -19.37 -21.98
C MET B 180 8.08 -19.33 -21.22
N GLU B 181 9.13 -18.80 -21.85
CA GLU B 181 10.43 -18.74 -21.19
C GLU B 181 10.45 -17.71 -20.07
N SER B 182 9.66 -16.64 -20.19
CA SER B 182 9.67 -15.55 -19.23
C SER B 182 8.76 -15.81 -18.04
N ALA B 183 7.71 -16.61 -18.21
CA ALA B 183 6.80 -16.89 -17.11
C ALA B 183 7.45 -17.82 -16.09
N ASP B 184 6.78 -17.97 -14.95
CA ASP B 184 7.26 -18.84 -13.89
C ASP B 184 6.79 -20.28 -14.03
N VAL B 185 5.66 -20.49 -14.72
CA VAL B 185 5.14 -21.84 -14.95
C VAL B 185 4.28 -21.77 -16.20
N VAL B 186 4.28 -22.85 -16.98
CA VAL B 186 3.63 -22.87 -18.28
C VAL B 186 2.55 -23.94 -18.29
N ILE B 187 1.40 -23.60 -18.88
CA ILE B 187 0.33 -24.54 -19.15
C ILE B 187 0.13 -24.60 -20.65
N ALA B 188 0.17 -25.81 -21.22
CA ALA B 188 0.05 -26.01 -22.66
C ALA B 188 -1.08 -27.01 -22.91
N THR B 189 -2.25 -26.51 -23.28
CA THR B 189 -3.40 -27.34 -23.63
C THR B 189 -3.61 -27.21 -25.14
N GLY B 190 -3.14 -28.21 -25.88
CA GLY B 190 -3.25 -28.18 -27.34
C GLY B 190 -2.45 -29.30 -27.97
N GLY B 191 -2.03 -29.06 -29.21
CA GLY B 191 -1.27 -30.06 -29.93
C GLY B 191 0.06 -30.35 -29.27
N ALA B 192 0.64 -31.50 -29.64
CA ALA B 192 1.92 -31.91 -29.09
C ALA B 192 3.04 -30.95 -29.44
N GLY B 193 2.90 -30.17 -30.52
CA GLY B 193 3.90 -29.16 -30.82
C GLY B 193 3.91 -28.04 -29.81
N ARG B 194 2.73 -27.64 -29.34
CA ARG B 194 2.66 -26.61 -28.30
C ARG B 194 3.15 -27.15 -26.96
N VAL B 195 2.88 -28.43 -26.68
CA VAL B 195 3.30 -29.02 -25.42
C VAL B 195 4.81 -29.21 -25.39
N LYS B 196 5.40 -29.66 -26.51
CA LYS B 196 6.85 -29.84 -26.56
C LYS B 196 7.57 -28.52 -26.37
N ALA B 197 7.03 -27.43 -26.93
CA ALA B 197 7.62 -26.12 -26.73
C ALA B 197 7.51 -25.67 -25.28
N ALA B 198 6.47 -26.12 -24.57
CA ALA B 198 6.34 -25.78 -23.16
C ALA B 198 7.41 -26.45 -22.32
N TYR B 199 7.71 -27.71 -22.60
CA TYR B 199 8.76 -28.44 -21.90
C TYR B 199 10.14 -28.18 -22.49
N SER B 200 10.26 -27.22 -23.40
CA SER B 200 11.54 -26.81 -23.96
C SER B 200 11.86 -25.35 -23.64
N SER B 201 11.17 -24.78 -22.66
CA SER B 201 11.28 -23.36 -22.35
C SER B 201 12.18 -23.07 -21.16
N GLY B 202 12.75 -24.10 -20.53
CA GLY B 202 13.55 -23.89 -19.34
C GLY B 202 12.76 -23.61 -18.08
N ARG B 203 11.44 -23.76 -18.11
CA ARG B 203 10.56 -23.50 -16.99
C ARG B 203 9.70 -24.72 -16.72
N PRO B 204 9.25 -24.91 -15.47
CA PRO B 204 8.33 -26.01 -15.19
C PRO B 204 7.03 -25.83 -15.97
N ALA B 205 6.63 -26.88 -16.67
CA ALA B 205 5.50 -26.82 -17.59
C ALA B 205 4.49 -27.90 -17.28
N TYR B 206 3.23 -27.63 -17.61
CA TYR B 206 2.15 -28.60 -17.51
C TYR B 206 1.46 -28.68 -18.87
N GLY B 207 1.35 -29.89 -19.41
CA GLY B 207 0.79 -30.05 -20.73
C GLY B 207 -0.20 -31.19 -20.85
N VAL B 208 -0.57 -31.52 -22.08
CA VAL B 208 -1.45 -32.64 -22.38
C VAL B 208 -0.79 -33.49 -23.46
N GLY B 209 -1.37 -34.67 -23.67
CA GLY B 209 -0.94 -35.53 -24.74
C GLY B 209 -2.08 -35.82 -25.71
N PRO B 210 -1.76 -36.40 -26.85
CA PRO B 210 -2.83 -36.77 -27.80
C PRO B 210 -3.75 -37.80 -27.18
N GLY B 211 -5.05 -37.61 -27.39
CA GLY B 211 -6.02 -38.55 -26.89
C GLY B 211 -6.33 -39.65 -27.88
N ASN B 212 -6.84 -40.76 -27.36
CA ASN B 212 -7.31 -41.87 -28.19
C ASN B 212 -8.02 -42.89 -27.31
N SER B 213 -9.15 -42.49 -26.72
CA SER B 213 -9.84 -43.28 -25.71
C SER B 213 -10.32 -44.62 -26.25
N GLN B 214 -9.64 -45.70 -25.89
CA GLN B 214 -10.08 -47.04 -26.22
C GLN B 214 -11.13 -47.51 -25.23
N VAL B 215 -12.15 -48.21 -25.74
CA VAL B 215 -13.29 -48.63 -24.93
C VAL B 215 -13.45 -50.14 -25.04
N ILE B 216 -13.50 -50.81 -23.90
CA ILE B 216 -13.74 -52.25 -23.84
C ILE B 216 -15.15 -52.47 -23.30
N VAL B 217 -15.96 -53.18 -24.08
CA VAL B 217 -17.26 -53.65 -23.62
C VAL B 217 -17.07 -55.08 -23.15
N ASP B 218 -17.27 -55.31 -21.86
CA ASP B 218 -17.03 -56.63 -21.28
C ASP B 218 -18.24 -57.54 -21.50
N LYS B 219 -17.98 -58.84 -21.53
CA LYS B 219 -19.04 -59.82 -21.74
C LYS B 219 -20.06 -59.78 -20.60
N GLY B 220 -21.34 -59.87 -20.97
CA GLY B 220 -22.40 -59.91 -20.00
C GLY B 220 -22.89 -58.56 -19.50
N TYR B 221 -22.25 -57.47 -19.91
CA TYR B 221 -22.68 -56.15 -19.47
C TYR B 221 -23.96 -55.75 -20.20
N ASP B 222 -24.68 -54.79 -19.60
CA ASP B 222 -25.84 -54.20 -20.27
C ASP B 222 -25.39 -53.47 -21.52
N TYR B 223 -25.43 -54.17 -22.66
CA TYR B 223 -24.94 -53.59 -23.91
C TYR B 223 -25.74 -52.37 -24.32
N ASN B 224 -27.01 -52.28 -23.91
CA ASN B 224 -27.81 -51.11 -24.22
C ASN B 224 -27.28 -49.89 -23.47
N LYS B 225 -27.01 -50.03 -22.18
CA LYS B 225 -26.45 -48.91 -21.41
C LYS B 225 -25.04 -48.57 -21.89
N ALA B 226 -24.23 -49.59 -22.19
CA ALA B 226 -22.90 -49.34 -22.73
C ALA B 226 -22.96 -48.58 -24.04
N ALA B 227 -23.92 -48.93 -24.90
CA ALA B 227 -24.06 -48.23 -26.17
C ALA B 227 -24.48 -46.78 -25.96
N GLN B 228 -25.40 -46.53 -25.02
CA GLN B 228 -25.85 -45.17 -24.78
C GLN B 228 -24.73 -44.29 -24.25
N ASP B 229 -23.91 -44.82 -23.33
CA ASP B 229 -22.84 -44.02 -22.76
C ASP B 229 -21.74 -43.74 -23.80
N ILE B 230 -21.38 -44.74 -24.60
CA ILE B 230 -20.32 -44.56 -25.58
C ILE B 230 -20.76 -43.58 -26.66
N ILE B 231 -22.00 -43.68 -27.12
CA ILE B 231 -22.51 -42.76 -28.14
C ILE B 231 -22.55 -41.34 -27.59
N THR B 232 -22.96 -41.18 -26.33
CA THR B 232 -23.01 -39.85 -25.71
C THR B 232 -21.63 -39.20 -25.71
N GLY B 233 -20.59 -39.95 -25.37
CA GLY B 233 -19.25 -39.41 -25.35
C GLY B 233 -18.66 -39.19 -26.73
N ARG B 234 -18.96 -40.10 -27.66
CA ARG B 234 -18.38 -39.98 -29.00
C ARG B 234 -18.95 -38.78 -29.75
N LYS B 235 -20.23 -38.48 -29.56
CA LYS B 235 -20.90 -37.45 -30.34
C LYS B 235 -20.85 -36.07 -29.69
N TYR B 236 -20.42 -36.00 -28.43
CA TYR B 236 -20.42 -34.72 -27.72
C TYR B 236 -19.50 -33.73 -28.42
N ASP B 237 -20.04 -32.56 -28.75
CA ASP B 237 -19.30 -31.50 -29.44
C ASP B 237 -18.68 -32.01 -30.73
N ASN B 238 -19.37 -32.93 -31.40
CA ASN B 238 -18.88 -33.60 -32.62
C ASN B 238 -17.53 -34.28 -32.39
N GLY B 239 -17.30 -34.74 -31.16
CA GLY B 239 -16.15 -35.60 -30.89
C GLY B 239 -14.80 -34.93 -30.82
N ILE B 240 -14.74 -33.63 -30.50
CA ILE B 240 -13.46 -32.94 -30.39
C ILE B 240 -12.89 -32.96 -28.98
N ILE B 241 -13.59 -33.57 -28.02
CA ILE B 241 -13.04 -33.70 -26.68
C ILE B 241 -11.96 -34.78 -26.68
N CYS B 242 -10.82 -34.48 -26.07
CA CYS B 242 -9.68 -35.40 -26.14
C CYS B 242 -9.94 -36.72 -25.44
N SER B 243 -10.96 -36.80 -24.59
CA SER B 243 -11.31 -38.04 -23.91
C SER B 243 -12.46 -38.78 -24.60
N SER B 244 -12.87 -38.32 -25.77
CA SER B 244 -14.04 -38.89 -26.43
C SER B 244 -13.76 -40.33 -26.88
N GLU B 245 -14.80 -41.17 -26.80
CA GLU B 245 -14.68 -42.57 -27.21
C GLU B 245 -14.21 -42.67 -28.65
N GLN B 246 -13.25 -43.57 -28.89
CA GLN B 246 -12.66 -43.74 -30.21
C GLN B 246 -12.88 -45.11 -30.81
N SER B 247 -13.03 -46.16 -29.99
CA SER B 247 -13.17 -47.51 -30.47
C SER B 247 -14.22 -48.23 -29.66
N VAL B 248 -14.70 -49.35 -30.21
CA VAL B 248 -15.62 -50.25 -29.53
C VAL B 248 -14.99 -51.63 -29.58
N ILE B 249 -14.31 -52.02 -28.51
CA ILE B 249 -13.67 -53.34 -28.41
C ILE B 249 -14.71 -54.26 -27.78
N ALA B 250 -15.44 -55.00 -28.62
CA ALA B 250 -16.59 -55.79 -28.23
C ALA B 250 -16.29 -57.29 -28.34
N PRO B 251 -16.91 -58.12 -27.50
CA PRO B 251 -16.64 -59.56 -27.56
C PRO B 251 -17.22 -60.18 -28.83
N ALA B 252 -16.47 -61.12 -29.40
CA ALA B 252 -16.88 -61.74 -30.66
C ALA B 252 -18.13 -62.59 -30.51
N GLU B 253 -18.32 -63.23 -29.36
CA GLU B 253 -19.49 -64.09 -29.17
C GLU B 253 -20.79 -63.30 -29.06
N ASP B 254 -20.72 -62.02 -28.66
CA ASP B 254 -21.89 -61.16 -28.57
C ASP B 254 -21.77 -59.94 -29.48
N TYR B 255 -21.01 -60.08 -30.57
CA TYR B 255 -20.69 -58.91 -31.39
C TYR B 255 -21.95 -58.33 -32.04
N ASP B 256 -22.75 -59.18 -32.70
CA ASP B 256 -23.97 -58.69 -33.32
C ASP B 256 -24.93 -58.09 -32.30
N LYS B 257 -24.95 -58.63 -31.08
CA LYS B 257 -25.78 -58.07 -30.03
C LYS B 257 -25.32 -56.66 -29.66
N VAL B 258 -24.01 -56.46 -29.52
CA VAL B 258 -23.50 -55.14 -29.17
C VAL B 258 -23.75 -54.15 -30.30
N ILE B 259 -23.53 -54.57 -31.54
CA ILE B 259 -23.79 -53.69 -32.68
C ILE B 259 -25.27 -53.31 -32.74
N ALA B 260 -26.15 -54.27 -32.46
CA ALA B 260 -27.58 -53.97 -32.47
C ALA B 260 -27.95 -52.97 -31.39
N ALA B 261 -27.25 -52.99 -30.25
CA ALA B 261 -27.52 -52.03 -29.19
C ALA B 261 -27.07 -50.62 -29.60
N PHE B 262 -25.97 -50.53 -30.35
CA PHE B 262 -25.55 -49.23 -30.87
C PHE B 262 -26.54 -48.71 -31.91
N VAL B 263 -26.97 -49.57 -32.84
CA VAL B 263 -27.96 -49.16 -33.84
C VAL B 263 -29.25 -48.73 -33.17
N GLU B 264 -29.69 -49.48 -32.15
CA GLU B 264 -30.91 -49.13 -31.42
C GLU B 264 -30.83 -47.73 -30.84
N ASN B 265 -29.63 -47.25 -30.51
CA ASN B 265 -29.44 -45.94 -29.89
C ASN B 265 -28.85 -44.92 -30.83
N GLY B 266 -29.03 -45.10 -32.14
CA GLY B 266 -28.73 -44.07 -33.10
C GLY B 266 -27.45 -44.21 -33.89
N ALA B 267 -26.77 -45.35 -33.80
CA ALA B 267 -25.53 -45.56 -34.54
C ALA B 267 -25.83 -46.11 -35.92
N PHE B 268 -25.03 -45.68 -36.90
CA PHE B 268 -25.05 -46.24 -38.25
C PHE B 268 -23.82 -47.12 -38.40
N TYR B 269 -24.03 -48.43 -38.45
CA TYR B 269 -22.94 -49.40 -38.51
C TYR B 269 -22.65 -49.80 -39.94
N VAL B 270 -21.37 -49.81 -40.30
CA VAL B 270 -20.92 -50.13 -41.65
C VAL B 270 -20.00 -51.35 -41.56
N GLU B 271 -20.40 -52.44 -42.21
CA GLU B 271 -19.59 -53.65 -42.27
C GLU B 271 -18.96 -53.88 -43.63
N ASP B 272 -19.59 -53.40 -44.70
CA ASP B 272 -19.05 -53.58 -46.03
C ASP B 272 -17.68 -52.90 -46.14
N GLU B 273 -16.67 -53.69 -46.50
CA GLU B 273 -15.30 -53.18 -46.57
C GLU B 273 -15.19 -52.02 -47.56
N GLU B 274 -15.87 -52.12 -48.70
CA GLU B 274 -15.83 -51.05 -49.68
C GLU B 274 -16.46 -49.78 -49.15
N THR B 275 -17.55 -49.90 -48.39
CA THR B 275 -18.19 -48.72 -47.82
C THR B 275 -17.39 -48.15 -46.66
N VAL B 276 -16.77 -49.03 -45.87
CA VAL B 276 -15.86 -48.57 -44.81
C VAL B 276 -14.70 -47.78 -45.43
N GLU B 277 -14.19 -48.24 -46.57
CA GLU B 277 -13.08 -47.55 -47.22
C GLU B 277 -13.47 -46.15 -47.67
N LYS B 278 -14.72 -45.95 -48.08
CA LYS B 278 -15.18 -44.61 -48.45
C LYS B 278 -15.11 -43.67 -47.27
N PHE B 279 -15.44 -44.16 -46.06
CA PHE B 279 -15.29 -43.33 -44.87
C PHE B 279 -13.83 -43.19 -44.48
N ARG B 280 -13.05 -44.28 -44.57
CA ARG B 280 -11.65 -44.22 -44.18
C ARG B 280 -10.86 -43.24 -45.05
N SER B 281 -11.09 -43.27 -46.36
CA SER B 281 -10.39 -42.35 -47.27
C SER B 281 -10.85 -40.91 -47.11
N THR B 282 -11.96 -40.67 -46.41
CA THR B 282 -12.43 -39.31 -46.13
C THR B 282 -11.90 -38.80 -44.80
N LEU B 283 -11.86 -39.65 -43.77
CA LEU B 283 -11.39 -39.22 -42.47
C LEU B 283 -9.87 -39.04 -42.45
N PHE B 284 -9.14 -39.92 -43.13
CA PHE B 284 -7.69 -39.86 -43.20
C PHE B 284 -7.27 -39.75 -44.65
N LYS B 285 -6.34 -38.84 -44.93
CA LYS B 285 -5.89 -38.60 -46.30
C LYS B 285 -4.53 -39.21 -46.55
N ASP B 286 -3.49 -38.67 -45.91
CA ASP B 286 -2.14 -39.17 -46.08
C ASP B 286 -1.60 -39.71 -44.76
N GLY B 287 -2.38 -40.57 -44.11
CA GLY B 287 -2.05 -41.08 -42.80
C GLY B 287 -2.43 -40.17 -41.65
N LYS B 288 -2.88 -38.94 -41.93
CA LYS B 288 -3.30 -38.01 -40.89
C LYS B 288 -4.78 -37.69 -41.05
N ILE B 289 -5.38 -37.22 -39.94
CA ILE B 289 -6.79 -36.90 -39.94
C ILE B 289 -7.07 -35.75 -40.89
N ASN B 290 -8.18 -35.84 -41.61
CA ASN B 290 -8.60 -34.77 -42.50
C ASN B 290 -9.13 -33.60 -41.68
N SER B 291 -8.48 -32.44 -41.79
CA SER B 291 -8.87 -31.28 -41.00
C SER B 291 -10.25 -30.76 -41.38
N LYS B 292 -10.74 -31.07 -42.59
CA LYS B 292 -12.02 -30.56 -43.03
C LYS B 292 -13.20 -31.24 -42.34
N ILE B 293 -12.99 -32.40 -41.73
CA ILE B 293 -14.07 -33.13 -41.05
C ILE B 293 -13.92 -33.09 -39.54
N ILE B 294 -12.89 -32.43 -39.01
CA ILE B 294 -12.74 -32.34 -37.56
C ILE B 294 -13.90 -31.54 -36.98
N GLY B 295 -14.59 -32.14 -36.02
CA GLY B 295 -15.70 -31.47 -35.37
C GLY B 295 -16.91 -31.24 -36.24
N LYS B 296 -17.05 -31.99 -37.33
CA LYS B 296 -18.17 -31.86 -38.23
C LYS B 296 -19.22 -32.94 -37.92
N SER B 297 -20.45 -32.68 -38.38
CA SER B 297 -21.56 -33.56 -38.08
C SER B 297 -21.46 -34.88 -38.86
N VAL B 298 -22.36 -35.80 -38.53
CA VAL B 298 -22.41 -37.08 -39.23
C VAL B 298 -22.77 -36.87 -40.70
N GLN B 299 -23.73 -35.99 -40.97
CA GLN B 299 -24.18 -35.81 -42.34
C GLN B 299 -23.12 -35.15 -43.21
N ILE B 300 -22.33 -34.22 -42.64
CA ILE B 300 -21.25 -33.61 -43.40
C ILE B 300 -20.21 -34.65 -43.78
N ILE B 301 -19.88 -35.54 -42.84
CA ILE B 301 -18.95 -36.63 -43.14
C ILE B 301 -19.56 -37.59 -44.15
N ALA B 302 -20.85 -37.87 -44.01
CA ALA B 302 -21.51 -38.78 -44.94
C ALA B 302 -21.51 -38.23 -46.36
N ASP B 303 -21.83 -36.94 -46.51
CA ASP B 303 -21.86 -36.34 -47.84
C ASP B 303 -20.48 -36.36 -48.49
N LEU B 304 -19.45 -35.99 -47.73
CA LEU B 304 -18.09 -36.01 -48.27
C LEU B 304 -17.66 -37.42 -48.63
N ALA B 305 -18.08 -38.41 -47.84
CA ALA B 305 -17.76 -39.80 -48.15
C ALA B 305 -18.64 -40.39 -49.24
N GLY B 306 -19.72 -39.71 -49.61
CA GLY B 306 -20.60 -40.23 -50.65
C GLY B 306 -21.42 -41.43 -50.22
N VAL B 307 -21.76 -41.52 -48.94
CA VAL B 307 -22.52 -42.65 -48.40
C VAL B 307 -23.78 -42.10 -47.73
N LYS B 308 -24.93 -42.63 -48.12
CA LYS B 308 -26.20 -42.21 -47.53
C LYS B 308 -26.28 -42.71 -46.09
N VAL B 309 -26.48 -41.79 -45.16
CA VAL B 309 -26.63 -42.10 -43.74
C VAL B 309 -27.97 -41.54 -43.29
N PRO B 310 -28.82 -42.32 -42.62
CA PRO B 310 -30.16 -41.84 -42.28
C PRO B 310 -30.11 -40.62 -41.38
N GLU B 311 -31.10 -39.75 -41.56
CA GLU B 311 -31.23 -38.58 -40.70
C GLU B 311 -31.52 -39.02 -39.28
N GLY B 312 -30.98 -38.28 -38.31
CA GLY B 312 -31.07 -38.65 -36.92
C GLY B 312 -29.94 -39.52 -36.42
N THR B 313 -29.08 -40.00 -37.32
CA THR B 313 -27.93 -40.80 -36.90
C THR B 313 -27.01 -39.98 -36.00
N LYS B 314 -26.60 -40.58 -34.88
CA LYS B 314 -25.77 -39.88 -33.91
C LYS B 314 -24.28 -40.14 -34.14
N VAL B 315 -23.90 -41.39 -34.42
CA VAL B 315 -22.50 -41.74 -34.64
C VAL B 315 -22.41 -42.74 -35.79
N ILE B 316 -21.20 -42.87 -36.31
CA ILE B 316 -20.88 -43.85 -37.35
C ILE B 316 -19.92 -44.87 -36.76
N VAL B 317 -20.22 -46.15 -36.92
CA VAL B 317 -19.37 -47.24 -36.45
C VAL B 317 -18.84 -47.99 -37.65
N LEU B 318 -17.52 -48.12 -37.73
CA LEU B 318 -16.85 -48.76 -38.86
C LEU B 318 -16.13 -50.01 -38.38
N LYS B 319 -16.38 -51.13 -39.06
CA LYS B 319 -15.64 -52.36 -38.80
C LYS B 319 -14.18 -52.18 -39.21
N GLY B 320 -13.28 -52.27 -38.23
CA GLY B 320 -11.88 -52.07 -38.52
C GLY B 320 -11.22 -53.30 -39.13
N LYS B 321 -10.16 -53.06 -39.90
CA LYS B 321 -9.43 -54.15 -40.53
C LYS B 321 -8.66 -54.97 -39.50
N GLY B 322 -8.15 -54.34 -38.46
CA GLY B 322 -7.39 -55.05 -37.45
C GLY B 322 -6.92 -54.10 -36.37
N ALA B 323 -6.23 -54.68 -35.40
CA ALA B 323 -5.75 -53.93 -34.25
C ALA B 323 -4.47 -53.16 -34.60
N GLY B 324 -4.29 -52.01 -33.94
CA GLY B 324 -3.07 -51.25 -34.12
C GLY B 324 -2.98 -50.62 -35.49
N GLU B 325 -1.79 -50.72 -36.09
CA GLU B 325 -1.52 -50.10 -37.38
C GLU B 325 -2.14 -50.84 -38.56
N LYS B 326 -2.88 -51.93 -38.31
CA LYS B 326 -3.58 -52.61 -39.38
C LYS B 326 -4.73 -51.80 -39.95
N ASP B 327 -5.05 -50.66 -39.35
CA ASP B 327 -6.13 -49.80 -39.84
C ASP B 327 -5.91 -48.41 -39.27
N VAL B 328 -5.90 -47.40 -40.15
CA VAL B 328 -5.70 -46.03 -39.69
C VAL B 328 -6.88 -45.53 -38.88
N LEU B 329 -8.04 -46.17 -39.00
CA LEU B 329 -9.21 -45.83 -38.19
C LEU B 329 -8.97 -46.02 -36.71
N CYS B 330 -7.91 -46.74 -36.32
CA CYS B 330 -7.60 -46.92 -34.90
C CYS B 330 -6.86 -45.73 -34.31
N LYS B 331 -6.49 -44.74 -35.11
CA LYS B 331 -5.89 -43.53 -34.58
C LYS B 331 -6.97 -42.63 -33.99
N GLU B 332 -6.55 -41.48 -33.46
CA GLU B 332 -7.50 -40.53 -32.92
C GLU B 332 -8.37 -39.94 -34.01
N LYS B 333 -9.68 -39.93 -33.79
CA LYS B 333 -10.65 -39.40 -34.74
C LYS B 333 -11.46 -38.32 -34.04
N MET B 334 -11.21 -37.06 -34.39
CA MET B 334 -11.93 -35.93 -33.80
C MET B 334 -13.21 -35.65 -34.59
N CYS B 335 -14.10 -36.63 -34.56
CA CYS B 335 -15.36 -36.60 -35.28
C CYS B 335 -16.21 -37.77 -34.78
N PRO B 336 -17.54 -37.70 -34.94
CA PRO B 336 -18.40 -38.76 -34.37
C PRO B 336 -18.31 -40.09 -35.13
N VAL B 337 -17.12 -40.69 -35.15
CA VAL B 337 -16.89 -41.95 -35.84
C VAL B 337 -16.15 -42.90 -34.89
N LEU B 338 -16.63 -44.14 -34.81
CA LEU B 338 -16.03 -45.17 -33.97
C LEU B 338 -15.53 -46.31 -34.84
N VAL B 339 -14.45 -46.96 -34.40
CA VAL B 339 -13.93 -48.17 -35.03
C VAL B 339 -14.28 -49.35 -34.15
N ALA B 340 -14.80 -50.41 -34.75
CA ALA B 340 -15.28 -51.59 -34.03
C ALA B 340 -14.30 -52.74 -34.21
N LEU B 341 -13.97 -53.41 -33.11
CA LEU B 341 -13.03 -54.52 -33.13
C LEU B 341 -13.57 -55.65 -32.25
N LYS B 342 -13.21 -56.88 -32.62
CA LYS B 342 -13.65 -58.07 -31.90
C LYS B 342 -12.52 -58.62 -31.04
N TYR B 343 -12.89 -59.33 -29.98
CA TYR B 343 -11.93 -60.01 -29.14
C TYR B 343 -12.51 -61.32 -28.65
N ASP B 344 -11.62 -62.28 -28.36
CA ASP B 344 -12.00 -63.58 -27.82
C ASP B 344 -12.05 -63.54 -26.29
N THR B 345 -10.92 -63.27 -25.66
CA THR B 345 -10.81 -63.18 -24.21
C THR B 345 -10.62 -61.73 -23.78
N PHE B 346 -10.96 -61.46 -22.52
CA PHE B 346 -10.78 -60.11 -22.00
C PHE B 346 -9.31 -59.70 -22.01
N GLU B 347 -8.40 -60.65 -21.83
CA GLU B 347 -6.97 -60.34 -21.93
C GLU B 347 -6.62 -59.87 -23.33
N GLU B 348 -7.23 -60.47 -24.36
CA GLU B 348 -7.01 -60.00 -25.72
C GLU B 348 -7.60 -58.61 -25.93
N ALA B 349 -8.76 -58.34 -25.32
CA ALA B 349 -9.35 -57.01 -25.43
C ALA B 349 -8.40 -55.94 -24.90
N VAL B 350 -7.70 -56.23 -23.80
CA VAL B 350 -6.73 -55.29 -23.26
C VAL B 350 -5.54 -55.16 -24.19
N GLU B 351 -5.10 -56.28 -24.78
CA GLU B 351 -3.99 -56.23 -25.73
C GLU B 351 -4.34 -55.41 -26.96
N ILE B 352 -5.61 -55.46 -27.39
CA ILE B 352 -6.04 -54.66 -28.53
C ILE B 352 -5.98 -53.18 -28.19
N ALA B 353 -6.53 -52.79 -27.03
CA ALA B 353 -6.43 -51.41 -26.60
C ALA B 353 -4.98 -50.99 -26.42
N MET B 354 -4.15 -51.89 -25.89
CA MET B 354 -2.72 -51.61 -25.73
C MET B 354 -2.09 -51.26 -27.07
N ALA B 355 -2.38 -52.05 -28.10
CA ALA B 355 -1.78 -51.80 -29.41
C ALA B 355 -2.25 -50.47 -30.00
N ASN B 356 -3.51 -50.11 -29.75
CA ASN B 356 -4.01 -48.82 -30.23
C ASN B 356 -3.37 -47.66 -29.50
N TYR B 357 -3.06 -47.82 -28.21
CA TYR B 357 -2.38 -46.75 -27.48
C TYR B 357 -0.93 -46.59 -27.94
N MET B 358 -0.27 -47.69 -28.26
CA MET B 358 1.07 -47.60 -28.85
C MET B 358 1.02 -46.94 -30.22
N TYR B 359 -0.08 -47.12 -30.95
CA TYR B 359 -0.28 -46.43 -32.22
C TYR B 359 -0.38 -44.92 -31.99
N GLU B 360 -1.25 -44.52 -31.07
CA GLU B 360 -1.45 -43.11 -30.74
C GLU B 360 -2.29 -43.01 -29.47
N GLY B 361 -1.97 -42.03 -28.63
CA GLY B 361 -2.79 -41.72 -27.49
C GLY B 361 -2.34 -42.29 -26.15
N ALA B 362 -1.17 -42.90 -26.09
CA ALA B 362 -0.71 -43.52 -24.84
C ALA B 362 -0.60 -42.47 -23.74
N GLY B 363 -1.15 -42.79 -22.57
CA GLY B 363 -1.09 -41.93 -21.42
C GLY B 363 -2.36 -41.18 -21.09
N HIS B 364 -3.35 -41.19 -21.99
CA HIS B 364 -4.55 -40.40 -21.77
C HIS B 364 -5.62 -41.18 -21.02
N THR B 365 -6.74 -41.46 -21.68
CA THR B 365 -7.92 -42.00 -21.02
C THR B 365 -8.37 -43.28 -21.70
N ALA B 366 -8.95 -44.18 -20.90
CA ALA B 366 -9.60 -45.37 -21.41
C ALA B 366 -10.99 -45.49 -20.79
N GLY B 367 -11.86 -46.22 -21.47
CA GLY B 367 -13.18 -46.51 -20.98
C GLY B 367 -13.41 -48.01 -20.91
N ILE B 368 -14.22 -48.42 -19.94
CA ILE B 368 -14.58 -49.83 -19.79
C ILE B 368 -15.98 -49.92 -19.22
N HIS B 369 -16.77 -50.85 -19.74
CA HIS B 369 -18.14 -51.10 -19.30
C HIS B 369 -18.21 -52.56 -18.88
N SER B 370 -18.18 -52.80 -17.57
CA SER B 370 -18.03 -54.14 -17.03
C SER B 370 -18.68 -54.22 -15.66
N ASP B 371 -19.17 -55.42 -15.34
CA ASP B 371 -19.59 -55.76 -13.99
C ASP B 371 -18.55 -56.59 -13.26
N ASN B 372 -17.44 -56.92 -13.92
CA ASN B 372 -16.38 -57.75 -13.35
C ASN B 372 -15.29 -56.83 -12.83
N ASP B 373 -15.24 -56.66 -11.50
CA ASP B 373 -14.26 -55.76 -10.92
C ASP B 373 -12.84 -56.25 -11.13
N GLU B 374 -12.63 -57.56 -11.21
CA GLU B 374 -11.30 -58.08 -11.52
C GLU B 374 -10.85 -57.66 -12.90
N ASN B 375 -11.77 -57.67 -13.87
CA ASN B 375 -11.43 -57.22 -15.22
C ASN B 375 -11.17 -55.71 -15.24
N ILE B 376 -11.93 -54.95 -14.47
CA ILE B 376 -11.71 -53.50 -14.40
C ILE B 376 -10.35 -53.20 -13.81
N ARG B 377 -10.00 -53.86 -12.71
CA ARG B 377 -8.72 -53.61 -12.05
C ARG B 377 -7.55 -54.11 -12.89
N TYR B 378 -7.74 -55.18 -13.67
CA TYR B 378 -6.66 -55.67 -14.51
C TYR B 378 -6.37 -54.72 -15.65
N ALA B 379 -7.41 -54.16 -16.28
CA ALA B 379 -7.20 -53.22 -17.38
C ALA B 379 -6.53 -51.94 -16.88
N GLY B 380 -6.94 -51.44 -15.72
CA GLY B 380 -6.30 -50.26 -15.16
C GLY B 380 -4.88 -50.51 -14.70
N THR B 381 -4.53 -51.76 -14.40
CA THR B 381 -3.19 -52.08 -13.91
C THR B 381 -2.16 -52.13 -15.03
N VAL B 382 -2.57 -52.49 -16.25
CA VAL B 382 -1.62 -52.72 -17.33
C VAL B 382 -1.71 -51.69 -18.45
N LEU B 383 -2.85 -51.02 -18.63
CA LEU B 383 -2.97 -50.11 -19.77
C LEU B 383 -2.21 -48.81 -19.50
N PRO B 384 -1.45 -48.31 -20.48
CA PRO B 384 -0.75 -47.04 -20.29
C PRO B 384 -1.69 -45.85 -20.35
N ILE B 385 -2.47 -45.67 -19.29
CA ILE B 385 -3.49 -44.62 -19.22
C ILE B 385 -3.35 -43.88 -17.90
N SER B 386 -3.85 -42.64 -17.89
CA SER B 386 -3.95 -41.87 -16.66
C SER B 386 -5.34 -41.97 -16.02
N ARG B 387 -6.36 -42.30 -16.79
CA ARG B 387 -7.73 -42.36 -16.30
C ARG B 387 -8.44 -43.55 -16.94
N LEU B 388 -9.04 -44.39 -16.11
CA LEU B 388 -9.91 -45.47 -16.57
C LEU B 388 -11.33 -45.11 -16.14
N VAL B 389 -12.17 -44.81 -17.12
CA VAL B 389 -13.54 -44.37 -16.88
C VAL B 389 -14.45 -45.58 -16.94
N VAL B 390 -15.17 -45.86 -15.85
CA VAL B 390 -15.90 -47.11 -15.66
C VAL B 390 -17.40 -46.82 -15.68
N ASN B 391 -18.10 -47.47 -16.62
CA ASN B 391 -19.57 -47.51 -16.63
C ASN B 391 -20.19 -46.12 -16.74
N GLN B 392 -19.59 -45.28 -17.58
CA GLN B 392 -20.07 -43.92 -17.82
C GLN B 392 -19.40 -43.41 -19.09
N PRO B 393 -19.96 -42.37 -19.72
CA PRO B 393 -19.30 -41.81 -20.90
C PRO B 393 -17.88 -41.36 -20.58
N ALA B 394 -16.97 -41.62 -21.53
CA ALA B 394 -15.56 -41.33 -21.30
C ALA B 394 -15.30 -39.83 -21.20
N THR B 395 -16.18 -38.99 -21.74
CA THR B 395 -16.02 -37.54 -21.60
C THR B 395 -16.18 -37.05 -20.17
N THR B 396 -16.61 -37.91 -19.26
CA THR B 396 -16.62 -37.57 -17.83
C THR B 396 -15.24 -37.67 -17.21
N ALA B 397 -14.21 -38.00 -18.00
CA ALA B 397 -12.86 -38.09 -17.47
C ALA B 397 -12.38 -36.73 -16.96
N GLY B 398 -12.85 -35.64 -17.56
CA GLY B 398 -12.53 -34.30 -17.12
C GLY B 398 -13.35 -33.80 -15.96
N GLY B 399 -14.11 -34.68 -15.31
CA GLY B 399 -14.91 -34.27 -14.17
C GLY B 399 -16.39 -34.51 -14.35
N SER B 400 -17.04 -34.97 -13.29
CA SER B 400 -18.47 -35.21 -13.29
C SER B 400 -18.95 -35.25 -11.85
N PHE B 401 -20.21 -34.85 -11.64
CA PHE B 401 -20.78 -34.91 -10.31
C PHE B 401 -21.04 -36.33 -9.83
N ASN B 402 -20.75 -37.34 -10.66
CA ASN B 402 -20.95 -38.73 -10.29
C ASN B 402 -19.66 -39.54 -10.30
N ASN B 403 -18.50 -38.89 -10.41
CA ASN B 403 -17.22 -39.59 -10.32
C ASN B 403 -16.25 -38.74 -9.50
N GLY B 404 -15.06 -39.29 -9.27
CA GLY B 404 -14.05 -38.65 -8.46
C GLY B 404 -12.97 -37.91 -9.20
N PHE B 405 -13.02 -37.86 -10.53
CA PHE B 405 -12.02 -37.11 -11.28
C PHE B 405 -12.15 -35.62 -10.98
N ASN B 406 -11.01 -34.95 -10.83
CA ASN B 406 -11.02 -33.52 -10.55
C ASN B 406 -11.48 -32.76 -11.77
N PRO B 407 -12.42 -31.81 -11.62
CA PRO B 407 -12.89 -31.05 -12.78
C PRO B 407 -11.77 -30.22 -13.39
N THR B 408 -11.70 -30.21 -14.72
CA THR B 408 -10.62 -29.53 -15.41
C THR B 408 -10.97 -29.43 -16.89
N THR B 409 -10.15 -28.67 -17.61
CA THR B 409 -10.13 -28.69 -19.06
C THR B 409 -8.77 -29.13 -19.59
N THR B 410 -7.78 -29.32 -18.72
CA THR B 410 -6.42 -29.70 -19.09
C THR B 410 -6.13 -31.07 -18.46
N LEU B 411 -6.18 -32.12 -19.27
CA LEU B 411 -6.03 -33.50 -18.78
C LEU B 411 -4.60 -33.96 -19.09
N GLY B 412 -3.76 -33.99 -18.06
CA GLY B 412 -2.39 -34.44 -18.24
C GLY B 412 -2.32 -35.93 -18.53
N CYS B 413 -1.29 -36.32 -19.29
CA CYS B 413 -1.15 -37.69 -19.77
C CYS B 413 0.14 -38.35 -19.29
N GLY B 414 0.76 -37.84 -18.23
CA GLY B 414 1.92 -38.49 -17.66
C GLY B 414 3.13 -38.53 -18.59
N SER B 415 4.05 -39.43 -18.25
CA SER B 415 5.28 -39.55 -19.01
C SER B 415 5.03 -40.10 -20.41
N TRP B 416 3.95 -40.86 -20.60
CA TRP B 416 3.63 -41.37 -21.93
C TRP B 416 3.40 -40.21 -22.90
N GLY B 417 2.53 -39.28 -22.53
CA GLY B 417 2.26 -38.10 -23.32
C GLY B 417 3.26 -36.98 -23.14
N ARG B 418 4.40 -37.28 -22.50
CA ARG B 418 5.45 -36.30 -22.24
C ARG B 418 4.91 -35.12 -21.44
N ASN B 419 4.21 -35.43 -20.35
CA ASN B 419 3.67 -34.44 -19.43
C ASN B 419 4.23 -34.69 -18.03
N SER B 420 4.17 -33.64 -17.21
CA SER B 420 4.73 -33.72 -15.86
C SER B 420 3.86 -34.53 -14.92
N ILE B 421 2.54 -34.59 -15.17
CA ILE B 421 1.61 -35.28 -14.29
C ILE B 421 0.73 -36.20 -15.13
N SER B 422 0.27 -37.29 -14.49
CA SER B 422 -0.68 -38.19 -15.11
C SER B 422 -2.05 -38.00 -14.48
N GLU B 423 -2.48 -36.74 -14.36
CA GLU B 423 -3.75 -36.44 -13.73
C GLU B 423 -4.30 -35.14 -14.30
N ASN B 424 -5.53 -34.84 -13.93
CA ASN B 424 -6.19 -33.61 -14.36
C ASN B 424 -5.54 -32.40 -13.70
N LEU B 425 -5.42 -31.31 -14.45
CA LEU B 425 -4.78 -30.09 -13.96
C LEU B 425 -5.73 -29.33 -13.04
N THR B 426 -5.23 -28.96 -11.86
CA THR B 426 -6.01 -28.25 -10.86
C THR B 426 -5.24 -27.06 -10.33
N TYR B 427 -5.85 -26.39 -9.35
CA TYR B 427 -5.19 -25.30 -8.64
C TYR B 427 -3.90 -25.75 -7.99
N GLU B 428 -3.83 -27.02 -7.56
CA GLU B 428 -2.71 -27.48 -6.74
C GLU B 428 -1.41 -27.54 -7.54
N HIS B 429 -1.49 -27.73 -8.85
CA HIS B 429 -0.29 -27.77 -9.67
C HIS B 429 0.27 -26.39 -9.97
N LEU B 430 -0.41 -25.33 -9.54
CA LEU B 430 0.05 -23.96 -9.77
C LEU B 430 0.45 -23.25 -8.48
N ILE B 431 0.64 -24.01 -7.40
CA ILE B 431 1.09 -23.45 -6.13
C ILE B 431 2.29 -24.23 -5.64
N ASN B 432 3.20 -23.53 -4.97
CA ASN B 432 4.30 -24.15 -4.26
C ASN B 432 3.84 -24.50 -2.85
N VAL B 433 4.02 -25.76 -2.46
CA VAL B 433 3.67 -26.23 -1.12
C VAL B 433 4.97 -26.39 -0.34
N SER B 434 5.20 -25.51 0.62
CA SER B 434 6.40 -25.53 1.45
C SER B 434 6.10 -26.23 2.77
N ARG B 435 7.18 -26.60 3.46
CA ARG B 435 7.07 -27.37 4.69
C ARG B 435 7.88 -26.69 5.80
N ILE B 436 7.24 -26.50 6.95
CA ILE B 436 7.93 -26.10 8.17
C ILE B 436 8.22 -27.36 8.96
N GLY B 437 9.50 -27.69 9.10
CA GLY B 437 9.89 -28.92 9.78
C GLY B 437 10.40 -28.70 11.18
N TYR B 438 9.57 -28.98 12.18
CA TYR B 438 9.96 -28.84 13.56
C TYR B 438 10.87 -29.99 13.99
N PHE B 439 11.53 -29.82 15.13
CA PHE B 439 12.47 -30.81 15.65
C PHE B 439 11.72 -31.76 16.57
N ASN B 440 11.65 -33.03 16.18
CA ASN B 440 11.01 -34.06 16.98
C ASN B 440 12.07 -34.67 17.89
N LYS B 441 12.30 -34.03 19.04
CA LYS B 441 13.31 -34.50 19.97
C LYS B 441 12.98 -35.87 20.53
N GLU B 442 11.69 -36.21 20.61
CA GLU B 442 11.26 -37.48 21.17
C GLU B 442 11.39 -38.64 20.18
N ALA B 443 11.66 -38.35 18.90
CA ALA B 443 11.81 -39.40 17.92
C ALA B 443 13.05 -40.25 18.21
N LYS B 444 12.98 -41.51 17.81
CA LYS B 444 14.05 -42.47 18.06
C LYS B 444 14.80 -42.77 16.77
N VAL B 445 16.12 -42.87 16.88
CA VAL B 445 16.98 -43.18 15.74
C VAL B 445 17.08 -44.70 15.62
N PRO B 446 16.65 -45.30 14.50
CA PRO B 446 16.78 -46.75 14.36
C PRO B 446 18.23 -47.17 14.26
N SER B 447 18.54 -48.33 14.86
CA SER B 447 19.88 -48.87 14.83
C SER B 447 20.13 -49.59 13.51
N TYR B 448 21.32 -50.19 13.39
CA TYR B 448 21.65 -50.94 12.18
C TYR B 448 20.71 -52.12 11.99
N GLU B 449 20.36 -52.80 13.09
CA GLU B 449 19.45 -53.94 12.99
C GLU B 449 18.05 -53.48 12.59
N GLU B 450 17.59 -52.35 13.11
CA GLU B 450 16.25 -51.88 12.80
C GLU B 450 16.12 -51.45 11.34
N ILE B 451 17.20 -50.95 10.74
CA ILE B 451 17.14 -50.44 9.37
C ILE B 451 17.29 -51.59 8.37
N TRP B 452 18.38 -52.33 8.48
CA TRP B 452 18.74 -53.34 7.48
C TRP B 452 18.36 -54.76 7.88
N GLY B 453 17.67 -54.94 9.00
CA GLY B 453 17.26 -56.26 9.42
C GLY B 453 16.07 -56.78 8.66
N ILE C 7 -3.58 9.33 26.63
CA ILE C 7 -3.53 10.63 25.96
C ILE C 7 -2.28 11.40 26.37
N LYS C 8 -2.05 11.48 27.69
CA LYS C 8 -0.85 12.14 28.18
C LYS C 8 0.41 11.47 27.66
N GLU C 9 0.42 10.14 27.62
CA GLU C 9 1.55 9.42 27.05
C GLU C 9 1.71 9.73 25.57
N LEU C 10 0.60 9.75 24.83
CA LEU C 10 0.67 10.10 23.41
C LEU C 10 1.17 11.53 23.21
N ILE C 11 0.75 12.45 24.07
CA ILE C 11 1.20 13.83 23.97
C ILE C 11 2.68 13.93 24.34
N GLU C 12 3.10 13.22 25.38
CA GLU C 12 4.50 13.27 25.78
C GLU C 12 5.40 12.61 24.74
N LYS C 13 4.99 11.45 24.21
CA LYS C 13 5.75 10.81 23.16
C LYS C 13 5.80 11.64 21.89
N ALA C 14 4.75 12.45 21.63
CA ALA C 14 4.76 13.32 20.46
C ALA C 14 5.71 14.50 20.65
N LYS C 15 5.80 15.02 21.88
CA LYS C 15 6.72 16.12 22.13
C LYS C 15 8.17 15.67 22.06
N VAL C 16 8.47 14.47 22.56
CA VAL C 16 9.82 13.94 22.47
C VAL C 16 10.23 13.79 21.02
N ALA C 17 9.33 13.25 20.18
CA ALA C 17 9.63 13.11 18.76
C ALA C 17 9.76 14.45 18.07
N GLN C 18 8.99 15.46 18.51
CA GLN C 18 9.01 16.75 17.84
C GLN C 18 10.33 17.48 18.09
N LYS C 19 10.87 17.37 19.30
CA LYS C 19 12.16 18.00 19.60
C LYS C 19 13.29 17.35 18.80
N LYS C 20 13.21 16.04 18.59
CA LYS C 20 14.18 15.38 17.72
C LYS C 20 13.95 15.76 16.26
N LEU C 21 12.70 15.93 15.86
CA LEU C 21 12.39 16.29 14.48
C LEU C 21 12.76 17.74 14.18
N GLU C 22 12.68 18.61 15.20
CA GLU C 22 13.00 20.03 14.99
C GLU C 22 14.46 20.25 14.63
N ALA C 23 15.34 19.29 14.92
CA ALA C 23 16.73 19.36 14.51
C ALA C 23 16.96 18.93 13.07
N TYR C 24 15.91 18.49 12.37
CA TYR C 24 16.08 18.09 10.97
C TYR C 24 16.23 19.31 10.08
N SER C 25 17.01 19.13 9.00
CA SER C 25 17.15 20.16 8.00
C SER C 25 15.94 20.16 7.07
N GLN C 26 15.92 21.10 6.12
CA GLN C 26 14.85 21.14 5.14
C GLN C 26 14.88 19.91 4.25
N GLU C 27 16.08 19.46 3.87
CA GLU C 27 16.18 18.30 2.99
C GLU C 27 15.79 17.02 3.72
N GLN C 28 16.23 16.84 4.96
CA GLN C 28 15.86 15.66 5.72
C GLN C 28 14.36 15.60 5.97
N VAL C 29 13.71 16.76 6.14
CA VAL C 29 12.27 16.78 6.31
C VAL C 29 11.56 16.42 5.00
N ASP C 30 12.06 16.92 3.88
CA ASP C 30 11.42 16.66 2.60
C ASP C 30 11.46 15.19 2.22
N VAL C 31 12.47 14.46 2.67
CA VAL C 31 12.54 13.02 2.37
C VAL C 31 11.40 12.28 3.06
N LEU C 32 11.10 12.65 4.30
CA LEU C 32 10.01 12.00 5.02
C LEU C 32 8.66 12.33 4.39
N VAL C 33 8.44 13.59 4.05
CA VAL C 33 7.15 14.01 3.50
C VAL C 33 6.89 13.33 2.16
N LYS C 34 7.93 13.21 1.32
CA LYS C 34 7.76 12.57 0.02
C LYS C 34 7.38 11.11 0.17
N ALA C 35 8.00 10.41 1.12
CA ALA C 35 7.69 8.99 1.31
C ALA C 35 6.30 8.79 1.89
N LEU C 36 5.80 9.75 2.67
CA LEU C 36 4.45 9.64 3.23
C LEU C 36 3.40 9.66 2.13
N GLY C 37 3.58 10.53 1.14
CA GLY C 37 2.65 10.55 0.02
C GLY C 37 2.82 9.35 -0.90
N LYS C 38 4.06 8.86 -1.05
CA LYS C 38 4.30 7.77 -1.98
C LYS C 38 3.75 6.44 -1.48
N VAL C 39 3.62 6.28 -0.16
CA VAL C 39 3.11 5.02 0.36
C VAL C 39 1.60 4.92 0.14
N VAL C 40 0.91 6.05 0.11
CA VAL C 40 -0.52 6.03 -0.21
C VAL C 40 -0.72 5.87 -1.71
N TYR C 41 0.14 6.47 -2.52
CA TYR C 41 0.08 6.27 -3.96
C TYR C 41 0.30 4.81 -4.32
N ASP C 42 1.36 4.21 -3.79
CA ASP C 42 1.72 2.84 -4.16
C ASP C 42 0.72 1.81 -3.66
N ASN C 43 -0.05 2.14 -2.62
CA ASN C 43 -1.03 1.21 -2.06
C ASN C 43 -2.46 1.73 -2.24
N ALA C 44 -2.70 2.48 -3.32
CA ALA C 44 -4.01 3.07 -3.55
C ALA C 44 -5.08 2.01 -3.71
N GLU C 45 -4.77 0.93 -4.42
CA GLU C 45 -5.77 -0.11 -4.67
C GLU C 45 -6.16 -0.82 -3.38
N MET C 46 -5.18 -1.10 -2.52
CA MET C 46 -5.49 -1.77 -1.25
C MET C 46 -6.27 -0.86 -0.31
N PHE C 47 -5.87 0.41 -0.22
CA PHE C 47 -6.57 1.34 0.68
C PHE C 47 -7.99 1.62 0.19
N ALA C 48 -8.17 1.77 -1.12
CA ALA C 48 -9.50 2.06 -1.66
C ALA C 48 -10.48 0.95 -1.34
N LYS C 49 -10.05 -0.30 -1.49
CA LYS C 49 -10.93 -1.43 -1.20
C LYS C 49 -11.27 -1.48 0.29
N GLU C 50 -10.28 -1.24 1.16
CA GLU C 50 -10.55 -1.26 2.60
C GLU C 50 -11.45 -0.11 3.01
N ALA C 51 -11.26 1.07 2.40
CA ALA C 51 -12.08 2.23 2.77
C ALA C 51 -13.54 2.02 2.39
N VAL C 52 -13.79 1.54 1.17
CA VAL C 52 -15.16 1.33 0.72
C VAL C 52 -15.86 0.30 1.61
N GLU C 53 -15.16 -0.81 1.90
CA GLU C 53 -15.81 -1.89 2.66
C GLU C 53 -16.07 -1.49 4.10
N GLU C 54 -15.15 -0.77 4.72
CA GLU C 54 -15.31 -0.40 6.13
C GLU C 54 -16.29 0.76 6.29
N THR C 55 -16.14 1.81 5.49
CA THR C 55 -17.03 2.96 5.59
C THR C 55 -18.39 2.72 4.95
N GLU C 56 -18.51 1.69 4.11
CA GLU C 56 -19.77 1.35 3.45
C GLU C 56 -20.28 2.50 2.59
N MET C 57 -19.35 3.24 1.99
CA MET C 57 -19.72 4.35 1.10
C MET C 57 -18.57 4.59 0.14
N GLY C 58 -18.92 5.18 -1.01
CA GLY C 58 -17.94 5.53 -2.01
C GLY C 58 -17.81 4.50 -3.12
N VAL C 59 -16.95 4.81 -4.08
CA VAL C 59 -16.68 3.96 -5.22
C VAL C 59 -15.21 3.57 -5.17
N TYR C 60 -14.92 2.29 -5.39
CA TYR C 60 -13.55 1.80 -5.34
C TYR C 60 -12.67 2.52 -6.36
N GLU C 61 -13.13 2.60 -7.61
CA GLU C 61 -12.31 3.21 -8.66
C GLU C 61 -12.05 4.69 -8.37
N ASP C 62 -13.02 5.39 -7.79
CA ASP C 62 -12.83 6.81 -7.50
C ASP C 62 -11.86 7.02 -6.36
N LYS C 63 -11.86 6.12 -5.36
CA LYS C 63 -10.90 6.25 -4.27
C LYS C 63 -9.49 5.88 -4.72
N VAL C 64 -9.37 5.01 -5.72
CA VAL C 64 -8.06 4.73 -6.30
C VAL C 64 -7.48 6.00 -6.93
N ALA C 65 -8.30 6.72 -7.70
CA ALA C 65 -7.84 7.96 -8.31
C ALA C 65 -7.61 9.05 -7.26
N LYS C 66 -8.34 9.00 -6.15
CA LYS C 66 -8.16 9.99 -5.10
C LYS C 66 -6.79 9.86 -4.44
N CYS C 67 -6.35 8.63 -4.17
CA CYS C 67 -5.04 8.43 -3.57
C CYS C 67 -3.92 8.80 -4.54
N HIS C 68 -4.10 8.49 -5.82
CA HIS C 68 -3.08 8.84 -6.81
C HIS C 68 -2.98 10.35 -6.98
N LEU C 69 -4.13 11.04 -7.08
CA LEU C 69 -4.10 12.48 -7.33
C LEU C 69 -3.63 13.25 -6.10
N LYS C 70 -4.27 13.02 -4.95
CA LYS C 70 -3.96 13.81 -3.76
C LYS C 70 -2.52 13.63 -3.33
N SER C 71 -2.03 12.39 -3.34
CA SER C 71 -0.66 12.14 -2.89
C SER C 71 0.35 12.84 -3.80
N GLY C 72 0.13 12.80 -5.10
CA GLY C 72 1.05 13.43 -6.04
C GLY C 72 0.93 14.93 -6.10
N ALA C 73 -0.32 15.43 -6.08
CA ALA C 73 -0.53 16.87 -6.20
C ALA C 73 -0.01 17.61 -4.97
N ILE C 74 -0.16 17.02 -3.78
CA ILE C 74 0.32 17.68 -2.57
C ILE C 74 1.85 17.74 -2.58
N TRP C 75 2.51 16.62 -2.88
CA TRP C 75 3.97 16.62 -2.90
C TRP C 75 4.50 17.53 -3.99
N ASN C 76 3.86 17.53 -5.16
CA ASN C 76 4.29 18.41 -6.24
C ASN C 76 4.18 19.87 -5.84
N HIS C 77 3.27 20.19 -4.93
CA HIS C 77 3.05 21.57 -4.51
C HIS C 77 4.01 22.03 -3.42
N ILE C 78 4.43 21.14 -2.52
CA ILE C 78 5.19 21.50 -1.35
C ILE C 78 6.63 21.02 -1.43
N LYS C 79 7.05 20.46 -2.57
CA LYS C 79 8.40 19.90 -2.65
C LYS C 79 9.47 20.98 -2.59
N ASP C 80 9.18 22.19 -3.08
CA ASP C 80 10.16 23.26 -3.15
C ASP C 80 9.81 24.42 -2.22
N LYS C 81 8.89 24.21 -1.28
CA LYS C 81 8.51 25.25 -0.33
C LYS C 81 9.46 25.21 0.87
N LYS C 82 9.93 26.39 1.28
CA LYS C 82 10.87 26.50 2.38
C LYS C 82 10.10 26.67 3.69
N THR C 83 10.31 25.75 4.62
CA THR C 83 9.54 25.70 5.87
C THR C 83 10.41 25.50 7.11
N VAL C 84 11.72 25.56 6.97
CA VAL C 84 12.64 25.34 8.08
C VAL C 84 13.61 26.51 8.16
N GLY C 85 13.73 27.11 9.34
CA GLY C 85 14.67 28.20 9.53
C GLY C 85 14.29 29.44 8.74
N ILE C 86 15.32 30.16 8.28
CA ILE C 86 15.11 31.35 7.48
C ILE C 86 14.59 30.95 6.11
N ILE C 87 13.43 31.47 5.74
CA ILE C 87 12.76 31.05 4.52
C ILE C 87 12.55 32.18 3.52
N LYS C 88 12.67 33.44 3.92
CA LYS C 88 12.38 34.54 3.01
C LYS C 88 13.09 35.79 3.49
N GLU C 89 13.57 36.59 2.54
CA GLU C 89 14.13 37.90 2.82
C GLU C 89 13.32 38.97 2.11
N GLU C 90 13.22 40.13 2.73
CA GLU C 90 12.44 41.26 2.19
C GLU C 90 13.18 42.54 2.51
N PRO C 91 14.22 42.87 1.73
CA PRO C 91 15.04 44.04 2.06
C PRO C 91 14.31 45.36 1.93
N GLU C 92 13.24 45.43 1.14
CA GLU C 92 12.50 46.69 1.03
C GLU C 92 11.83 47.06 2.35
N ARG C 93 11.56 46.07 3.20
CA ARG C 93 11.02 46.30 4.54
C ARG C 93 12.01 45.94 5.64
N ALA C 94 13.24 45.57 5.28
CA ALA C 94 14.26 45.16 6.24
C ALA C 94 13.76 44.02 7.14
N LEU C 95 13.15 43.02 6.51
CA LEU C 95 12.56 41.89 7.21
C LEU C 95 13.23 40.59 6.78
N VAL C 96 13.35 39.67 7.73
CA VAL C 96 13.81 38.31 7.48
C VAL C 96 12.81 37.37 8.14
N TYR C 97 12.22 36.47 7.36
CA TYR C 97 11.19 35.57 7.83
C TYR C 97 11.81 34.23 8.21
N VAL C 98 11.45 33.73 9.40
CA VAL C 98 11.96 32.47 9.92
C VAL C 98 10.76 31.57 10.20
N ALA C 99 10.83 30.33 9.72
CA ALA C 99 9.75 29.36 9.91
C ALA C 99 10.09 28.44 11.07
N LYS C 100 9.21 28.38 12.06
CA LYS C 100 9.38 27.55 13.24
C LYS C 100 8.16 26.66 13.43
N PRO C 101 8.36 25.45 13.94
CA PRO C 101 7.22 24.54 14.12
C PRO C 101 6.29 25.01 15.22
N LYS C 102 5.01 24.63 15.07
CA LYS C 102 4.02 24.95 16.10
C LYS C 102 4.00 23.92 17.22
N GLY C 103 4.47 22.70 16.97
CA GLY C 103 4.54 21.69 18.02
C GLY C 103 3.83 20.40 17.68
N VAL C 104 2.91 19.98 18.54
CA VAL C 104 2.16 18.74 18.34
C VAL C 104 0.82 19.09 17.71
N VAL C 105 0.48 18.38 16.62
CA VAL C 105 -0.77 18.59 15.90
C VAL C 105 -1.74 17.47 16.26
N ALA C 106 -2.93 17.84 16.71
CA ALA C 106 -4.03 16.90 16.90
C ALA C 106 -4.97 17.05 15.71
N ALA C 107 -5.17 15.96 14.97
CA ALA C 107 -5.95 15.99 13.74
C ALA C 107 -7.02 14.92 13.80
N THR C 108 -8.28 15.34 13.67
CA THR C 108 -9.41 14.43 13.55
C THR C 108 -9.74 14.28 12.07
N THR C 109 -9.90 13.04 11.62
CA THR C 109 -10.07 12.75 10.20
C THR C 109 -11.47 12.23 9.91
N PRO C 110 -11.99 12.48 8.70
CA PRO C 110 -13.39 12.14 8.42
C PRO C 110 -13.60 10.71 7.97
N ILE C 111 -14.86 10.32 7.80
CA ILE C 111 -15.18 9.00 7.25
C ILE C 111 -15.17 9.02 5.73
N THR C 112 -15.32 10.19 5.11
CA THR C 112 -15.39 10.27 3.65
C THR C 112 -14.02 10.13 3.00
N ASN C 113 -12.96 10.61 3.65
CA ASN C 113 -11.60 10.54 3.13
C ASN C 113 -10.67 9.97 4.20
N PRO C 114 -10.87 8.70 4.57
CA PRO C 114 -10.12 8.15 5.71
C PRO C 114 -8.67 7.83 5.44
N VAL C 115 -8.24 7.81 4.18
CA VAL C 115 -6.85 7.51 3.84
C VAL C 115 -6.06 8.77 3.53
N VAL C 116 -6.59 9.63 2.65
CA VAL C 116 -5.82 10.77 2.17
C VAL C 116 -5.72 11.87 3.22
N THR C 117 -6.75 12.03 4.06
CA THR C 117 -6.69 13.10 5.07
C THR C 117 -5.62 12.84 6.11
N PRO C 118 -5.49 11.63 6.69
CA PRO C 118 -4.32 11.38 7.54
C PRO C 118 -3.00 11.59 6.80
N MET C 119 -2.95 11.20 5.52
CA MET C 119 -1.75 11.45 4.73
C MET C 119 -1.53 12.94 4.51
N CYS C 120 -2.59 13.68 4.20
CA CYS C 120 -2.46 15.11 3.95
C CYS C 120 -2.05 15.87 5.22
N ASN C 121 -2.71 15.59 6.34
CA ASN C 121 -2.37 16.29 7.57
C ASN C 121 -0.99 15.91 8.08
N ALA C 122 -0.57 14.66 7.89
CA ALA C 122 0.77 14.27 8.32
C ALA C 122 1.84 14.90 7.44
N MET C 123 1.60 14.95 6.12
CA MET C 123 2.58 15.59 5.24
C MET C 123 2.72 17.07 5.56
N ALA C 124 1.60 17.76 5.82
CA ALA C 124 1.66 19.18 6.14
C ALA C 124 2.31 19.44 7.49
N ALA C 125 2.12 18.54 8.45
CA ALA C 125 2.71 18.74 9.78
C ALA C 125 4.21 18.46 9.75
N ILE C 126 4.61 17.33 9.16
CA ILE C 126 6.02 16.97 9.16
C ILE C 126 6.83 17.91 8.28
N LYS C 127 6.18 18.51 7.27
CA LYS C 127 6.87 19.48 6.41
C LYS C 127 7.45 20.63 7.21
N GLY C 128 6.81 21.00 8.33
CA GLY C 128 7.28 22.12 9.12
C GLY C 128 7.84 21.70 10.46
N ARG C 129 8.29 20.43 10.55
CA ARG C 129 8.89 19.86 11.76
C ARG C 129 7.89 19.72 12.90
N ASN C 130 6.62 19.44 12.58
CA ASN C 130 5.62 19.14 13.59
C ASN C 130 5.33 17.65 13.62
N THR C 131 4.89 17.17 14.78
CA THR C 131 4.38 15.82 14.93
C THR C 131 2.85 15.86 15.02
N ILE C 132 2.23 14.75 14.69
CA ILE C 132 0.78 14.69 14.56
C ILE C 132 0.23 13.46 15.28
N ILE C 133 -0.90 13.64 15.96
CA ILE C 133 -1.67 12.55 16.54
C ILE C 133 -3.01 12.49 15.82
N VAL C 134 -3.32 11.35 15.21
CA VAL C 134 -4.50 11.19 14.37
C VAL C 134 -5.62 10.60 15.21
N ALA C 135 -6.80 11.22 15.13
CA ALA C 135 -8.02 10.70 15.77
C ALA C 135 -9.02 10.34 14.68
N PRO C 136 -9.08 9.08 14.25
CA PRO C 136 -9.92 8.73 13.11
C PRO C 136 -11.39 8.64 13.47
N HIS C 137 -12.22 8.71 12.44
CA HIS C 137 -13.65 8.50 12.61
C HIS C 137 -13.90 7.04 13.00
N PRO C 138 -14.82 6.79 13.94
CA PRO C 138 -15.03 5.40 14.40
C PRO C 138 -15.37 4.43 13.29
N LYS C 139 -16.20 4.83 12.33
CA LYS C 139 -16.57 3.95 11.22
C LYS C 139 -15.46 3.82 10.18
N ALA C 140 -14.30 4.44 10.41
CA ALA C 140 -13.18 4.31 9.49
C ALA C 140 -11.85 4.13 10.24
N LYS C 141 -11.91 3.70 11.50
CA LYS C 141 -10.72 3.67 12.34
C LYS C 141 -9.69 2.65 11.86
N LYS C 142 -10.14 1.54 11.26
CA LYS C 142 -9.21 0.51 10.83
C LYS C 142 -8.37 0.98 9.65
N VAL C 143 -9.03 1.45 8.58
CA VAL C 143 -8.29 1.83 7.38
C VAL C 143 -7.45 3.08 7.63
N SER C 144 -7.90 3.96 8.54
CA SER C 144 -7.08 5.12 8.88
C SER C 144 -5.86 4.70 9.68
N ALA C 145 -6.01 3.74 10.59
CA ALA C 145 -4.87 3.22 11.32
C ALA C 145 -3.94 2.43 10.40
N HIS C 146 -4.50 1.75 9.40
CA HIS C 146 -3.66 1.04 8.43
C HIS C 146 -2.86 2.03 7.59
N THR C 147 -3.45 3.18 7.26
CA THR C 147 -2.71 4.22 6.56
C THR C 147 -1.56 4.75 7.40
N VAL C 148 -1.82 4.98 8.69
CA VAL C 148 -0.75 5.40 9.59
C VAL C 148 0.26 4.28 9.79
N GLU C 149 -0.19 3.02 9.77
CA GLU C 149 0.71 1.89 9.93
C GLU C 149 1.73 1.84 8.80
N LEU C 150 1.28 1.96 7.55
CA LEU C 150 2.21 1.93 6.43
C LEU C 150 3.05 3.19 6.36
N MET C 151 2.52 4.33 6.82
CA MET C 151 3.31 5.55 6.83
C MET C 151 4.47 5.46 7.81
N ASN C 152 4.20 4.96 9.03
CA ASN C 152 5.27 4.82 10.02
C ASN C 152 6.27 3.75 9.60
N ALA C 153 5.85 2.77 8.82
CA ALA C 153 6.79 1.77 8.32
C ALA C 153 7.80 2.40 7.36
N GLU C 154 7.36 3.34 6.54
CA GLU C 154 8.29 4.04 5.65
C GLU C 154 9.17 5.01 6.42
N LEU C 155 8.63 5.63 7.47
CA LEU C 155 9.44 6.54 8.28
C LEU C 155 10.54 5.79 9.02
N LYS C 156 10.24 4.59 9.50
CA LYS C 156 11.24 3.81 10.23
C LYS C 156 12.39 3.41 9.32
N LYS C 157 12.11 3.07 8.07
CA LYS C 157 13.18 2.70 7.14
C LYS C 157 14.07 3.88 6.82
N LEU C 158 13.53 5.10 6.78
CA LEU C 158 14.30 6.28 6.46
C LEU C 158 15.05 6.85 7.66
N GLY C 159 14.94 6.22 8.83
CA GLY C 159 15.64 6.71 10.01
C GLY C 159 14.98 7.88 10.70
N ALA C 160 13.66 8.02 10.55
CA ALA C 160 12.95 9.12 11.20
C ALA C 160 12.77 8.83 12.69
N PRO C 161 12.71 9.87 13.53
CA PRO C 161 12.47 9.65 14.95
C PRO C 161 11.13 8.96 15.18
N GLU C 162 11.09 8.13 16.22
CA GLU C 162 9.90 7.33 16.49
C GLU C 162 8.76 8.21 16.97
N ASN C 163 7.54 7.85 16.57
CA ASN C 163 6.30 8.44 17.07
C ASN C 163 6.08 9.86 16.59
N ILE C 164 6.61 10.23 15.42
CA ILE C 164 6.25 11.53 14.85
C ILE C 164 4.83 11.50 14.29
N ILE C 165 4.31 10.31 13.97
CA ILE C 165 2.92 10.12 13.59
C ILE C 165 2.34 9.07 14.52
N GLN C 166 1.29 9.44 15.25
CA GLN C 166 0.60 8.52 16.14
C GLN C 166 -0.90 8.57 15.87
N ILE C 167 -1.61 7.58 16.38
CA ILE C 167 -3.05 7.48 16.19
C ILE C 167 -3.69 6.99 17.48
N VAL C 168 -4.86 7.52 17.80
CA VAL C 168 -5.62 7.10 18.97
C VAL C 168 -6.60 6.02 18.52
N GLU C 169 -6.27 4.77 18.84
CA GLU C 169 -7.12 3.65 18.41
C GLU C 169 -8.47 3.66 19.13
N ALA C 170 -8.50 4.14 20.37
CA ALA C 170 -9.76 4.19 21.12
C ALA C 170 -10.15 5.65 21.37
N PRO C 171 -10.79 6.31 20.40
CA PRO C 171 -11.10 7.74 20.57
C PRO C 171 -12.29 7.98 21.47
N SER C 172 -12.06 8.01 22.78
CA SER C 172 -13.13 8.37 23.71
C SER C 172 -13.51 9.84 23.54
N ARG C 173 -14.77 10.15 23.81
CA ARG C 173 -15.26 11.51 23.63
C ARG C 173 -14.54 12.47 24.58
N GLU C 174 -14.22 12.00 25.79
CA GLU C 174 -13.43 12.83 26.71
C GLU C 174 -11.95 12.83 26.32
N ALA C 175 -11.44 11.69 25.85
CA ALA C 175 -10.05 11.62 25.43
C ALA C 175 -9.80 12.50 24.21
N ALA C 176 -10.75 12.56 23.29
CA ALA C 176 -10.61 13.46 22.14
C ALA C 176 -10.62 14.91 22.59
N LYS C 177 -11.42 15.24 23.60
CA LYS C 177 -11.41 16.60 24.14
C LYS C 177 -10.08 16.92 24.81
N GLU C 178 -9.52 15.96 25.55
CA GLU C 178 -8.21 16.17 26.16
C GLU C 178 -7.10 16.21 25.12
N LEU C 179 -7.27 15.49 24.00
CA LEU C 179 -6.27 15.49 22.95
C LEU C 179 -6.15 16.87 22.30
N MET C 180 -7.28 17.53 22.06
CA MET C 180 -7.25 18.85 21.44
C MET C 180 -6.82 19.93 22.43
N GLU C 181 -7.16 19.78 23.71
CA GLU C 181 -6.73 20.76 24.70
C GLU C 181 -5.23 20.66 25.00
N SER C 182 -4.66 19.47 24.80
CA SER C 182 -3.24 19.26 25.11
C SER C 182 -2.32 19.61 23.95
N ALA C 183 -2.78 19.44 22.71
CA ALA C 183 -1.94 19.70 21.56
C ALA C 183 -1.72 21.21 21.38
N ASP C 184 -0.77 21.55 20.51
CA ASP C 184 -0.46 22.94 20.22
C ASP C 184 -1.35 23.54 19.15
N VAL C 185 -1.81 22.73 18.20
CA VAL C 185 -2.72 23.18 17.15
C VAL C 185 -3.61 22.01 16.76
N VAL C 186 -4.85 22.33 16.39
CA VAL C 186 -5.86 21.30 16.12
C VAL C 186 -6.37 21.45 14.69
N ILE C 187 -6.53 20.32 14.01
CA ILE C 187 -7.13 20.26 12.68
C ILE C 187 -8.39 19.40 12.80
N ALA C 188 -9.54 19.98 12.46
CA ALA C 188 -10.83 19.32 12.60
C ALA C 188 -11.42 19.15 11.20
N THR C 189 -11.18 17.97 10.62
CA THR C 189 -11.75 17.63 9.32
C THR C 189 -12.86 16.62 9.57
N GLY C 190 -14.09 17.13 9.64
CA GLY C 190 -15.22 16.26 9.91
C GLY C 190 -16.50 17.06 10.04
N GLY C 191 -17.44 16.50 10.77
CA GLY C 191 -18.72 17.14 10.96
C GLY C 191 -18.60 18.41 11.78
N ALA C 192 -19.72 19.15 11.81
CA ALA C 192 -19.73 20.43 12.49
C ALA C 192 -19.51 20.29 13.99
N GLY C 193 -19.88 19.14 14.56
CA GLY C 193 -19.64 18.93 15.98
C GLY C 193 -18.17 18.85 16.31
N ARG C 194 -17.38 18.23 15.43
CA ARG C 194 -15.93 18.15 15.65
C ARG C 194 -15.27 19.51 15.47
N VAL C 195 -15.77 20.32 14.55
CA VAL C 195 -15.16 21.63 14.30
C VAL C 195 -15.40 22.57 15.48
N LYS C 196 -16.61 22.52 16.06
CA LYS C 196 -16.93 23.38 17.19
C LYS C 196 -16.10 23.01 18.41
N ALA C 197 -15.92 21.70 18.65
CA ALA C 197 -15.11 21.28 19.79
C ALA C 197 -13.65 21.67 19.61
N ALA C 198 -13.18 21.77 18.37
CA ALA C 198 -11.78 22.14 18.15
C ALA C 198 -11.56 23.63 18.40
N TYR C 199 -12.51 24.46 17.99
CA TYR C 199 -12.45 25.89 18.27
C TYR C 199 -12.88 26.25 19.69
N SER C 200 -13.28 25.26 20.50
CA SER C 200 -13.59 25.46 21.90
C SER C 200 -12.54 24.85 22.82
N SER C 201 -11.40 24.45 22.27
CA SER C 201 -10.37 23.75 23.03
C SER C 201 -9.37 24.68 23.71
N GLY C 202 -9.45 25.99 23.46
CA GLY C 202 -8.47 26.91 23.99
C GLY C 202 -7.17 26.97 23.23
N ARG C 203 -7.11 26.34 22.07
CA ARG C 203 -5.94 26.29 21.22
C ARG C 203 -6.26 26.83 19.84
N PRO C 204 -5.26 27.28 19.08
CA PRO C 204 -5.51 27.64 17.67
C PRO C 204 -6.00 26.44 16.89
N ALA C 205 -7.08 26.62 16.14
CA ALA C 205 -7.77 25.52 15.49
C ALA C 205 -7.94 25.82 14.00
N TYR C 206 -8.07 24.75 13.22
CA TYR C 206 -8.35 24.83 11.79
C TYR C 206 -9.40 23.79 11.45
N GLY C 207 -10.51 24.23 10.86
CA GLY C 207 -11.59 23.32 10.53
C GLY C 207 -12.19 23.54 9.16
N VAL C 208 -13.27 22.81 8.87
CA VAL C 208 -14.02 22.97 7.64
C VAL C 208 -15.48 23.23 8.00
N GLY C 209 -16.25 23.65 7.00
CA GLY C 209 -17.67 23.83 7.17
C GLY C 209 -18.45 22.89 6.28
N PRO C 210 -19.75 22.76 6.53
CA PRO C 210 -20.58 21.93 5.66
C PRO C 210 -20.62 22.51 4.25
N GLY C 211 -20.55 21.62 3.26
CA GLY C 211 -20.58 22.05 1.89
C GLY C 211 -21.99 22.04 1.30
N ASN C 212 -22.14 22.77 0.21
CA ASN C 212 -23.38 22.80 -0.56
C ASN C 212 -23.13 23.54 -1.87
N SER C 213 -22.28 22.98 -2.71
CA SER C 213 -21.82 23.65 -3.93
C SER C 213 -22.96 23.96 -4.89
N GLN C 214 -23.28 25.23 -5.03
CA GLN C 214 -24.22 25.70 -6.04
C GLN C 214 -23.49 25.92 -7.35
N VAL C 215 -24.15 25.57 -8.46
CA VAL C 215 -23.55 25.64 -9.78
C VAL C 215 -24.45 26.46 -10.69
N ILE C 216 -23.91 27.52 -11.27
CA ILE C 216 -24.63 28.35 -12.22
C ILE C 216 -24.14 28.01 -13.62
N VAL C 217 -25.06 27.63 -14.49
CA VAL C 217 -24.78 27.42 -15.91
C VAL C 217 -25.23 28.68 -16.64
N ASP C 218 -24.26 29.45 -17.13
CA ASP C 218 -24.58 30.73 -17.73
C ASP C 218 -25.10 30.54 -19.15
N LYS C 219 -25.81 31.57 -19.63
CA LYS C 219 -26.40 31.51 -20.97
C LYS C 219 -25.32 31.54 -22.04
N GLY C 220 -25.48 30.67 -23.05
CA GLY C 220 -24.59 30.64 -24.18
C GLY C 220 -23.38 29.73 -24.02
N TYR C 221 -23.06 29.32 -22.80
CA TYR C 221 -21.94 28.42 -22.58
C TYR C 221 -22.19 27.07 -23.24
N ASP C 222 -21.11 26.34 -23.49
CA ASP C 222 -21.22 24.99 -24.01
C ASP C 222 -21.90 24.09 -22.99
N TYR C 223 -23.20 23.83 -23.19
CA TYR C 223 -23.96 23.07 -22.22
C TYR C 223 -23.47 21.62 -22.12
N ASN C 224 -22.88 21.10 -23.19
CA ASN C 224 -22.38 19.73 -23.16
C ASN C 224 -21.16 19.61 -22.27
N LYS C 225 -20.21 20.55 -22.39
CA LYS C 225 -19.04 20.52 -21.51
C LYS C 225 -19.45 20.78 -20.06
N ALA C 226 -20.39 21.70 -19.83
CA ALA C 226 -20.84 21.98 -18.48
C ALA C 226 -21.49 20.75 -17.85
N ALA C 227 -22.29 20.02 -18.64
CA ALA C 227 -22.93 18.82 -18.13
C ALA C 227 -21.91 17.76 -17.74
N GLN C 228 -20.91 17.53 -18.60
CA GLN C 228 -19.88 16.55 -18.29
C GLN C 228 -19.11 16.92 -17.03
N ASP C 229 -18.81 18.21 -16.86
CA ASP C 229 -18.06 18.64 -15.68
C ASP C 229 -18.89 18.51 -14.40
N ILE C 230 -20.17 18.88 -14.47
CA ILE C 230 -21.02 18.78 -13.29
C ILE C 230 -21.27 17.33 -12.92
N ILE C 231 -21.47 16.48 -13.92
CA ILE C 231 -21.73 15.06 -13.65
C ILE C 231 -20.48 14.40 -13.08
N THR C 232 -19.30 14.79 -13.57
CA THR C 232 -18.05 14.24 -13.04
C THR C 232 -17.90 14.52 -11.56
N GLY C 233 -18.16 15.77 -11.15
CA GLY C 233 -17.98 16.12 -9.75
C GLY C 233 -19.09 15.62 -8.86
N ARG C 234 -20.30 15.49 -9.40
CA ARG C 234 -21.42 15.02 -8.58
C ARG C 234 -21.32 13.52 -8.29
N LYS C 235 -20.93 12.73 -9.29
CA LYS C 235 -20.90 11.29 -9.10
C LYS C 235 -19.62 10.78 -8.47
N TYR C 236 -18.60 11.64 -8.35
CA TYR C 236 -17.31 11.21 -7.83
C TYR C 236 -17.43 10.69 -6.41
N ASP C 237 -16.94 9.46 -6.19
CA ASP C 237 -17.02 8.79 -4.88
C ASP C 237 -18.45 8.76 -4.36
N ASN C 238 -19.41 8.65 -5.28
CA ASN C 238 -20.84 8.68 -4.98
C ASN C 238 -21.24 9.98 -4.27
N GLY C 239 -20.55 11.08 -4.58
CA GLY C 239 -20.97 12.39 -4.14
C GLY C 239 -20.70 12.74 -2.70
N ILE C 240 -19.69 12.12 -2.07
CA ILE C 240 -19.41 12.42 -0.66
C ILE C 240 -18.37 13.52 -0.49
N ILE C 241 -17.77 14.01 -1.58
CA ILE C 241 -16.82 15.11 -1.46
C ILE C 241 -17.56 16.39 -1.09
N CYS C 242 -16.99 17.13 -0.14
CA CYS C 242 -17.66 18.33 0.37
C CYS C 242 -17.84 19.41 -0.69
N SER C 243 -17.01 19.42 -1.73
CA SER C 243 -17.14 20.38 -2.81
C SER C 243 -17.98 19.86 -3.97
N SER C 244 -18.57 18.67 -3.84
CA SER C 244 -19.29 18.06 -4.94
C SER C 244 -20.49 18.91 -5.36
N GLU C 245 -20.77 18.91 -6.67
CA GLU C 245 -21.90 19.68 -7.19
C GLU C 245 -23.21 19.25 -6.56
N GLN C 246 -24.02 20.23 -6.18
CA GLN C 246 -25.28 19.98 -5.50
C GLN C 246 -26.50 20.42 -6.29
N SER C 247 -26.38 21.40 -7.17
CA SER C 247 -27.51 21.93 -7.90
C SER C 247 -27.10 22.29 -9.31
N VAL C 248 -28.10 22.49 -10.16
CA VAL C 248 -27.92 22.96 -11.53
C VAL C 248 -28.84 24.16 -11.70
N ILE C 249 -28.28 25.36 -11.65
CA ILE C 249 -29.04 26.59 -11.80
C ILE C 249 -28.90 27.00 -13.27
N ALA C 250 -29.90 26.61 -14.09
CA ALA C 250 -29.86 26.73 -15.53
C ALA C 250 -30.78 27.84 -16.02
N PRO C 251 -30.45 28.46 -17.16
CA PRO C 251 -31.32 29.54 -17.67
C PRO C 251 -32.64 28.99 -18.17
N ALA C 252 -33.71 29.77 -17.96
CA ALA C 252 -35.04 29.33 -18.34
C ALA C 252 -35.17 29.19 -19.86
N GLU C 253 -34.55 30.09 -20.62
CA GLU C 253 -34.70 30.07 -22.07
C GLU C 253 -34.01 28.88 -22.71
N ASP C 254 -32.99 28.31 -22.07
CA ASP C 254 -32.29 27.14 -22.57
C ASP C 254 -32.40 25.96 -21.62
N TYR C 255 -33.48 25.89 -20.85
CA TYR C 255 -33.61 24.87 -19.82
C TYR C 255 -33.63 23.47 -20.43
N ASP C 256 -34.49 23.26 -21.43
CA ASP C 256 -34.58 21.94 -22.06
C ASP C 256 -33.26 21.55 -22.74
N LYS C 257 -32.55 22.53 -23.31
CA LYS C 257 -31.25 22.24 -23.92
C LYS C 257 -30.25 21.77 -22.88
N VAL C 258 -30.23 22.40 -21.71
CA VAL C 258 -29.30 22.00 -20.65
C VAL C 258 -29.64 20.59 -20.17
N ILE C 259 -30.92 20.30 -19.96
CA ILE C 259 -31.32 18.97 -19.53
C ILE C 259 -30.95 17.93 -20.57
N ALA C 260 -31.17 18.25 -21.86
CA ALA C 260 -30.80 17.32 -22.92
C ALA C 260 -29.31 17.03 -22.90
N ALA C 261 -28.48 18.05 -22.63
CA ALA C 261 -27.05 17.82 -22.52
C ALA C 261 -26.73 16.93 -21.32
N PHE C 262 -27.43 17.13 -20.20
CA PHE C 262 -27.23 16.27 -19.05
C PHE C 262 -27.63 14.83 -19.35
N VAL C 263 -28.81 14.65 -19.95
CA VAL C 263 -29.28 13.31 -20.31
C VAL C 263 -28.31 12.68 -21.31
N GLU C 264 -27.75 13.48 -22.22
CA GLU C 264 -26.80 12.97 -23.20
C GLU C 264 -25.57 12.37 -22.54
N ASN C 265 -25.20 12.84 -21.35
CA ASN C 265 -23.97 12.41 -20.68
C ASN C 265 -24.25 11.58 -19.43
N GLY C 266 -25.40 10.91 -19.38
CA GLY C 266 -25.67 9.92 -18.36
C GLY C 266 -26.57 10.34 -17.23
N ALA C 267 -27.24 11.48 -17.33
CA ALA C 267 -28.16 11.93 -16.29
C ALA C 267 -29.56 11.37 -16.52
N PHE C 268 -30.27 11.15 -15.42
CA PHE C 268 -31.67 10.75 -15.45
C PHE C 268 -32.49 11.90 -14.85
N TYR C 269 -33.19 12.63 -15.71
CA TYR C 269 -33.93 13.80 -15.30
C TYR C 269 -35.37 13.43 -14.92
N VAL C 270 -35.82 13.94 -13.78
CA VAL C 270 -37.16 13.66 -13.27
C VAL C 270 -37.90 14.99 -13.16
N GLU C 271 -38.99 15.13 -13.92
CA GLU C 271 -39.81 16.32 -13.88
C GLU C 271 -41.14 16.12 -13.18
N ASP C 272 -41.68 14.90 -13.19
CA ASP C 272 -42.95 14.62 -12.54
C ASP C 272 -42.86 14.92 -11.05
N GLU C 273 -43.77 15.77 -10.57
CA GLU C 273 -43.73 16.19 -9.16
C GLU C 273 -43.91 15.00 -8.22
N GLU C 274 -44.78 14.05 -8.59
CA GLU C 274 -44.99 12.88 -7.76
C GLU C 274 -43.76 11.98 -7.74
N THR C 275 -43.08 11.84 -8.89
CA THR C 275 -41.89 11.01 -8.93
C THR C 275 -40.71 11.66 -8.21
N VAL C 276 -40.61 12.99 -8.25
CA VAL C 276 -39.57 13.67 -7.50
C VAL C 276 -39.78 13.47 -5.99
N GLU C 277 -41.04 13.50 -5.55
CA GLU C 277 -41.34 13.27 -4.15
C GLU C 277 -40.91 11.89 -3.69
N LYS C 278 -40.92 10.90 -4.58
CA LYS C 278 -40.44 9.57 -4.23
C LYS C 278 -38.95 9.60 -3.90
N PHE C 279 -38.19 10.40 -4.64
CA PHE C 279 -36.77 10.56 -4.32
C PHE C 279 -36.57 11.47 -3.11
N ARG C 280 -37.36 12.55 -3.02
CA ARG C 280 -37.22 13.49 -1.91
C ARG C 280 -37.48 12.81 -0.57
N SER C 281 -38.54 12.01 -0.50
CA SER C 281 -38.86 11.31 0.75
C SER C 281 -37.87 10.19 1.04
N THR C 282 -37.08 9.76 0.05
CA THR C 282 -36.04 8.77 0.28
C THR C 282 -34.72 9.42 0.73
N LEU C 283 -34.38 10.57 0.14
CA LEU C 283 -33.12 11.23 0.49
C LEU C 283 -33.19 11.92 1.85
N PHE C 284 -34.32 12.54 2.17
CA PHE C 284 -34.49 13.25 3.42
C PHE C 284 -35.70 12.70 4.17
N LYS C 285 -35.53 12.49 5.47
CA LYS C 285 -36.61 11.94 6.29
C LYS C 285 -37.30 13.04 7.08
N ASP C 286 -36.69 13.46 8.18
CA ASP C 286 -37.22 14.54 9.02
C ASP C 286 -36.46 15.83 8.80
N GLY C 287 -36.30 16.21 7.53
CA GLY C 287 -35.47 17.33 7.17
C GLY C 287 -33.97 17.06 7.20
N LYS C 288 -33.57 15.87 7.61
CA LYS C 288 -32.16 15.48 7.64
C LYS C 288 -31.89 14.37 6.63
N ILE C 289 -30.65 14.34 6.13
CA ILE C 289 -30.30 13.39 5.09
C ILE C 289 -30.44 11.97 5.60
N ASN C 290 -30.96 11.09 4.74
CA ASN C 290 -31.07 9.67 5.08
C ASN C 290 -29.68 9.04 5.07
N SER C 291 -29.22 8.57 6.23
CA SER C 291 -27.88 8.03 6.36
C SER C 291 -27.67 6.77 5.52
N LYS C 292 -28.74 6.11 5.10
CA LYS C 292 -28.62 4.86 4.36
C LYS C 292 -28.36 5.06 2.88
N ILE C 293 -28.46 6.28 2.37
CA ILE C 293 -28.16 6.57 0.97
C ILE C 293 -26.90 7.42 0.83
N ILE C 294 -26.21 7.70 1.94
CA ILE C 294 -24.98 8.49 1.87
C ILE C 294 -23.91 7.68 1.16
N GLY C 295 -23.38 8.23 0.07
CA GLY C 295 -22.33 7.56 -0.68
C GLY C 295 -22.75 6.28 -1.35
N LYS C 296 -24.04 6.14 -1.67
CA LYS C 296 -24.56 4.96 -2.33
C LYS C 296 -24.77 5.22 -3.81
N SER C 297 -24.93 4.14 -4.56
CA SER C 297 -25.05 4.21 -6.01
C SER C 297 -26.41 4.77 -6.41
N VAL C 298 -26.52 5.10 -7.70
CA VAL C 298 -27.79 5.57 -8.26
C VAL C 298 -28.83 4.46 -8.16
N GLN C 299 -28.43 3.21 -8.44
CA GLN C 299 -29.39 2.11 -8.44
C GLN C 299 -29.89 1.81 -7.03
N ILE C 300 -29.00 1.88 -6.03
CA ILE C 300 -29.43 1.66 -4.65
C ILE C 300 -30.45 2.71 -4.25
N ILE C 301 -30.21 3.97 -4.62
CA ILE C 301 -31.17 5.03 -4.32
C ILE C 301 -32.46 4.84 -5.11
N ALA C 302 -32.34 4.41 -6.37
CA ALA C 302 -33.52 4.19 -7.21
C ALA C 302 -34.40 3.09 -6.62
N ASP C 303 -33.79 2.00 -6.16
CA ASP C 303 -34.56 0.89 -5.62
C ASP C 303 -35.28 1.28 -4.35
N LEU C 304 -34.60 2.02 -3.46
CA LEU C 304 -35.24 2.47 -2.22
C LEU C 304 -36.40 3.41 -2.50
N ALA C 305 -36.24 4.29 -3.49
CA ALA C 305 -37.33 5.20 -3.86
C ALA C 305 -38.42 4.52 -4.68
N GLY C 306 -38.17 3.30 -5.16
CA GLY C 306 -39.16 2.61 -5.98
C GLY C 306 -39.33 3.18 -7.37
N VAL C 307 -38.26 3.68 -7.98
CA VAL C 307 -38.31 4.28 -9.30
C VAL C 307 -37.32 3.55 -10.20
N LYS C 308 -37.80 3.08 -11.35
CA LYS C 308 -36.92 2.46 -12.33
C LYS C 308 -36.00 3.53 -12.94
N VAL C 309 -34.69 3.31 -12.81
CA VAL C 309 -33.68 4.21 -13.37
C VAL C 309 -32.81 3.36 -14.29
N PRO C 310 -32.61 3.76 -15.55
CA PRO C 310 -31.90 2.89 -16.50
C PRO C 310 -30.48 2.61 -16.06
N GLU C 311 -29.99 1.42 -16.38
CA GLU C 311 -28.61 1.09 -16.12
C GLU C 311 -27.68 2.00 -16.91
N GLY C 312 -26.52 2.27 -16.34
CA GLY C 312 -25.61 3.24 -16.91
C GLY C 312 -25.87 4.67 -16.51
N THR C 313 -26.95 4.93 -15.76
CA THR C 313 -27.21 6.27 -15.26
C THR C 313 -26.13 6.68 -14.27
N LYS C 314 -25.56 7.87 -14.47
CA LYS C 314 -24.49 8.34 -13.60
C LYS C 314 -24.98 9.24 -12.48
N VAL C 315 -25.94 10.12 -12.74
CA VAL C 315 -26.49 11.02 -11.73
C VAL C 315 -28.00 11.09 -11.90
N ILE C 316 -28.67 11.52 -10.83
CA ILE C 316 -30.11 11.78 -10.84
C ILE C 316 -30.31 13.28 -10.69
N VAL C 317 -31.12 13.86 -11.58
CA VAL C 317 -31.41 15.29 -11.55
C VAL C 317 -32.90 15.45 -11.25
N LEU C 318 -33.20 16.11 -10.14
CA LEU C 318 -34.57 16.30 -9.68
C LEU C 318 -34.97 17.75 -9.87
N LYS C 319 -36.10 17.98 -10.53
CA LYS C 319 -36.66 19.32 -10.63
C LYS C 319 -37.10 19.80 -9.26
N GLY C 320 -36.51 20.91 -8.81
CA GLY C 320 -36.84 21.44 -7.50
C GLY C 320 -38.08 22.32 -7.53
N LYS C 321 -38.76 22.36 -6.38
CA LYS C 321 -39.96 23.19 -6.25
C LYS C 321 -39.60 24.68 -6.20
N GLY C 322 -38.41 25.01 -5.72
CA GLY C 322 -38.00 26.39 -5.62
C GLY C 322 -36.67 26.48 -4.90
N ALA C 323 -36.16 27.71 -4.83
CA ALA C 323 -34.86 27.95 -4.23
C ALA C 323 -34.97 28.06 -2.71
N GLY C 324 -33.86 27.79 -2.04
CA GLY C 324 -33.81 27.96 -0.60
C GLY C 324 -34.64 26.92 0.13
N GLU C 325 -35.35 27.38 1.17
CA GLU C 325 -36.13 26.48 2.01
C GLU C 325 -37.42 25.99 1.34
N LYS C 326 -37.71 26.44 0.13
CA LYS C 326 -38.87 25.93 -0.60
C LYS C 326 -38.72 24.47 -1.00
N ASP C 327 -37.54 23.88 -0.82
CA ASP C 327 -37.32 22.48 -1.18
C ASP C 327 -36.13 21.98 -0.37
N VAL C 328 -36.32 20.88 0.36
CA VAL C 328 -35.23 20.30 1.14
C VAL C 328 -34.15 19.74 0.22
N LEU C 329 -34.46 19.48 -1.05
CA LEU C 329 -33.45 19.05 -2.00
C LEU C 329 -32.38 20.11 -2.23
N CYS C 330 -32.64 21.35 -1.83
CA CYS C 330 -31.65 22.41 -1.93
C CYS C 330 -30.57 22.33 -0.86
N LYS C 331 -30.72 21.44 0.11
CA LYS C 331 -29.69 21.23 1.11
C LYS C 331 -28.58 20.35 0.53
N GLU C 332 -27.51 20.16 1.32
CA GLU C 332 -26.43 19.29 0.89
C GLU C 332 -26.93 17.86 0.74
N LYS C 333 -26.53 17.22 -0.36
CA LYS C 333 -26.89 15.84 -0.66
C LYS C 333 -25.60 15.07 -0.93
N MET C 334 -25.23 14.19 0.00
CA MET C 334 -24.00 13.39 -0.13
C MET C 334 -24.29 12.09 -0.90
N CYS C 335 -24.74 12.27 -2.14
CA CYS C 335 -25.13 11.17 -3.01
C CYS C 335 -25.29 11.74 -4.42
N PRO C 336 -25.16 10.89 -5.46
CA PRO C 336 -25.22 11.41 -6.83
C PRO C 336 -26.61 11.89 -7.25
N VAL C 337 -27.11 12.93 -6.59
CA VAL C 337 -28.41 13.51 -6.89
C VAL C 337 -28.25 15.03 -6.95
N LEU C 338 -28.81 15.64 -8.00
CA LEU C 338 -28.77 17.08 -8.20
C LEU C 338 -30.19 17.64 -8.20
N VAL C 339 -30.32 18.90 -7.77
CA VAL C 339 -31.57 19.63 -7.85
C VAL C 339 -31.43 20.70 -8.94
N ALA C 340 -32.43 20.77 -9.82
CA ALA C 340 -32.40 21.66 -10.96
C ALA C 340 -33.35 22.83 -10.73
N LEU C 341 -32.88 24.04 -11.03
CA LEU C 341 -33.65 25.26 -10.82
C LEU C 341 -33.45 26.18 -12.01
N LYS C 342 -34.47 27.01 -12.28
CA LYS C 342 -34.46 27.92 -13.42
C LYS C 342 -34.23 29.35 -12.95
N TYR C 343 -33.65 30.16 -13.84
CA TYR C 343 -33.50 31.58 -13.61
C TYR C 343 -33.76 32.33 -14.90
N ASP C 344 -34.17 33.60 -14.75
CA ASP C 344 -34.40 34.46 -15.91
C ASP C 344 -33.17 35.30 -16.24
N THR C 345 -32.55 35.90 -15.23
CA THR C 345 -31.35 36.70 -15.41
C THR C 345 -30.22 36.11 -14.56
N PHE C 346 -28.99 36.39 -14.98
CA PHE C 346 -27.82 35.92 -14.22
C PHE C 346 -27.82 36.50 -12.81
N GLU C 347 -28.36 37.70 -12.62
CA GLU C 347 -28.46 38.26 -11.28
C GLU C 347 -29.39 37.43 -10.42
N GLU C 348 -30.48 36.92 -11.00
CA GLU C 348 -31.38 36.05 -10.25
C GLU C 348 -30.71 34.71 -9.93
N ALA C 349 -29.88 34.21 -10.85
CA ALA C 349 -29.17 32.96 -10.59
C ALA C 349 -28.29 33.06 -9.35
N VAL C 350 -27.61 34.21 -9.19
CA VAL C 350 -26.78 34.39 -7.99
C VAL C 350 -27.66 34.48 -6.75
N GLU C 351 -28.84 35.12 -6.87
CA GLU C 351 -29.78 35.16 -5.76
C GLU C 351 -30.24 33.75 -5.38
N ILE C 352 -30.41 32.88 -6.38
CA ILE C 352 -30.81 31.50 -6.11
C ILE C 352 -29.70 30.77 -5.37
N ALA C 353 -28.46 30.88 -5.85
CA ALA C 353 -27.33 30.28 -5.16
C ALA C 353 -27.17 30.87 -3.76
N MET C 354 -27.37 32.19 -3.64
CA MET C 354 -27.26 32.84 -2.33
C MET C 354 -28.26 32.25 -1.33
N ALA C 355 -29.51 32.05 -1.77
CA ALA C 355 -30.54 31.53 -0.87
C ALA C 355 -30.21 30.11 -0.42
N ASN C 356 -29.62 29.31 -1.30
CA ASN C 356 -29.27 27.95 -0.92
C ASN C 356 -28.09 27.92 0.05
N TYR C 357 -27.18 28.89 -0.04
CA TYR C 357 -26.08 28.96 0.91
C TYR C 357 -26.55 29.41 2.28
N MET C 358 -27.51 30.34 2.32
CA MET C 358 -28.12 30.69 3.60
C MET C 358 -28.87 29.51 4.18
N TYR C 359 -29.41 28.65 3.33
CA TYR C 359 -30.02 27.40 3.79
C TYR C 359 -28.97 26.50 4.43
N GLU C 360 -27.87 26.26 3.71
CA GLU C 360 -26.80 25.40 4.19
C GLU C 360 -25.59 25.58 3.27
N GLY C 361 -24.40 25.55 3.87
CA GLY C 361 -23.17 25.50 3.11
C GLY C 361 -22.46 26.82 2.89
N ALA C 362 -22.84 27.88 3.61
CA ALA C 362 -22.22 29.18 3.41
C ALA C 362 -20.72 29.13 3.71
N GLY C 363 -19.93 29.72 2.82
CA GLY C 363 -18.50 29.82 3.01
C GLY C 363 -17.67 28.73 2.36
N HIS C 364 -18.31 27.75 1.71
CA HIS C 364 -17.54 26.64 1.14
C HIS C 364 -17.18 26.92 -0.31
N THR C 365 -17.79 26.18 -1.24
CA THR C 365 -17.39 26.20 -2.63
C THR C 365 -18.61 26.46 -3.52
N ALA C 366 -18.39 27.17 -4.61
CA ALA C 366 -19.38 27.32 -5.67
C ALA C 366 -18.74 26.99 -7.01
N GLY C 367 -19.57 26.61 -7.96
CA GLY C 367 -19.13 26.34 -9.31
C GLY C 367 -19.88 27.21 -10.30
N ILE C 368 -19.23 27.55 -11.40
CA ILE C 368 -19.86 28.31 -12.46
C ILE C 368 -19.25 27.88 -13.79
N HIS C 369 -20.09 27.86 -14.82
CA HIS C 369 -19.65 27.53 -16.18
C HIS C 369 -20.10 28.67 -17.09
N SER C 370 -19.13 29.48 -17.53
CA SER C 370 -19.44 30.70 -18.26
C SER C 370 -18.23 31.14 -19.05
N ASP C 371 -18.48 31.81 -20.17
CA ASP C 371 -17.45 32.52 -20.91
C ASP C 371 -17.53 34.03 -20.69
N ASN C 372 -18.44 34.50 -19.84
CA ASN C 372 -18.61 35.91 -19.54
C ASN C 372 -17.86 36.21 -18.24
N ASP C 373 -16.70 36.87 -18.36
CA ASP C 373 -15.87 37.12 -17.20
C ASP C 373 -16.51 38.14 -16.26
N GLU C 374 -17.32 39.05 -16.79
CA GLU C 374 -18.03 40.00 -15.93
C GLU C 374 -18.99 39.27 -15.01
N ASN C 375 -19.71 38.27 -15.53
CA ASN C 375 -20.60 37.47 -14.70
C ASN C 375 -19.82 36.63 -13.70
N ILE C 376 -18.70 36.05 -14.12
CA ILE C 376 -17.89 35.24 -13.23
C ILE C 376 -17.40 36.07 -12.05
N ARG C 377 -16.90 37.28 -12.34
CA ARG C 377 -16.40 38.16 -11.28
C ARG C 377 -17.54 38.67 -10.41
N TYR C 378 -18.73 38.84 -10.97
CA TYR C 378 -19.86 39.29 -10.16
C TYR C 378 -20.29 38.20 -9.18
N ALA C 379 -20.29 36.94 -9.63
CA ALA C 379 -20.68 35.85 -8.74
C ALA C 379 -19.70 35.69 -7.59
N GLY C 380 -18.39 35.72 -7.90
CA GLY C 380 -17.38 35.57 -6.87
C GLY C 380 -17.30 36.73 -5.90
N THR C 381 -17.81 37.90 -6.29
CA THR C 381 -17.74 39.06 -5.42
C THR C 381 -18.83 39.05 -4.36
N VAL C 382 -20.02 38.55 -4.69
CA VAL C 382 -21.17 38.65 -3.81
C VAL C 382 -21.53 37.32 -3.15
N LEU C 383 -21.12 36.18 -3.69
CA LEU C 383 -21.48 34.90 -3.10
C LEU C 383 -20.63 34.64 -1.85
N PRO C 384 -21.25 34.24 -0.74
CA PRO C 384 -20.48 33.92 0.49
C PRO C 384 -19.77 32.57 0.38
N ILE C 385 -18.67 32.55 -0.38
CA ILE C 385 -17.91 31.34 -0.65
C ILE C 385 -16.43 31.63 -0.52
N SER C 386 -15.66 30.57 -0.26
CA SER C 386 -14.21 30.66 -0.23
C SER C 386 -13.58 30.28 -1.56
N ARG C 387 -14.29 29.56 -2.42
CA ARG C 387 -13.77 29.07 -3.68
C ARG C 387 -14.85 29.14 -4.74
N LEU C 388 -14.52 29.72 -5.89
CA LEU C 388 -15.40 29.71 -7.06
C LEU C 388 -14.69 28.93 -8.16
N VAL C 389 -15.24 27.76 -8.49
CA VAL C 389 -14.65 26.86 -9.49
C VAL C 389 -15.27 27.18 -10.84
N VAL C 390 -14.42 27.49 -11.83
CA VAL C 390 -14.86 28.02 -13.11
C VAL C 390 -14.51 27.04 -14.21
N ASN C 391 -15.54 26.57 -14.93
CA ASN C 391 -15.37 25.77 -16.15
C ASN C 391 -14.57 24.49 -15.88
N GLN C 392 -14.89 23.83 -14.79
CA GLN C 392 -14.29 22.55 -14.42
C GLN C 392 -15.13 21.93 -13.31
N PRO C 393 -15.01 20.62 -13.07
CA PRO C 393 -15.76 20.01 -11.97
C PRO C 393 -15.41 20.66 -10.64
N ALA C 394 -16.45 20.86 -9.82
CA ALA C 394 -16.26 21.55 -8.55
C ALA C 394 -15.41 20.75 -7.58
N THR C 395 -15.27 19.44 -7.78
CA THR C 395 -14.39 18.64 -6.92
C THR C 395 -12.93 18.98 -7.12
N THR C 396 -12.59 19.78 -8.12
CA THR C 396 -11.22 20.30 -8.27
C THR C 396 -10.93 21.43 -7.30
N ALA C 397 -11.87 21.80 -6.45
CA ALA C 397 -11.64 22.89 -5.50
C ALA C 397 -10.52 22.55 -4.52
N GLY C 398 -10.32 21.27 -4.23
CA GLY C 398 -9.29 20.83 -3.31
C GLY C 398 -7.94 20.62 -3.99
N GLY C 399 -7.77 21.18 -5.16
CA GLY C 399 -6.50 21.09 -5.86
C GLY C 399 -6.65 20.30 -7.16
N SER C 400 -5.97 20.78 -8.19
CA SER C 400 -5.94 20.13 -9.49
C SER C 400 -4.72 20.61 -10.24
N PHE C 401 -4.22 19.76 -11.13
CA PHE C 401 -3.08 20.14 -11.95
C PHE C 401 -3.44 21.19 -13.01
N ASN C 402 -4.69 21.63 -13.07
CA ASN C 402 -5.12 22.62 -14.04
C ASN C 402 -5.73 23.87 -13.41
N ASN C 403 -5.54 24.07 -12.10
CA ASN C 403 -6.00 25.28 -11.45
C ASN C 403 -5.01 25.67 -10.35
N GLY C 404 -5.27 26.80 -9.71
CA GLY C 404 -4.38 27.36 -8.71
C GLY C 404 -4.74 27.09 -7.27
N PHE C 405 -5.79 26.31 -7.01
CA PHE C 405 -6.14 25.97 -5.63
C PHE C 405 -5.05 25.09 -5.03
N ASN C 406 -4.71 25.37 -3.78
CA ASN C 406 -3.69 24.59 -3.10
C ASN C 406 -4.21 23.18 -2.84
N PRO C 407 -3.49 22.14 -3.26
CA PRO C 407 -3.97 20.76 -3.04
C PRO C 407 -4.07 20.44 -1.56
N THR C 408 -5.18 19.81 -1.18
CA THR C 408 -5.44 19.50 0.22
C THR C 408 -6.59 18.52 0.30
N THR C 409 -6.84 18.04 1.52
CA THR C 409 -8.08 17.35 1.85
C THR C 409 -8.91 18.12 2.86
N THR C 410 -8.36 19.17 3.47
CA THR C 410 -9.02 19.97 4.50
C THR C 410 -9.32 21.34 3.90
N LEU C 411 -10.57 21.55 3.48
CA LEU C 411 -10.98 22.78 2.80
C LEU C 411 -11.62 23.71 3.82
N GLY C 412 -10.86 24.73 4.25
CA GLY C 412 -11.41 25.70 5.17
C GLY C 412 -12.48 26.56 4.54
N CYS C 413 -13.45 26.97 5.35
CA CYS C 413 -14.62 27.70 4.88
C CYS C 413 -14.77 29.07 5.51
N GLY C 414 -13.70 29.60 6.13
CA GLY C 414 -13.73 30.95 6.66
C GLY C 414 -14.69 31.11 7.83
N SER C 415 -15.00 32.38 8.13
CA SER C 415 -15.88 32.70 9.23
C SER C 415 -17.32 32.26 8.97
N TRP C 416 -17.73 32.13 7.71
CA TRP C 416 -19.05 31.60 7.42
C TRP C 416 -19.22 30.21 8.01
N GLY C 417 -18.27 29.31 7.74
CA GLY C 417 -18.26 27.99 8.33
C GLY C 417 -17.63 27.92 9.70
N ARG C 418 -17.42 29.07 10.33
CA ARG C 418 -16.81 29.15 11.66
C ARG C 418 -15.41 28.53 11.67
N ASN C 419 -14.62 28.88 10.66
CA ASN C 419 -13.25 28.43 10.53
C ASN C 419 -12.32 29.63 10.59
N SER C 420 -11.05 29.36 10.89
CA SER C 420 -10.06 30.43 11.00
C SER C 420 -9.62 30.95 9.64
N ILE C 421 -9.67 30.13 8.60
CA ILE C 421 -9.20 30.51 7.28
C ILE C 421 -10.26 30.16 6.24
N SER C 422 -10.32 30.98 5.19
CA SER C 422 -11.22 30.76 4.06
C SER C 422 -10.46 30.19 2.86
N GLU C 423 -9.62 29.20 3.11
CA GLU C 423 -8.78 28.64 2.06
C GLU C 423 -8.45 27.19 2.39
N ASN C 424 -7.79 26.54 1.44
CA ASN C 424 -7.38 25.15 1.61
C ASN C 424 -6.22 25.06 2.59
N LEU C 425 -6.29 24.05 3.48
CA LEU C 425 -5.27 23.90 4.51
C LEU C 425 -3.98 23.35 3.91
N THR C 426 -2.86 23.99 4.26
CA THR C 426 -1.56 23.57 3.76
C THR C 426 -0.53 23.48 4.86
N TYR C 427 0.73 23.22 4.48
CA TYR C 427 1.85 23.28 5.41
C TYR C 427 1.92 24.63 6.12
N GLU C 428 1.53 25.71 5.42
CA GLU C 428 1.74 27.06 5.92
C GLU C 428 0.95 27.36 7.18
N HIS C 429 -0.16 26.68 7.40
CA HIS C 429 -1.01 26.93 8.56
C HIS C 429 -0.59 26.13 9.78
N LEU C 430 0.47 25.35 9.69
CA LEU C 430 0.96 24.57 10.82
C LEU C 430 2.34 25.02 11.29
N ILE C 431 2.82 26.16 10.81
CA ILE C 431 4.11 26.70 11.23
C ILE C 431 3.92 28.13 11.70
N ASN C 432 4.75 28.55 12.65
CA ASN C 432 4.84 29.94 13.05
C ASN C 432 5.89 30.64 12.19
N VAL C 433 5.50 31.74 11.56
CA VAL C 433 6.40 32.53 10.73
C VAL C 433 6.82 33.75 11.52
N SER C 434 8.07 33.75 11.99
CA SER C 434 8.60 34.85 12.78
C SER C 434 9.30 35.85 11.87
N ARG C 435 9.61 37.02 12.43
CA ARG C 435 10.20 38.11 11.67
C ARG C 435 11.39 38.69 12.42
N ILE C 436 12.51 38.81 11.71
CA ILE C 436 13.66 39.59 12.19
C ILE C 436 13.52 41.00 11.61
N GLY C 437 13.44 41.99 12.50
CA GLY C 437 13.24 43.36 12.06
C GLY C 437 14.47 44.22 12.23
N TYR C 438 15.14 44.52 11.11
CA TYR C 438 16.33 45.35 11.14
C TYR C 438 15.93 46.83 11.19
N PHE C 439 16.90 47.67 11.54
CA PHE C 439 16.68 49.10 11.68
C PHE C 439 16.94 49.77 10.33
N ASN C 440 15.88 50.29 9.71
CA ASN C 440 16.00 51.03 8.46
C ASN C 440 16.29 52.48 8.82
N LYS C 441 17.58 52.76 9.07
CA LYS C 441 18.00 54.10 9.47
C LYS C 441 17.77 55.11 8.36
N GLU C 442 17.79 54.66 7.10
CA GLU C 442 17.58 55.55 5.97
C GLU C 442 16.11 55.93 5.78
N ALA C 443 15.19 55.19 6.39
CA ALA C 443 13.76 55.46 6.20
C ALA C 443 13.40 56.83 6.78
N LYS C 444 12.38 57.44 6.20
CA LYS C 444 11.92 58.76 6.61
C LYS C 444 10.62 58.65 7.41
N VAL C 445 10.43 59.59 8.32
CA VAL C 445 9.23 59.67 9.15
C VAL C 445 8.28 60.67 8.51
N PRO C 446 7.10 60.25 8.06
CA PRO C 446 6.16 61.21 7.46
C PRO C 446 5.65 62.20 8.50
N SER C 447 5.47 63.45 8.06
CA SER C 447 5.01 64.50 8.93
C SER C 447 3.48 64.49 8.98
N TYR C 448 2.89 65.51 9.63
CA TYR C 448 1.43 65.55 9.78
C TYR C 448 0.73 65.64 8.43
N GLU C 449 1.23 66.50 7.53
CA GLU C 449 0.62 66.61 6.21
C GLU C 449 0.77 65.33 5.41
N GLU C 450 1.88 64.61 5.57
CA GLU C 450 2.09 63.40 4.80
C GLU C 450 1.18 62.27 5.26
N ILE C 451 0.75 62.29 6.52
CA ILE C 451 -0.07 61.21 7.07
C ILE C 451 -1.56 61.50 6.89
N TRP C 452 -2.02 62.68 7.31
CA TRP C 452 -3.43 63.01 7.34
C TRP C 452 -3.84 63.97 6.23
N GLY C 453 -2.94 64.27 5.29
CA GLY C 453 -3.25 65.18 4.21
C GLY C 453 -4.24 64.62 3.20
N ILE D 7 -26.81 41.61 25.29
CA ILE D 7 -25.79 41.05 24.41
C ILE D 7 -26.42 40.71 23.06
N LYS D 8 -27.56 40.02 23.09
CA LYS D 8 -28.27 39.71 21.86
C LYS D 8 -28.65 40.98 21.10
N GLU D 9 -29.03 42.02 21.84
CA GLU D 9 -29.35 43.30 21.20
C GLU D 9 -28.12 43.91 20.55
N LEU D 10 -26.98 43.89 21.26
CA LEU D 10 -25.74 44.40 20.68
C LEU D 10 -25.34 43.62 19.45
N ILE D 11 -25.46 42.29 19.49
CA ILE D 11 -25.10 41.45 18.35
C ILE D 11 -26.03 41.74 17.17
N GLU D 12 -27.32 41.90 17.45
CA GLU D 12 -28.27 42.15 16.37
C GLU D 12 -28.06 43.53 15.75
N LYS D 13 -27.86 44.55 16.59
CA LYS D 13 -27.58 45.88 16.06
C LYS D 13 -26.27 45.91 15.28
N ALA D 14 -25.31 45.05 15.64
CA ALA D 14 -24.04 45.03 14.93
C ALA D 14 -24.19 44.37 13.56
N LYS D 15 -25.03 43.34 13.46
CA LYS D 15 -25.23 42.68 12.16
C LYS D 15 -25.98 43.59 11.20
N VAL D 16 -26.94 44.36 11.70
CA VAL D 16 -27.67 45.30 10.84
C VAL D 16 -26.74 46.36 10.29
N ALA D 17 -25.82 46.85 11.13
CA ALA D 17 -24.86 47.86 10.67
C ALA D 17 -23.83 47.25 9.73
N GLN D 18 -23.51 45.96 9.89
CA GLN D 18 -22.52 45.32 9.05
C GLN D 18 -23.06 45.10 7.64
N LYS D 19 -24.33 44.72 7.53
CA LYS D 19 -24.93 44.54 6.20
C LYS D 19 -25.05 45.87 5.47
N LYS D 20 -25.27 46.97 6.20
CA LYS D 20 -25.24 48.28 5.57
C LYS D 20 -23.82 48.67 5.20
N LEU D 21 -22.84 48.36 6.07
CA LEU D 21 -21.46 48.72 5.80
C LEU D 21 -20.87 47.90 4.66
N GLU D 22 -21.36 46.67 4.48
CA GLU D 22 -20.85 45.81 3.41
C GLU D 22 -21.14 46.38 2.02
N ALA D 23 -22.15 47.24 1.90
CA ALA D 23 -22.43 47.89 0.63
C ALA D 23 -21.46 49.02 0.32
N TYR D 24 -20.65 49.44 1.30
CA TYR D 24 -19.69 50.51 1.07
C TYR D 24 -18.58 50.04 0.12
N SER D 25 -18.04 51.00 -0.62
CA SER D 25 -16.91 50.74 -1.50
C SER D 25 -15.60 50.88 -0.71
N GLN D 26 -14.48 50.70 -1.42
CA GLN D 26 -13.18 50.82 -0.77
C GLN D 26 -12.92 52.25 -0.31
N GLU D 27 -13.29 53.23 -1.14
CA GLU D 27 -13.03 54.62 -0.80
C GLU D 27 -13.92 55.08 0.36
N GLN D 28 -15.20 54.71 0.34
CA GLN D 28 -16.09 55.07 1.43
C GLN D 28 -15.64 54.46 2.75
N VAL D 29 -15.07 53.25 2.71
CA VAL D 29 -14.54 52.63 3.92
C VAL D 29 -13.30 53.36 4.39
N ASP D 30 -12.42 53.76 3.46
CA ASP D 30 -11.17 54.41 3.84
C ASP D 30 -11.42 55.76 4.52
N VAL D 31 -12.51 56.45 4.17
CA VAL D 31 -12.81 57.72 4.81
C VAL D 31 -13.12 57.53 6.28
N LEU D 32 -13.88 56.49 6.61
CA LEU D 32 -14.20 56.23 8.02
C LEU D 32 -12.97 55.81 8.80
N VAL D 33 -12.15 54.93 8.24
CA VAL D 33 -10.98 54.41 8.96
C VAL D 33 -9.99 55.53 9.24
N LYS D 34 -9.77 56.41 8.25
CA LYS D 34 -8.86 57.53 8.45
C LYS D 34 -9.35 58.44 9.58
N ALA D 35 -10.65 58.70 9.63
CA ALA D 35 -11.20 59.56 10.67
C ALA D 35 -11.16 58.90 12.05
N LEU D 36 -11.15 57.57 12.11
CA LEU D 36 -11.05 56.90 13.40
C LEU D 36 -9.68 57.11 14.04
N GLY D 37 -8.62 57.06 13.25
CA GLY D 37 -7.30 57.34 13.78
C GLY D 37 -7.07 58.82 14.03
N LYS D 38 -7.67 59.68 13.21
CA LYS D 38 -7.44 61.11 13.36
C LYS D 38 -8.09 61.67 14.62
N VAL D 39 -9.16 61.03 15.11
CA VAL D 39 -9.78 61.53 16.33
C VAL D 39 -8.96 61.17 17.56
N VAL D 40 -8.25 60.04 17.52
CA VAL D 40 -7.35 59.70 18.62
C VAL D 40 -6.10 60.59 18.57
N TYR D 41 -5.61 60.87 17.37
CA TYR D 41 -4.48 61.79 17.23
C TYR D 41 -4.82 63.16 17.78
N ASP D 42 -5.94 63.74 17.31
CA ASP D 42 -6.28 65.12 17.68
C ASP D 42 -6.64 65.26 19.15
N ASN D 43 -7.05 64.17 19.81
CA ASN D 43 -7.40 64.20 21.23
C ASN D 43 -6.38 63.43 22.07
N ALA D 44 -5.13 63.39 21.61
CA ALA D 44 -4.10 62.63 22.33
C ALA D 44 -3.88 63.18 23.73
N GLU D 45 -3.89 64.51 23.88
CA GLU D 45 -3.65 65.11 25.19
C GLU D 45 -4.76 64.75 26.17
N MET D 46 -6.01 64.84 25.74
CA MET D 46 -7.12 64.54 26.64
C MET D 46 -7.20 63.05 26.96
N PHE D 47 -7.00 62.19 25.97
CA PHE D 47 -7.09 60.75 26.20
C PHE D 47 -5.98 60.26 27.11
N ALA D 48 -4.76 60.78 26.92
CA ALA D 48 -3.63 60.34 27.74
C ALA D 48 -3.83 60.70 29.20
N LYS D 49 -4.39 61.89 29.47
CA LYS D 49 -4.60 62.31 30.85
C LYS D 49 -5.63 61.44 31.54
N GLU D 50 -6.74 61.15 30.86
CA GLU D 50 -7.79 60.32 31.45
C GLU D 50 -7.32 58.88 31.64
N ALA D 51 -6.49 58.38 30.71
CA ALA D 51 -6.01 57.01 30.82
C ALA D 51 -5.09 56.83 32.02
N VAL D 52 -4.16 57.77 32.21
CA VAL D 52 -3.24 57.69 33.35
C VAL D 52 -4.02 57.75 34.66
N GLU D 53 -4.97 58.68 34.76
CA GLU D 53 -5.67 58.89 36.02
C GLU D 53 -6.62 57.74 36.33
N GLU D 54 -7.27 57.17 35.32
CA GLU D 54 -8.22 56.10 35.56
C GLU D 54 -7.51 54.76 35.80
N THR D 55 -6.52 54.44 34.95
CA THR D 55 -5.81 53.17 35.09
C THR D 55 -4.76 53.21 36.20
N GLU D 56 -4.37 54.40 36.64
CA GLU D 56 -3.36 54.55 37.70
C GLU D 56 -2.03 53.92 37.32
N MET D 57 -1.67 54.03 36.06
CA MET D 57 -0.40 53.51 35.57
C MET D 57 -0.02 54.25 34.31
N GLY D 58 1.29 54.28 34.03
CA GLY D 58 1.80 54.89 32.82
C GLY D 58 2.26 56.32 33.03
N VAL D 59 2.71 56.91 31.92
CA VAL D 59 3.21 58.28 31.89
C VAL D 59 2.39 59.08 30.89
N TYR D 60 2.04 60.31 31.28
CA TYR D 60 1.22 61.16 30.41
C TYR D 60 1.92 61.43 29.08
N GLU D 61 3.20 61.84 29.14
CA GLU D 61 3.93 62.19 27.93
C GLU D 61 4.03 61.00 26.99
N ASP D 62 4.25 59.79 27.53
CA ASP D 62 4.41 58.61 26.69
C ASP D 62 3.10 58.21 26.03
N LYS D 63 1.97 58.37 26.72
CA LYS D 63 0.70 58.04 26.12
C LYS D 63 0.30 59.05 25.05
N VAL D 64 0.70 60.31 25.21
CA VAL D 64 0.48 61.31 24.16
C VAL D 64 1.22 60.89 22.88
N ALA D 65 2.49 60.50 23.02
CA ALA D 65 3.24 60.03 21.86
C ALA D 65 2.69 58.71 21.32
N LYS D 66 2.06 57.91 22.19
CA LYS D 66 1.47 56.65 21.73
C LYS D 66 0.28 56.90 20.82
N CYS D 67 -0.59 57.86 21.18
CA CYS D 67 -1.75 58.16 20.34
C CYS D 67 -1.32 58.76 19.02
N HIS D 68 -0.31 59.64 19.02
CA HIS D 68 0.15 60.24 17.78
C HIS D 68 0.82 59.20 16.88
N LEU D 69 1.59 58.28 17.47
CA LEU D 69 2.30 57.30 16.66
C LEU D 69 1.37 56.22 16.13
N LYS D 70 0.64 55.56 17.04
CA LYS D 70 -0.19 54.42 16.64
C LYS D 70 -1.27 54.84 15.63
N SER D 71 -1.88 56.00 15.85
CA SER D 71 -2.92 56.44 14.92
C SER D 71 -2.34 56.75 13.55
N GLY D 72 -1.20 57.43 13.51
CA GLY D 72 -0.60 57.77 12.23
C GLY D 72 0.05 56.58 11.54
N ALA D 73 0.72 55.72 12.32
CA ALA D 73 1.43 54.59 11.72
C ALA D 73 0.45 53.56 11.15
N ILE D 74 -0.66 53.31 11.83
CA ILE D 74 -1.62 52.34 11.34
C ILE D 74 -2.31 52.83 10.07
N TRP D 75 -2.73 54.10 10.06
CA TRP D 75 -3.38 54.64 8.87
C TRP D 75 -2.41 54.71 7.70
N ASN D 76 -1.17 55.14 7.95
CA ASN D 76 -0.19 55.22 6.87
C ASN D 76 0.09 53.85 6.27
N HIS D 77 -0.11 52.78 7.04
CA HIS D 77 0.18 51.43 6.57
C HIS D 77 -0.96 50.84 5.76
N ILE D 78 -2.21 51.19 6.10
CA ILE D 78 -3.38 50.55 5.51
C ILE D 78 -4.14 51.47 4.55
N LYS D 79 -3.62 52.67 4.29
CA LYS D 79 -4.37 53.62 3.47
C LYS D 79 -4.53 53.16 2.03
N ASP D 80 -3.57 52.37 1.53
CA ASP D 80 -3.59 51.94 0.13
C ASP D 80 -3.74 50.43 -0.01
N LYS D 81 -4.22 49.76 1.03
CA LYS D 81 -4.44 48.32 0.99
C LYS D 81 -5.85 48.03 0.51
N LYS D 82 -5.99 47.08 -0.40
CA LYS D 82 -7.27 46.73 -0.98
C LYS D 82 -7.93 45.64 -0.14
N THR D 83 -9.12 45.96 0.40
CA THR D 83 -9.82 45.05 1.31
C THR D 83 -11.29 44.88 0.96
N VAL D 84 -11.72 45.35 -0.22
CA VAL D 84 -13.12 45.28 -0.62
C VAL D 84 -13.19 44.69 -2.03
N GLY D 85 -13.98 43.62 -2.17
CA GLY D 85 -14.17 43.01 -3.48
C GLY D 85 -12.90 42.36 -4.00
N ILE D 86 -12.74 42.42 -5.33
CA ILE D 86 -11.56 41.84 -5.97
C ILE D 86 -10.35 42.71 -5.63
N ILE D 87 -9.34 42.10 -5.04
CA ILE D 87 -8.19 42.82 -4.52
C ILE D 87 -6.87 42.43 -5.19
N LYS D 88 -6.80 41.29 -5.88
CA LYS D 88 -5.53 40.84 -6.41
C LYS D 88 -5.76 39.92 -7.59
N GLU D 89 -4.95 40.08 -8.63
CA GLU D 89 -4.94 39.22 -9.79
C GLU D 89 -3.63 38.42 -9.82
N GLU D 90 -3.74 37.13 -10.11
CA GLU D 90 -2.57 36.25 -10.19
C GLU D 90 -2.75 35.31 -11.37
N PRO D 91 -2.50 35.80 -12.59
CA PRO D 91 -2.71 34.97 -13.79
C PRO D 91 -1.75 33.81 -13.91
N GLU D 92 -0.60 33.86 -13.24
CA GLU D 92 0.33 32.73 -13.28
C GLU D 92 -0.25 31.48 -12.61
N ARG D 93 -1.23 31.65 -11.72
CA ARG D 93 -1.96 30.53 -11.15
C ARG D 93 -3.42 30.53 -11.56
N ALA D 94 -3.82 31.44 -12.45
CA ALA D 94 -5.22 31.57 -12.89
C ALA D 94 -6.15 31.78 -11.70
N LEU D 95 -5.77 32.69 -10.82
CA LEU D 95 -6.52 32.99 -9.61
C LEU D 95 -6.94 34.45 -9.57
N VAL D 96 -8.06 34.70 -8.89
CA VAL D 96 -8.52 36.05 -8.59
C VAL D 96 -8.94 36.06 -7.12
N TYR D 97 -8.39 37.00 -6.36
CA TYR D 97 -8.62 37.09 -4.93
C TYR D 97 -9.73 38.09 -4.64
N VAL D 98 -10.66 37.70 -3.77
CA VAL D 98 -11.80 38.53 -3.39
C VAL D 98 -11.79 38.66 -1.87
N ALA D 99 -11.84 39.90 -1.38
CA ALA D 99 -11.85 40.16 0.05
C ALA D 99 -13.29 40.34 0.53
N LYS D 100 -13.69 39.57 1.52
CA LYS D 100 -15.03 39.63 2.07
C LYS D 100 -14.96 39.81 3.58
N PRO D 101 -15.93 40.52 4.16
CA PRO D 101 -15.92 40.72 5.61
C PRO D 101 -16.23 39.43 6.36
N LYS D 102 -15.66 39.31 7.56
CA LYS D 102 -15.97 38.18 8.41
C LYS D 102 -17.26 38.35 9.19
N GLY D 103 -17.70 39.59 9.42
CA GLY D 103 -18.95 39.84 10.11
C GLY D 103 -18.81 40.75 11.30
N VAL D 104 -19.25 40.29 12.47
CA VAL D 104 -19.20 41.07 13.70
C VAL D 104 -17.96 40.66 14.48
N VAL D 105 -17.18 41.65 14.93
CA VAL D 105 -15.96 41.43 15.68
C VAL D 105 -16.22 41.74 17.15
N ALA D 106 -15.86 40.81 18.03
CA ALA D 106 -15.87 41.04 19.46
C ALA D 106 -14.43 41.25 19.92
N ALA D 107 -14.15 42.41 20.52
CA ALA D 107 -12.79 42.79 20.88
C ALA D 107 -12.74 43.16 22.35
N THR D 108 -11.92 42.45 23.11
CA THR D 108 -11.64 42.81 24.51
C THR D 108 -10.33 43.60 24.55
N THR D 109 -10.36 44.75 25.21
CA THR D 109 -9.22 45.66 25.18
C THR D 109 -8.54 45.72 26.55
N PRO D 110 -7.24 45.96 26.60
CA PRO D 110 -6.49 45.88 27.86
C PRO D 110 -6.53 47.17 28.66
N ILE D 111 -5.96 47.10 29.86
CA ILE D 111 -5.83 48.28 30.71
C ILE D 111 -4.59 49.09 30.33
N THR D 112 -3.61 48.46 29.68
CA THR D 112 -2.34 49.14 29.39
C THR D 112 -2.47 50.07 28.19
N ASN D 113 -3.28 49.71 27.20
CA ASN D 113 -3.49 50.53 26.01
C ASN D 113 -4.99 50.72 25.80
N PRO D 114 -5.66 51.44 26.70
CA PRO D 114 -7.13 51.52 26.65
C PRO D 114 -7.66 52.46 25.58
N VAL D 115 -6.82 53.26 24.94
CA VAL D 115 -7.25 54.19 23.92
C VAL D 115 -6.88 53.70 22.52
N VAL D 116 -5.62 53.30 22.33
CA VAL D 116 -5.16 52.95 20.99
C VAL D 116 -5.65 51.57 20.56
N THR D 117 -5.87 50.66 21.52
CA THR D 117 -6.35 49.33 21.13
C THR D 117 -7.78 49.36 20.61
N PRO D 118 -8.75 50.04 21.25
CA PRO D 118 -10.06 50.17 20.60
C PRO D 118 -9.98 50.85 19.25
N MET D 119 -9.11 51.87 19.12
CA MET D 119 -8.93 52.53 17.83
C MET D 119 -8.34 51.56 16.80
N CYS D 120 -7.31 50.81 17.19
CA CYS D 120 -6.66 49.89 16.27
C CYS D 120 -7.62 48.78 15.82
N ASN D 121 -8.32 48.16 16.77
CA ASN D 121 -9.24 47.08 16.42
C ASN D 121 -10.40 47.60 15.58
N ALA D 122 -10.88 48.81 15.85
CA ALA D 122 -11.96 49.38 15.05
C ALA D 122 -11.48 49.76 13.66
N MET D 123 -10.28 50.34 13.55
CA MET D 123 -9.73 50.65 12.24
C MET D 123 -9.52 49.39 11.41
N ALA D 124 -9.02 48.33 12.04
CA ALA D 124 -8.80 47.07 11.32
C ALA D 124 -10.10 46.39 10.94
N ALA D 125 -11.13 46.50 11.80
CA ALA D 125 -12.41 45.86 11.51
C ALA D 125 -13.16 46.61 10.40
N ILE D 126 -13.31 47.92 10.55
CA ILE D 126 -14.08 48.69 9.58
C ILE D 126 -13.36 48.74 8.23
N LYS D 127 -12.03 48.59 8.23
CA LYS D 127 -11.30 48.55 6.96
C LYS D 127 -11.80 47.45 6.04
N GLY D 128 -12.19 46.30 6.62
CA GLY D 128 -12.66 45.20 5.83
C GLY D 128 -14.17 45.04 5.86
N ARG D 129 -14.89 46.13 6.14
CA ARG D 129 -16.35 46.17 6.17
C ARG D 129 -16.92 45.31 7.30
N ASN D 130 -16.21 45.23 8.42
CA ASN D 130 -16.71 44.55 9.61
C ASN D 130 -17.17 45.56 10.65
N THR D 131 -18.04 45.12 11.55
CA THR D 131 -18.42 45.88 12.72
C THR D 131 -17.80 45.25 13.96
N ILE D 132 -17.65 46.07 15.01
CA ILE D 132 -16.91 45.67 16.19
C ILE D 132 -17.68 46.04 17.45
N ILE D 133 -17.64 45.15 18.43
CA ILE D 133 -18.18 45.41 19.77
C ILE D 133 -17.00 45.35 20.74
N VAL D 134 -16.75 46.46 21.44
CA VAL D 134 -15.58 46.61 22.30
C VAL D 134 -15.97 46.26 23.73
N ALA D 135 -15.20 45.38 24.36
CA ALA D 135 -15.36 45.04 25.77
C ALA D 135 -14.15 45.53 26.54
N PRO D 136 -14.22 46.69 27.20
CA PRO D 136 -13.04 47.26 27.83
C PRO D 136 -12.69 46.58 29.15
N HIS D 137 -11.44 46.81 29.57
CA HIS D 137 -11.03 46.39 30.90
C HIS D 137 -11.78 47.20 31.95
N PRO D 138 -12.21 46.56 33.06
CA PRO D 138 -13.02 47.29 34.05
C PRO D 138 -12.33 48.52 34.62
N LYS D 139 -11.02 48.46 34.86
CA LYS D 139 -10.30 49.61 35.38
C LYS D 139 -10.00 50.66 34.30
N ALA D 140 -10.43 50.44 33.06
CA ALA D 140 -10.26 51.43 32.00
C ALA D 140 -11.54 51.63 31.20
N LYS D 141 -12.70 51.31 31.78
CA LYS D 141 -13.95 51.32 31.04
C LYS D 141 -14.35 52.74 30.63
N LYS D 142 -14.02 53.74 31.44
CA LYS D 142 -14.45 55.10 31.15
C LYS D 142 -13.70 55.68 29.96
N VAL D 143 -12.37 55.62 29.98
CA VAL D 143 -11.58 56.22 28.92
C VAL D 143 -11.73 55.43 27.62
N SER D 144 -11.93 54.12 27.71
CA SER D 144 -12.18 53.34 26.50
C SER D 144 -13.53 53.69 25.89
N ALA D 145 -14.56 53.86 26.73
CA ALA D 145 -15.86 54.29 26.22
C ALA D 145 -15.81 55.70 25.66
N HIS D 146 -14.98 56.57 26.24
CA HIS D 146 -14.82 57.92 25.70
C HIS D 146 -14.12 57.87 24.35
N THR D 147 -13.15 56.98 24.18
CA THR D 147 -12.52 56.79 22.89
C THR D 147 -13.54 56.30 21.86
N VAL D 148 -14.38 55.34 22.25
CA VAL D 148 -15.44 54.87 21.35
C VAL D 148 -16.45 55.98 21.10
N GLU D 149 -16.73 56.81 22.11
CA GLU D 149 -17.71 57.88 21.96
C GLU D 149 -17.26 58.88 20.90
N LEU D 150 -16.01 59.33 20.97
CA LEU D 150 -15.52 60.31 20.01
C LEU D 150 -15.31 59.71 18.62
N MET D 151 -15.09 58.39 18.53
CA MET D 151 -15.01 57.76 17.22
C MET D 151 -16.36 57.72 16.54
N ASN D 152 -17.42 57.37 17.29
CA ASN D 152 -18.76 57.33 16.70
C ASN D 152 -19.25 58.73 16.34
N ALA D 153 -18.78 59.76 17.04
CA ALA D 153 -19.16 61.12 16.68
C ALA D 153 -18.58 61.51 15.33
N GLU D 154 -17.37 61.06 15.02
CA GLU D 154 -16.79 61.33 13.71
C GLU D 154 -17.45 60.47 12.62
N LEU D 155 -17.89 59.26 12.98
CA LEU D 155 -18.60 58.43 12.02
C LEU D 155 -19.96 59.02 11.66
N LYS D 156 -20.67 59.56 12.66
CA LYS D 156 -21.98 60.12 12.41
C LYS D 156 -21.91 61.33 11.47
N LYS D 157 -20.88 62.16 11.63
CA LYS D 157 -20.73 63.32 10.76
C LYS D 157 -20.41 62.92 9.33
N LEU D 158 -19.77 61.77 9.14
CA LEU D 158 -19.42 61.28 7.81
C LEU D 158 -20.53 60.45 7.18
N GLY D 159 -21.71 60.42 7.79
CA GLY D 159 -22.82 59.66 7.23
C GLY D 159 -22.63 58.16 7.28
N ALA D 160 -21.93 57.65 8.28
CA ALA D 160 -21.72 56.23 8.43
C ALA D 160 -22.92 55.56 9.08
N PRO D 161 -23.17 54.29 8.78
CA PRO D 161 -24.28 53.59 9.44
C PRO D 161 -24.06 53.54 10.95
N GLU D 162 -25.17 53.66 11.69
CA GLU D 162 -25.08 53.70 13.15
C GLU D 162 -24.74 52.32 13.69
N ASN D 163 -24.04 52.31 14.83
CA ASN D 163 -23.74 51.12 15.61
C ASN D 163 -22.74 50.19 14.91
N ILE D 164 -21.85 50.74 14.09
CA ILE D 164 -20.75 49.93 13.58
C ILE D 164 -19.65 49.79 14.63
N ILE D 165 -19.62 50.66 15.63
CA ILE D 165 -18.73 50.53 16.78
C ILE D 165 -19.59 50.64 18.03
N GLN D 166 -19.65 49.57 18.81
CA GLN D 166 -20.40 49.54 20.05
C GLN D 166 -19.48 49.13 21.19
N ILE D 167 -19.97 49.32 22.41
CA ILE D 167 -19.20 48.99 23.61
C ILE D 167 -20.15 48.51 24.69
N VAL D 168 -19.74 47.46 25.40
CA VAL D 168 -20.53 46.89 26.48
C VAL D 168 -20.23 47.68 27.76
N GLU D 169 -21.23 48.42 28.25
CA GLU D 169 -21.03 49.22 29.45
C GLU D 169 -20.98 48.38 30.71
N ALA D 170 -21.70 47.26 30.74
CA ALA D 170 -21.71 46.35 31.89
C ALA D 170 -21.14 45.01 31.47
N PRO D 171 -19.81 44.88 31.42
CA PRO D 171 -19.20 43.62 30.94
C PRO D 171 -19.22 42.51 31.99
N SER D 172 -20.35 41.80 32.05
CA SER D 172 -20.47 40.67 32.95
C SER D 172 -19.63 39.49 32.43
N ARG D 173 -19.22 38.63 33.36
CA ARG D 173 -18.39 37.49 32.98
C ARG D 173 -19.15 36.54 32.05
N GLU D 174 -20.42 36.29 32.34
CA GLU D 174 -21.24 35.47 31.44
C GLU D 174 -21.60 36.24 30.17
N ALA D 175 -21.81 37.55 30.28
CA ALA D 175 -22.11 38.35 29.10
C ALA D 175 -20.91 38.41 28.16
N ALA D 176 -19.70 38.48 28.71
CA ALA D 176 -18.51 38.45 27.87
C ALA D 176 -18.36 37.11 27.17
N LYS D 177 -18.70 36.02 27.86
CA LYS D 177 -18.65 34.71 27.23
C LYS D 177 -19.70 34.58 26.14
N GLU D 178 -20.89 35.14 26.36
CA GLU D 178 -21.91 35.12 25.31
C GLU D 178 -21.53 36.01 24.14
N LEU D 179 -20.84 37.12 24.40
CA LEU D 179 -20.44 38.02 23.33
C LEU D 179 -19.44 37.35 22.39
N MET D 180 -18.48 36.60 22.94
CA MET D 180 -17.49 35.95 22.09
C MET D 180 -18.09 34.78 21.33
N GLU D 181 -19.01 34.04 21.97
CA GLU D 181 -19.63 32.91 21.28
C GLU D 181 -20.59 33.36 20.19
N SER D 182 -21.13 34.58 20.31
CA SER D 182 -22.11 35.07 19.35
C SER D 182 -21.48 35.83 18.18
N ALA D 183 -20.26 36.34 18.35
CA ALA D 183 -19.62 37.11 17.30
C ALA D 183 -19.00 36.18 16.25
N ASP D 184 -18.66 36.77 15.11
CA ASP D 184 -18.07 35.99 14.02
C ASP D 184 -16.57 35.76 14.22
N VAL D 185 -15.87 36.73 14.80
CA VAL D 185 -14.45 36.60 15.09
C VAL D 185 -14.16 37.36 16.37
N VAL D 186 -13.20 36.85 17.14
CA VAL D 186 -12.89 37.37 18.47
C VAL D 186 -11.45 37.87 18.48
N ILE D 187 -11.24 39.04 19.09
CA ILE D 187 -9.91 39.59 19.34
C ILE D 187 -9.76 39.76 20.83
N ALA D 188 -8.75 39.11 21.41
CA ALA D 188 -8.50 39.14 22.84
C ALA D 188 -7.14 39.76 23.09
N THR D 189 -7.13 41.04 23.45
CA THR D 189 -5.90 41.77 23.78
C THR D 189 -5.91 42.01 25.28
N GLY D 190 -5.25 41.13 26.04
CA GLY D 190 -5.22 41.27 27.48
C GLY D 190 -4.57 40.08 28.15
N GLY D 191 -5.07 39.76 29.34
CA GLY D 191 -4.50 38.69 30.12
C GLY D 191 -4.72 37.32 29.51
N ALA D 192 -3.98 36.34 30.02
CA ALA D 192 -4.06 34.99 29.50
C ALA D 192 -5.43 34.37 29.70
N GLY D 193 -6.13 34.76 30.78
CA GLY D 193 -7.47 34.26 30.99
C GLY D 193 -8.46 34.74 29.96
N ARG D 194 -8.29 35.96 29.47
CA ARG D 194 -9.15 36.47 28.41
C ARG D 194 -8.86 35.80 27.08
N VAL D 195 -7.57 35.53 26.80
CA VAL D 195 -7.20 34.88 25.56
C VAL D 195 -7.71 33.44 25.53
N LYS D 196 -7.62 32.73 26.66
CA LYS D 196 -8.09 31.36 26.73
C LYS D 196 -9.58 31.27 26.47
N ALA D 197 -10.35 32.23 26.98
CA ALA D 197 -11.79 32.25 26.74
C ALA D 197 -12.10 32.55 25.28
N ALA D 198 -11.25 33.33 24.61
CA ALA D 198 -11.46 33.62 23.20
C ALA D 198 -11.29 32.37 22.34
N TYR D 199 -10.27 31.57 22.64
CA TYR D 199 -10.06 30.31 21.92
C TYR D 199 -10.91 29.17 22.44
N SER D 200 -11.78 29.42 23.43
CA SER D 200 -12.73 28.42 23.92
C SER D 200 -14.16 28.78 23.57
N SER D 201 -14.37 29.70 22.63
CA SER D 201 -15.69 30.21 22.29
C SER D 201 -16.30 29.53 21.08
N GLY D 202 -15.61 28.59 20.45
CA GLY D 202 -16.13 27.95 19.26
C GLY D 202 -16.07 28.82 18.02
N ARG D 203 -15.33 29.92 18.05
CA ARG D 203 -15.19 30.85 16.95
C ARG D 203 -13.72 31.08 16.66
N PRO D 204 -13.38 31.44 15.42
CA PRO D 204 -11.99 31.84 15.13
C PRO D 204 -11.60 33.05 15.95
N ALA D 205 -10.47 32.94 16.66
CA ALA D 205 -10.05 33.96 17.61
C ALA D 205 -8.64 34.44 17.28
N TYR D 206 -8.33 35.62 17.80
CA TYR D 206 -6.99 36.20 17.69
C TYR D 206 -6.63 36.79 19.05
N GLY D 207 -5.59 36.26 19.67
CA GLY D 207 -5.19 36.74 20.98
C GLY D 207 -3.74 37.16 21.06
N VAL D 208 -3.27 37.46 22.27
CA VAL D 208 -1.88 37.78 22.54
C VAL D 208 -1.36 36.82 23.61
N GLY D 209 -0.06 36.89 23.85
CA GLY D 209 0.56 36.10 24.89
C GLY D 209 1.30 36.96 25.88
N PRO D 210 1.73 36.36 26.99
CA PRO D 210 2.54 37.12 27.96
C PRO D 210 3.88 37.48 27.37
N GLY D 211 4.28 38.74 27.59
CA GLY D 211 5.56 39.20 27.10
C GLY D 211 6.68 39.03 28.11
N ASN D 212 7.91 39.02 27.61
CA ASN D 212 9.11 38.95 28.44
C ASN D 212 10.34 39.15 27.55
N SER D 213 10.45 40.32 26.95
CA SER D 213 11.47 40.58 25.94
C SER D 213 12.89 40.46 26.49
N GLN D 214 13.62 39.44 26.02
CA GLN D 214 15.02 39.28 26.36
C GLN D 214 15.87 40.07 25.36
N VAL D 215 16.94 40.67 25.87
CA VAL D 215 17.80 41.53 25.06
C VAL D 215 19.23 41.03 25.18
N ILE D 216 19.86 40.72 24.05
CA ILE D 216 21.25 40.33 23.99
C ILE D 216 22.05 41.51 23.43
N VAL D 217 23.04 41.96 24.19
CA VAL D 217 24.01 42.94 23.73
C VAL D 217 25.24 42.17 23.29
N ASP D 218 25.54 42.21 21.99
CA ASP D 218 26.66 41.45 21.46
C ASP D 218 27.98 42.16 21.73
N LYS D 219 29.06 41.39 21.63
CA LYS D 219 30.39 41.94 21.89
C LYS D 219 30.81 42.88 20.78
N GLY D 220 31.35 44.04 21.15
CA GLY D 220 31.86 45.01 20.20
C GLY D 220 30.86 46.01 19.70
N TYR D 221 29.57 45.81 19.96
CA TYR D 221 28.56 46.77 19.54
C TYR D 221 28.72 48.09 20.30
N ASP D 222 28.15 49.15 19.73
CA ASP D 222 28.13 50.44 20.40
C ASP D 222 27.30 50.35 21.67
N TYR D 223 27.97 50.17 22.82
CA TYR D 223 27.27 49.99 24.08
C TYR D 223 26.46 51.22 24.47
N ASN D 224 26.91 52.40 24.03
CA ASN D 224 26.16 53.62 24.34
C ASN D 224 24.84 53.66 23.58
N LYS D 225 24.85 53.28 22.30
CA LYS D 225 23.62 53.24 21.53
C LYS D 225 22.68 52.14 22.04
N ALA D 226 23.24 50.99 22.41
CA ALA D 226 22.42 49.90 22.92
C ALA D 226 21.76 50.29 24.24
N ALA D 227 22.49 50.98 25.11
CA ALA D 227 21.92 51.41 26.38
C ALA D 227 20.80 52.41 26.17
N GLN D 228 20.98 53.37 25.27
CA GLN D 228 19.94 54.36 24.99
C GLN D 228 18.68 53.69 24.45
N ASP D 229 18.83 52.72 23.56
CA ASP D 229 17.67 52.05 22.98
C ASP D 229 16.96 51.19 24.01
N ILE D 230 17.71 50.45 24.83
CA ILE D 230 17.10 49.58 25.82
C ILE D 230 16.38 50.40 26.88
N ILE D 231 16.99 51.50 27.32
CA ILE D 231 16.36 52.34 28.34
C ILE D 231 15.12 53.01 27.78
N THR D 232 15.16 53.43 26.52
CA THR D 232 13.99 54.05 25.90
C THR D 232 12.79 53.11 25.92
N GLY D 233 13.01 51.85 25.54
CA GLY D 233 11.91 50.89 25.51
C GLY D 233 11.50 50.39 26.87
N ARG D 234 12.44 50.32 27.82
CA ARG D 234 12.10 49.83 29.16
C ARG D 234 11.29 50.85 29.94
N LYS D 235 11.64 52.14 29.82
CA LYS D 235 10.97 53.17 30.59
C LYS D 235 9.67 53.66 29.95
N TYR D 236 9.41 53.28 28.71
CA TYR D 236 8.26 53.82 27.99
C TYR D 236 6.96 53.42 28.68
N ASP D 237 6.14 54.43 28.99
CA ASP D 237 4.86 54.24 29.67
C ASP D 237 5.05 53.47 30.98
N ASN D 238 6.18 53.72 31.64
CA ASN D 238 6.57 53.01 32.86
C ASN D 238 6.60 51.49 32.65
N GLY D 239 6.98 51.08 31.45
CA GLY D 239 7.28 49.69 31.16
C GLY D 239 6.10 48.74 31.03
N ILE D 240 4.89 49.25 30.74
CA ILE D 240 3.72 48.39 30.66
C ILE D 240 3.51 47.82 29.26
N ILE D 241 4.31 48.22 28.27
CA ILE D 241 4.17 47.66 26.93
C ILE D 241 4.66 46.22 26.93
N CYS D 242 3.92 45.35 26.26
CA CYS D 242 4.22 43.92 26.30
C CYS D 242 5.55 43.57 25.65
N SER D 243 6.04 44.39 24.73
CA SER D 243 7.32 44.16 24.09
C SER D 243 8.48 44.84 24.80
N SER D 244 8.23 45.50 25.93
CA SER D 244 9.25 46.29 26.59
C SER D 244 10.42 45.43 27.04
N GLU D 245 11.62 46.03 27.02
CA GLU D 245 12.83 45.33 27.43
C GLU D 245 12.71 44.85 28.87
N GLN D 246 13.11 43.60 29.11
CA GLN D 246 13.01 43.00 30.43
C GLN D 246 14.36 42.63 31.04
N SER D 247 15.37 42.37 30.22
CA SER D 247 16.67 41.92 30.72
C SER D 247 17.78 42.55 29.89
N VAL D 248 18.99 42.46 30.41
CA VAL D 248 20.21 42.89 29.73
C VAL D 248 21.17 41.71 29.79
N ILE D 249 21.33 41.01 28.67
CA ILE D 249 22.23 39.87 28.58
C ILE D 249 23.51 40.40 27.93
N ALA D 250 24.49 40.76 28.77
CA ALA D 250 25.70 41.47 28.36
C ALA D 250 26.93 40.57 28.47
N PRO D 251 27.94 40.80 27.63
CA PRO D 251 29.13 39.94 27.67
C PRO D 251 29.93 40.16 28.95
N ALA D 252 30.47 39.06 29.47
CA ALA D 252 31.20 39.13 30.74
C ALA D 252 32.50 39.92 30.60
N GLU D 253 33.14 39.90 29.43
CA GLU D 253 34.40 40.59 29.27
C GLU D 253 34.23 42.10 29.20
N ASP D 254 33.05 42.58 28.83
CA ASP D 254 32.76 44.01 28.74
C ASP D 254 31.60 44.40 29.67
N TYR D 255 31.39 43.62 30.72
CA TYR D 255 30.21 43.83 31.57
C TYR D 255 30.21 45.22 32.19
N ASP D 256 31.35 45.63 32.76
CA ASP D 256 31.42 46.94 33.39
C ASP D 256 31.26 48.06 32.36
N LYS D 257 31.75 47.84 31.14
CA LYS D 257 31.57 48.85 30.09
C LYS D 257 30.09 48.99 29.71
N VAL D 258 29.37 47.87 29.67
CA VAL D 258 27.94 47.92 29.37
C VAL D 258 27.19 48.66 30.48
N ILE D 259 27.45 48.29 31.74
CA ILE D 259 26.81 48.95 32.87
C ILE D 259 27.15 50.43 32.88
N ALA D 260 28.40 50.78 32.57
CA ALA D 260 28.79 52.19 32.52
C ALA D 260 27.99 52.94 31.47
N ALA D 261 27.73 52.31 30.33
CA ALA D 261 26.92 52.94 29.30
C ALA D 261 25.48 53.15 29.78
N PHE D 262 24.93 52.17 30.50
CA PHE D 262 23.58 52.33 31.05
C PHE D 262 23.55 53.45 32.08
N VAL D 263 24.52 53.47 33.00
CA VAL D 263 24.59 54.54 33.98
C VAL D 263 24.75 55.89 33.30
N GLU D 264 25.54 55.93 32.23
CA GLU D 264 25.76 57.18 31.50
C GLU D 264 24.45 57.75 30.93
N ASN D 265 23.46 56.89 30.69
CA ASN D 265 22.21 57.30 30.06
C ASN D 265 21.02 57.18 31.01
N GLY D 266 21.25 57.25 32.32
CA GLY D 266 20.19 57.39 33.27
C GLY D 266 19.81 56.17 34.07
N ALA D 267 20.56 55.08 33.94
CA ALA D 267 20.27 53.86 34.70
C ALA D 267 20.89 53.93 36.09
N PHE D 268 20.20 53.31 37.05
CA PHE D 268 20.71 53.11 38.41
C PHE D 268 20.99 51.63 38.56
N TYR D 269 22.26 51.27 38.63
CA TYR D 269 22.68 49.88 38.69
C TYR D 269 22.90 49.45 40.13
N VAL D 270 22.37 48.28 40.48
CA VAL D 270 22.46 47.74 41.83
C VAL D 270 23.19 46.41 41.76
N GLU D 271 24.36 46.33 42.39
CA GLU D 271 25.13 45.09 42.46
C GLU D 271 25.03 44.39 43.81
N ASP D 272 24.82 45.16 44.89
CA ASP D 272 24.77 44.58 46.23
C ASP D 272 23.64 43.57 46.34
N GLU D 273 23.96 42.36 46.79
CA GLU D 273 22.98 41.29 46.86
C GLU D 273 21.85 41.64 47.82
N GLU D 274 22.17 42.31 48.93
CA GLU D 274 21.14 42.69 49.88
C GLU D 274 20.27 43.82 49.35
N THR D 275 20.86 44.76 48.59
CA THR D 275 20.06 45.85 48.02
C THR D 275 19.17 45.37 46.89
N VAL D 276 19.65 44.41 46.09
CA VAL D 276 18.81 43.84 45.03
C VAL D 276 17.58 43.16 45.65
N GLU D 277 17.77 42.48 46.78
CA GLU D 277 16.65 41.78 47.42
C GLU D 277 15.57 42.76 47.87
N LYS D 278 15.95 43.99 48.23
CA LYS D 278 14.94 44.98 48.59
C LYS D 278 14.05 45.33 47.42
N PHE D 279 14.61 45.34 46.20
CA PHE D 279 13.78 45.55 45.01
C PHE D 279 13.05 44.27 44.61
N ARG D 280 13.69 43.11 44.78
CA ARG D 280 13.07 41.85 44.39
C ARG D 280 11.83 41.57 45.24
N SER D 281 11.94 41.75 46.56
CA SER D 281 10.81 41.52 47.44
C SER D 281 9.73 42.58 47.27
N THR D 282 10.04 43.72 46.65
CA THR D 282 9.04 44.74 46.37
C THR D 282 8.33 44.50 45.04
N LEU D 283 9.06 44.07 44.02
CA LEU D 283 8.46 43.81 42.71
C LEU D 283 7.63 42.54 42.70
N PHE D 284 8.09 41.50 43.41
CA PHE D 284 7.39 40.21 43.46
C PHE D 284 7.11 39.87 44.91
N LYS D 285 5.87 39.43 45.19
CA LYS D 285 5.49 39.07 46.54
C LYS D 285 5.43 37.57 46.71
N ASP D 286 4.37 36.94 46.21
CA ASP D 286 4.19 35.50 46.29
C ASP D 286 4.50 34.83 44.96
N GLY D 287 5.65 35.16 44.37
CA GLY D 287 6.01 34.68 43.06
C GLY D 287 5.35 35.41 41.91
N LYS D 288 4.41 36.31 42.18
CA LYS D 288 3.71 37.07 41.16
C LYS D 288 4.04 38.55 41.31
N ILE D 289 3.87 39.29 40.21
CA ILE D 289 4.21 40.70 40.19
C ILE D 289 3.34 41.46 41.17
N ASN D 290 3.95 42.40 41.90
CA ASN D 290 3.22 43.25 42.83
C ASN D 290 2.40 44.26 42.03
N SER D 291 1.07 44.15 42.13
CA SER D 291 0.19 45.02 41.35
C SER D 291 0.35 46.49 41.71
N LYS D 292 0.89 46.79 42.89
CA LYS D 292 1.01 48.17 43.33
C LYS D 292 2.17 48.92 42.68
N ILE D 293 3.07 48.23 42.00
CA ILE D 293 4.17 48.87 41.28
C ILE D 293 4.03 48.74 39.77
N ILE D 294 2.94 48.17 39.29
CA ILE D 294 2.74 48.01 37.85
C ILE D 294 2.56 49.39 37.23
N GLY D 295 3.42 49.72 36.28
CA GLY D 295 3.33 51.01 35.61
C GLY D 295 3.61 52.21 36.48
N LYS D 296 4.38 52.03 37.55
CA LYS D 296 4.72 53.10 38.46
C LYS D 296 6.14 53.63 38.18
N SER D 297 6.41 54.82 38.67
CA SER D 297 7.67 55.49 38.38
C SER D 297 8.82 54.80 39.13
N VAL D 298 10.05 55.19 38.77
CA VAL D 298 11.23 54.68 39.45
C VAL D 298 11.22 55.09 40.92
N GLN D 299 10.86 56.34 41.20
CA GLN D 299 10.90 56.83 42.58
C GLN D 299 9.85 56.16 43.45
N ILE D 300 8.68 55.84 42.89
CA ILE D 300 7.67 55.13 43.65
C ILE D 300 8.17 53.74 44.03
N ILE D 301 8.83 53.06 43.08
CA ILE D 301 9.40 51.75 43.37
C ILE D 301 10.53 51.86 44.39
N ALA D 302 11.37 52.89 44.23
CA ALA D 302 12.47 53.09 45.16
C ALA D 302 11.98 53.35 46.58
N ASP D 303 10.94 54.19 46.71
CA ASP D 303 10.42 54.50 48.03
C ASP D 303 9.82 53.27 48.70
N LEU D 304 9.06 52.47 47.95
CA LEU D 304 8.49 51.25 48.51
C LEU D 304 9.59 50.25 48.88
N ALA D 305 10.64 50.16 48.07
CA ALA D 305 11.74 49.25 48.35
C ALA D 305 12.67 49.75 49.46
N GLY D 306 12.54 51.01 49.85
CA GLY D 306 13.43 51.55 50.87
C GLY D 306 14.84 51.81 50.41
N VAL D 307 15.02 52.18 49.14
CA VAL D 307 16.34 52.41 48.57
C VAL D 307 16.37 53.81 47.97
N LYS D 308 17.39 54.59 48.32
CA LYS D 308 17.57 55.91 47.73
C LYS D 308 18.03 55.76 46.29
N VAL D 309 17.30 56.37 45.36
CA VAL D 309 17.61 56.36 43.94
C VAL D 309 17.66 57.80 43.46
N PRO D 310 18.74 58.23 42.80
CA PRO D 310 18.87 59.65 42.46
C PRO D 310 17.76 60.13 41.53
N GLU D 311 17.37 61.40 41.71
CA GLU D 311 16.39 62.01 40.82
C GLU D 311 16.93 62.05 39.40
N GLY D 312 16.03 61.92 38.44
CA GLY D 312 16.40 61.81 37.05
C GLY D 312 16.74 60.41 36.59
N THR D 313 16.74 59.44 37.50
CA THR D 313 16.98 58.06 37.11
C THR D 313 15.84 57.57 36.22
N LYS D 314 16.19 56.96 35.09
CA LYS D 314 15.18 56.51 34.14
C LYS D 314 14.79 55.05 34.35
N VAL D 315 15.77 54.17 34.61
CA VAL D 315 15.50 52.76 34.84
C VAL D 315 16.35 52.26 36.00
N ILE D 316 15.94 51.14 36.57
CA ILE D 316 16.69 50.42 37.59
C ILE D 316 17.18 49.12 36.99
N VAL D 317 18.48 48.84 37.14
CA VAL D 317 19.09 47.63 36.62
C VAL D 317 19.58 46.81 37.81
N LEU D 318 19.03 45.61 37.96
CA LEU D 318 19.34 44.73 39.08
C LEU D 318 20.18 43.56 38.59
N LYS D 319 21.31 43.32 39.24
CA LYS D 319 22.13 42.16 38.96
C LYS D 319 21.37 40.89 39.35
N GLY D 320 21.05 40.07 38.35
CA GLY D 320 20.32 38.85 38.62
C GLY D 320 21.18 37.77 39.23
N LYS D 321 20.52 36.85 39.94
CA LYS D 321 21.22 35.71 40.53
C LYS D 321 21.53 34.62 39.51
N GLY D 322 20.80 34.58 38.40
CA GLY D 322 21.02 33.56 37.40
C GLY D 322 19.87 33.55 36.41
N ALA D 323 20.08 32.80 35.34
CA ALA D 323 19.09 32.72 34.27
C ALA D 323 17.94 31.81 34.65
N GLY D 324 16.77 32.08 34.07
CA GLY D 324 15.64 31.20 34.27
C GLY D 324 15.06 31.34 35.67
N GLU D 325 14.65 30.20 36.24
CA GLU D 325 14.02 30.17 37.55
C GLU D 325 15.00 30.41 38.70
N LYS D 326 16.29 30.62 38.40
CA LYS D 326 17.23 30.97 39.46
C LYS D 326 17.01 32.37 40.01
N ASP D 327 16.13 33.16 39.40
CA ASP D 327 15.79 34.48 39.91
C ASP D 327 14.42 34.87 39.37
N VAL D 328 13.51 35.23 40.28
CA VAL D 328 12.18 35.66 39.86
C VAL D 328 12.23 36.96 39.07
N LEU D 329 13.32 37.72 39.19
CA LEU D 329 13.50 38.93 38.39
C LEU D 329 13.60 38.64 36.90
N CYS D 330 13.80 37.38 36.51
CA CYS D 330 13.84 37.00 35.11
C CYS D 330 12.45 36.85 34.51
N LYS D 331 11.39 37.01 35.30
CA LYS D 331 10.04 37.01 34.77
C LYS D 331 9.69 38.39 34.22
N GLU D 332 8.51 38.50 33.61
CA GLU D 332 8.07 39.79 33.09
C GLU D 332 7.91 40.80 34.22
N LYS D 333 8.40 42.00 34.00
CA LYS D 333 8.30 43.10 34.95
C LYS D 333 7.67 44.28 34.25
N MET D 334 6.42 44.59 34.58
CA MET D 334 5.69 45.72 34.00
C MET D 334 5.98 47.00 34.77
N CYS D 335 7.26 47.38 34.77
CA CYS D 335 7.76 48.53 35.49
C CYS D 335 9.19 48.79 35.01
N PRO D 336 9.69 50.04 35.14
CA PRO D 336 11.03 50.35 34.61
C PRO D 336 12.16 49.71 35.39
N VAL D 337 12.24 48.38 35.37
CA VAL D 337 13.27 47.63 36.07
C VAL D 337 13.81 46.56 35.13
N LEU D 338 15.13 46.46 35.03
CA LEU D 338 15.80 45.47 34.20
C LEU D 338 16.63 44.53 35.08
N VAL D 339 16.76 43.28 34.62
CA VAL D 339 17.65 42.31 35.25
C VAL D 339 18.85 42.11 34.35
N ALA D 340 20.05 42.13 34.95
CA ALA D 340 21.30 42.05 34.21
C ALA D 340 21.95 40.69 34.44
N LEU D 341 22.38 40.05 33.35
CA LEU D 341 23.00 38.74 33.40
C LEU D 341 24.22 38.74 32.49
N LYS D 342 25.20 37.90 32.82
CA LYS D 342 26.45 37.79 32.09
C LYS D 342 26.48 36.54 31.23
N TYR D 343 27.23 36.60 30.13
CA TYR D 343 27.46 35.44 29.29
C TYR D 343 28.90 35.42 28.82
N ASP D 344 29.40 34.21 28.52
CA ASP D 344 30.75 34.06 28.02
C ASP D 344 30.80 34.00 26.49
N THR D 345 29.89 33.26 25.88
CA THR D 345 29.77 33.19 24.42
C THR D 345 28.37 33.58 24.00
N PHE D 346 28.26 34.06 22.76
CA PHE D 346 26.96 34.43 22.22
C PHE D 346 26.01 33.24 22.18
N GLU D 347 26.55 32.04 21.99
CA GLU D 347 25.71 30.84 22.06
C GLU D 347 25.11 30.66 23.45
N GLU D 348 25.89 30.95 24.49
CA GLU D 348 25.37 30.93 25.85
C GLU D 348 24.38 32.05 26.09
N ALA D 349 24.58 33.21 25.45
CA ALA D 349 23.65 34.32 25.59
C ALA D 349 22.26 33.93 25.08
N VAL D 350 22.20 33.16 23.99
CA VAL D 350 20.92 32.71 23.47
C VAL D 350 20.31 31.67 24.41
N GLU D 351 21.15 30.81 25.00
CA GLU D 351 20.67 29.84 25.97
C GLU D 351 20.06 30.54 27.18
N ILE D 352 20.64 31.68 27.59
CA ILE D 352 20.09 32.44 28.71
C ILE D 352 18.74 33.02 28.35
N ALA D 353 18.63 33.62 27.16
CA ALA D 353 17.34 34.13 26.71
C ALA D 353 16.33 33.00 26.56
N MET D 354 16.76 31.87 26.00
CA MET D 354 15.87 30.71 25.86
C MET D 354 15.33 30.27 27.21
N ALA D 355 16.19 30.25 28.24
CA ALA D 355 15.75 29.83 29.57
C ALA D 355 14.72 30.79 30.15
N ASN D 356 14.87 32.09 29.87
CA ASN D 356 13.90 33.05 30.40
C ASN D 356 12.57 32.98 29.66
N TYR D 357 12.59 32.64 28.37
CA TYR D 357 11.34 32.47 27.63
C TYR D 357 10.61 31.20 28.06
N MET D 358 11.35 30.15 28.42
CA MET D 358 10.73 28.97 29.01
C MET D 358 10.13 29.30 30.38
N TYR D 359 10.76 30.22 31.11
CA TYR D 359 10.18 30.70 32.36
C TYR D 359 8.87 31.43 32.10
N GLU D 360 8.88 32.40 31.18
CA GLU D 360 7.70 33.18 30.85
C GLU D 360 7.98 33.96 29.57
N GLY D 361 6.96 34.08 28.73
CA GLY D 361 7.02 34.95 27.57
C GLY D 361 7.38 34.30 26.25
N ALA D 362 7.37 32.98 26.16
CA ALA D 362 7.70 32.31 24.91
C ALA D 362 6.73 32.70 23.80
N GLY D 363 7.29 33.09 22.66
CA GLY D 363 6.51 33.42 21.49
C GLY D 363 6.29 34.89 21.22
N HIS D 364 6.78 35.78 22.08
CA HIS D 364 6.54 37.20 21.91
C HIS D 364 7.69 37.87 21.16
N THR D 365 8.45 38.71 21.86
CA THR D 365 9.44 39.58 21.22
C THR D 365 10.79 39.44 21.92
N ALA D 366 11.85 39.54 21.13
CA ALA D 366 13.21 39.62 21.64
C ALA D 366 13.91 40.82 21.01
N GLY D 367 14.89 41.34 21.72
CA GLY D 367 15.72 42.42 21.22
C GLY D 367 17.18 41.97 21.13
N ILE D 368 17.90 42.54 20.18
CA ILE D 368 19.31 42.25 20.03
C ILE D 368 20.00 43.50 19.49
N HIS D 369 21.21 43.76 19.98
CA HIS D 369 22.02 44.89 19.56
C HIS D 369 23.37 44.35 19.11
N SER D 370 23.55 44.29 17.79
CA SER D 370 24.71 43.60 17.23
C SER D 370 24.96 44.10 15.82
N ASP D 371 26.23 44.06 15.41
CA ASP D 371 26.62 44.27 14.03
C ASP D 371 27.02 42.97 13.35
N ASN D 372 26.92 41.84 14.06
CA ASN D 372 27.25 40.53 13.52
C ASN D 372 25.96 39.89 13.02
N ASP D 373 25.75 39.92 11.71
CA ASP D 373 24.51 39.39 11.14
C ASP D 373 24.41 37.88 11.33
N GLU D 374 25.53 37.18 11.41
CA GLU D 374 25.48 35.74 11.67
C GLU D 374 24.92 35.46 13.05
N ASN D 375 25.35 36.23 14.06
CA ASN D 375 24.80 36.07 15.40
C ASN D 375 23.33 36.46 15.45
N ILE D 376 22.95 37.52 14.73
CA ILE D 376 21.56 37.94 14.70
C ILE D 376 20.70 36.85 14.06
N ARG D 377 21.14 36.31 12.93
CA ARG D 377 20.39 35.26 12.26
C ARG D 377 20.36 33.98 13.09
N TYR D 378 21.39 33.74 13.91
CA TYR D 378 21.37 32.57 14.78
C TYR D 378 20.37 32.76 15.91
N ALA D 379 20.30 33.98 16.47
CA ALA D 379 19.35 34.23 17.56
C ALA D 379 17.92 34.11 17.07
N GLY D 380 17.61 34.66 15.90
CA GLY D 380 16.26 34.60 15.37
C GLY D 380 15.83 33.23 14.90
N THR D 381 16.79 32.33 14.65
CA THR D 381 16.46 31.01 14.14
C THR D 381 16.05 30.05 15.25
N VAL D 382 16.71 30.13 16.41
CA VAL D 382 16.50 29.15 17.47
C VAL D 382 15.63 29.67 18.61
N LEU D 383 15.42 30.98 18.71
CA LEU D 383 14.67 31.50 19.85
C LEU D 383 13.16 31.37 19.60
N PRO D 384 12.40 30.93 20.60
CA PRO D 384 10.92 30.83 20.46
C PRO D 384 10.26 32.19 20.56
N ILE D 385 10.38 32.97 19.49
CA ILE D 385 9.88 34.34 19.43
C ILE D 385 9.19 34.56 18.09
N SER D 386 8.26 35.50 18.09
CA SER D 386 7.61 35.94 16.85
C SER D 386 8.26 37.16 16.23
N ARG D 387 8.98 37.96 17.02
CA ARG D 387 9.62 39.18 16.55
C ARG D 387 10.99 39.31 17.20
N LEU D 388 12.00 39.60 16.37
CA LEU D 388 13.34 39.91 16.86
C LEU D 388 13.67 41.32 16.41
N VAL D 389 13.83 42.22 17.39
CA VAL D 389 14.05 43.64 17.14
C VAL D 389 15.55 43.90 17.20
N VAL D 390 16.10 44.48 16.12
CA VAL D 390 17.54 44.58 15.93
C VAL D 390 17.94 46.05 15.94
N ASN D 391 18.79 46.42 16.92
CA ASN D 391 19.42 47.74 16.97
C ASN D 391 18.39 48.87 17.03
N GLN D 392 17.40 48.70 17.89
CA GLN D 392 16.36 49.68 18.12
C GLN D 392 15.60 49.29 19.39
N PRO D 393 14.86 50.22 19.99
CA PRO D 393 14.06 49.86 21.17
C PRO D 393 13.10 48.74 20.85
N ALA D 394 12.95 47.81 21.80
CA ALA D 394 12.08 46.66 21.59
C ALA D 394 10.61 47.04 21.49
N THR D 395 10.24 48.23 22.00
CA THR D 395 8.87 48.69 21.86
C THR D 395 8.51 49.10 20.44
N THR D 396 9.47 49.08 19.51
CA THR D 396 9.17 49.27 18.11
C THR D 396 8.64 48.00 17.46
N ALA D 397 8.46 46.92 18.23
CA ALA D 397 7.96 45.67 17.67
C ALA D 397 6.54 45.83 17.13
N GLY D 398 5.75 46.72 17.73
CA GLY D 398 4.39 46.94 17.29
C GLY D 398 4.28 47.96 16.18
N GLY D 399 5.39 48.22 15.49
CA GLY D 399 5.38 49.14 14.38
C GLY D 399 6.25 50.36 14.59
N SER D 400 6.94 50.78 13.53
CA SER D 400 7.78 51.98 13.56
C SER D 400 8.01 52.42 12.12
N PHE D 401 8.21 53.73 11.95
CA PHE D 401 8.52 54.24 10.62
C PHE D 401 9.92 53.86 10.14
N ASN D 402 10.70 53.17 10.97
CA ASN D 402 12.05 52.75 10.62
C ASN D 402 12.22 51.24 10.60
N ASN D 403 11.13 50.48 10.66
CA ASN D 403 11.21 49.02 10.54
C ASN D 403 10.00 48.51 9.77
N GLY D 404 10.02 47.21 9.50
CA GLY D 404 9.01 46.56 8.69
C GLY D 404 7.89 45.86 9.43
N PHE D 405 7.85 45.95 10.76
CA PHE D 405 6.76 45.34 11.50
C PHE D 405 5.45 46.08 11.20
N ASN D 406 4.37 45.31 11.05
CA ASN D 406 3.08 45.89 10.75
C ASN D 406 2.56 46.66 11.97
N PRO D 407 2.21 47.93 11.82
CA PRO D 407 1.76 48.72 12.98
C PRO D 407 0.49 48.14 13.59
N THR D 408 0.48 48.02 14.91
CA THR D 408 -0.66 47.43 15.60
C THR D 408 -0.57 47.77 17.09
N THR D 409 -1.64 47.43 17.80
CA THR D 409 -1.62 47.36 19.25
C THR D 409 -1.81 45.94 19.77
N THR D 410 -2.12 45.00 18.88
CA THR D 410 -2.38 43.61 19.24
C THR D 410 -1.26 42.76 18.64
N LEU D 411 -0.32 42.33 19.47
CA LEU D 411 0.86 41.58 19.03
C LEU D 411 0.61 40.09 19.28
N GLY D 412 0.32 39.35 18.22
CA GLY D 412 0.13 37.92 18.35
C GLY D 412 1.43 37.20 18.62
N CYS D 413 1.35 36.14 19.42
CA CYS D 413 2.53 35.42 19.89
C CYS D 413 2.60 33.99 19.39
N GLY D 414 1.79 33.63 18.38
CA GLY D 414 1.91 32.31 17.78
C GLY D 414 1.44 31.18 18.67
N SER D 415 1.84 29.96 18.29
CA SER D 415 1.44 28.78 19.05
C SER D 415 2.08 28.74 20.43
N TRP D 416 3.25 29.37 20.59
CA TRP D 416 3.87 29.44 21.92
C TRP D 416 2.96 30.15 22.91
N GLY D 417 2.46 31.33 22.54
CA GLY D 417 1.50 32.05 23.33
C GLY D 417 0.08 31.58 23.18
N ARG D 418 -0.13 30.42 22.57
CA ARG D 418 -1.46 29.84 22.35
C ARG D 418 -2.33 30.79 21.52
N ASN D 419 -1.75 31.32 20.45
CA ASN D 419 -2.42 32.24 19.55
C ASN D 419 -2.45 31.66 18.14
N SER D 420 -3.37 32.17 17.33
CA SER D 420 -3.56 31.65 15.98
C SER D 420 -2.48 32.12 15.01
N ILE D 421 -1.87 33.28 15.27
CA ILE D 421 -0.86 33.84 14.38
C ILE D 421 0.34 34.29 15.20
N SER D 422 1.52 34.24 14.57
CA SER D 422 2.75 34.68 15.21
C SER D 422 3.21 36.02 14.61
N GLU D 423 2.30 36.99 14.56
CA GLU D 423 2.60 38.27 13.95
C GLU D 423 1.67 39.33 14.53
N ASN D 424 1.87 40.57 14.09
CA ASN D 424 1.06 41.69 14.53
C ASN D 424 -0.31 41.65 13.85
N LEU D 425 -1.36 41.89 14.63
CA LEU D 425 -2.71 41.85 14.11
C LEU D 425 -2.97 43.05 13.20
N THR D 426 -3.57 42.78 12.03
CA THR D 426 -3.86 43.83 11.06
C THR D 426 -5.27 43.64 10.51
N TYR D 427 -5.62 44.49 9.56
CA TYR D 427 -6.87 44.35 8.82
C TYR D 427 -6.99 42.97 8.17
N GLU D 428 -5.86 42.37 7.79
CA GLU D 428 -5.89 41.17 6.97
C GLU D 428 -6.47 39.98 7.72
N HIS D 429 -6.32 39.94 9.03
CA HIS D 429 -6.82 38.84 9.83
C HIS D 429 -8.30 38.95 10.17
N LEU D 430 -8.96 40.00 9.68
CA LEU D 430 -10.39 40.20 9.94
C LEU D 430 -11.22 40.12 8.67
N ILE D 431 -10.64 39.69 7.56
CA ILE D 431 -11.36 39.51 6.30
C ILE D 431 -11.16 38.08 5.82
N ASN D 432 -12.17 37.57 5.13
CA ASN D 432 -12.05 36.31 4.42
C ASN D 432 -11.59 36.59 3.00
N VAL D 433 -10.50 35.95 2.59
CA VAL D 433 -9.94 36.11 1.25
C VAL D 433 -10.38 34.89 0.43
N SER D 434 -11.26 35.11 -0.53
CA SER D 434 -11.77 34.06 -1.39
C SER D 434 -10.95 33.99 -2.69
N ARG D 435 -11.14 32.90 -3.42
CA ARG D 435 -10.38 32.65 -4.63
C ARG D 435 -11.31 32.26 -5.77
N ILE D 436 -11.21 32.98 -6.88
CA ILE D 436 -11.81 32.57 -8.14
C ILE D 436 -10.78 31.75 -8.90
N GLY D 437 -11.08 30.48 -9.12
CA GLY D 437 -10.14 29.59 -9.78
C GLY D 437 -10.53 29.25 -11.20
N TYR D 438 -9.86 29.88 -12.18
CA TYR D 438 -10.13 29.61 -13.57
C TYR D 438 -9.44 28.32 -14.01
N PHE D 439 -9.86 27.81 -15.17
CA PHE D 439 -9.32 26.57 -15.72
C PHE D 439 -8.08 26.90 -16.55
N ASN D 440 -6.95 26.35 -16.14
CA ASN D 440 -5.67 26.54 -16.85
C ASN D 440 -5.47 25.34 -17.75
N LYS D 441 -6.03 25.43 -18.96
CA LYS D 441 -5.92 24.32 -19.91
C LYS D 441 -4.48 24.15 -20.42
N GLU D 442 -3.69 25.23 -20.42
CA GLU D 442 -2.30 25.11 -20.84
C GLU D 442 -1.48 24.27 -19.86
N ALA D 443 -1.90 24.22 -18.60
CA ALA D 443 -1.16 23.46 -17.60
C ALA D 443 -1.15 21.97 -17.95
N LYS D 444 -0.01 21.33 -17.73
CA LYS D 444 0.17 19.91 -18.04
C LYS D 444 0.22 19.10 -16.76
N VAL D 445 -0.19 17.84 -16.86
CA VAL D 445 -0.23 16.93 -15.72
C VAL D 445 1.12 16.20 -15.66
N PRO D 446 1.88 16.35 -14.57
CA PRO D 446 3.14 15.61 -14.47
C PRO D 446 2.90 14.12 -14.33
N SER D 447 3.76 13.33 -14.97
CA SER D 447 3.64 11.88 -14.96
C SER D 447 4.20 11.32 -13.65
N TYR D 448 4.26 9.99 -13.54
CA TYR D 448 4.81 9.37 -12.34
C TYR D 448 6.26 9.76 -12.13
N GLU D 449 7.04 9.80 -13.21
CA GLU D 449 8.45 10.16 -13.09
C GLU D 449 8.63 11.61 -12.67
N GLU D 450 7.77 12.50 -13.17
CA GLU D 450 7.93 13.92 -12.88
C GLU D 450 7.59 14.25 -11.44
N ILE D 451 6.76 13.45 -10.79
CA ILE D 451 6.32 13.72 -9.42
C ILE D 451 7.21 13.02 -8.41
N TRP D 452 7.42 11.72 -8.58
CA TRP D 452 8.14 10.91 -7.59
C TRP D 452 9.57 10.59 -7.99
N GLY D 453 10.04 11.10 -9.12
CA GLY D 453 11.40 10.84 -9.57
C GLY D 453 12.46 11.50 -8.70
#